data_3VTH
#
_entry.id   3VTH
#
_cell.length_a   232.983
_cell.length_b   232.983
_cell.length_c   65.665
_cell.angle_alpha   90.00
_cell.angle_beta   90.00
_cell.angle_gamma   120.00
#
_symmetry.space_group_name_H-M   'P 64'
#
loop_
_entity.id
_entity.type
_entity.pdbx_description
1 polymer 'Hydrogenase maturation factor'
2 non-polymer 'ZINC ION'
3 non-polymer 'PHOSPHATE ION'
4 non-polymer 'DIPHOSPHOMETHYLPHOSPHONIC ACID ADENOSYL ESTER'
5 non-polymer 'MAGNESIUM ION'
6 non-polymer 'PHOSPHOMETHYLPHOSPHONIC ACID ADENOSYL ESTER'
7 non-polymer 'FE (III) ION'
8 non-polymer GLYCEROL
9 water water
#
_entity_poly.entity_id   1
_entity_poly.type   'polypeptide(L)'
_entity_poly.pdbx_seq_one_letter_code
;MVRGRVPQIQARQINIFGIVQGVGFRPFVFNIAQKYNLKGIVYNNSSGLYIEVEGEEKDIEAFIREIKENPPSLSVIDEI
QVREVEVKEYKDFKIVGSKEDGGFVPVSPDMGVCEDCLRELKDPKDRRYRYPFINCTNCGPRFSIIEDIPYDRAKTSMKV
FPMCEKCSREYHDPHDRRFHAQPVACFDCGPSLSFVGEGCFDDEIKCVAKALKEGKIVAIKGIGGFHLAVNALDDEAVAT
LRRRKKRYGKPFAVMMRDVEEVKKYCIVSPEEERLLLSQRRPIVLLKKKGEKLAKGIADDLDTLGVMLPYAPIHYLLMEE
IDFPIVMTSGNVSEEPICKDNEEALEKLKDIADVFLLNNRDIVNRIDDSVTSFNAGAERIIRRARGYAPQPILLKKEVKA
SILAVGGFYKNTFCMTKGHYAFISHHIGDLDNEKAFNYYIEQIERYKKLFRVDPEVVAHDMHKGYLSTQYAKSLDLPKIE
VQHHHAHIASCMAEHNLDEKVIGIAYDGTGYGTDGNVWGAEILVCDLKSFERIAHLKYKPLPGNELAIKKIYRTALGFIF
DNISFYKNFVEQVDSRELDIILKQIDRKINTAYVSSMGRFFDAVAALIGVRKEVLFEGQAAMELESLMAESEEYYEYEIL
KEDRYVIDPELILRQIYEDYMKGFEKSYISAKFHNTVVNFTYDLANLIRKETGINKVVLSGGSFQNRYLLRRLIEKLSLS
GFEVYSNSKVPCNDGGISLGQAVIANKILEGSAWSHPQFEK
;
_entity_poly.pdbx_strand_id   A,B
#
# COMPACT_ATOMS: atom_id res chain seq x y z
N ARG A 3 69.19 -15.50 -30.39
CA ARG A 3 69.42 -16.97 -30.57
C ARG A 3 68.64 -17.81 -29.53
N GLY A 4 68.40 -19.08 -29.86
CA GLY A 4 67.52 -19.95 -29.08
C GLY A 4 66.08 -19.79 -29.53
N ARG A 5 65.14 -20.26 -28.70
CA ARG A 5 63.72 -20.17 -28.99
C ARG A 5 63.24 -18.73 -29.10
N VAL A 6 62.65 -18.40 -30.24
CA VAL A 6 62.01 -17.09 -30.45
C VAL A 6 60.73 -16.96 -29.63
N PRO A 7 60.61 -15.86 -28.85
CA PRO A 7 59.39 -15.63 -28.08
C PRO A 7 58.21 -15.39 -29.02
N GLN A 8 57.06 -15.95 -28.67
CA GLN A 8 55.83 -15.73 -29.40
C GLN A 8 54.87 -15.02 -28.47
N ILE A 9 54.62 -13.75 -28.75
CA ILE A 9 53.84 -12.92 -27.87
C ILE A 9 52.41 -12.83 -28.39
N GLN A 10 51.46 -13.15 -27.52
CA GLN A 10 50.04 -13.03 -27.84
C GLN A 10 49.40 -12.11 -26.81
N ALA A 11 48.16 -11.69 -27.08
CA ALA A 11 47.44 -10.83 -26.15
C ALA A 11 46.03 -11.33 -25.92
N ARG A 12 45.57 -11.24 -24.68
CA ARG A 12 44.20 -11.59 -24.35
C ARG A 12 43.55 -10.49 -23.53
N GLN A 13 42.29 -10.20 -23.83
CA GLN A 13 41.49 -9.35 -22.94
C GLN A 13 40.59 -10.27 -22.15
N ILE A 14 40.55 -10.05 -20.83
CA ILE A 14 39.78 -10.90 -19.91
C ILE A 14 38.85 -10.04 -19.05
N ASN A 15 37.56 -10.34 -19.08
CA ASN A 15 36.58 -9.66 -18.24
C ASN A 15 35.99 -10.64 -17.26
N ILE A 16 35.95 -10.25 -16.00
CA ILE A 16 35.44 -11.12 -14.95
C ILE A 16 34.24 -10.44 -14.29
N PHE A 17 33.17 -11.21 -14.10
CA PHE A 17 31.89 -10.67 -13.63
C PHE A 17 31.44 -11.39 -12.35
N GLY A 18 30.67 -10.67 -11.53
CA GLY A 18 30.16 -11.19 -10.26
C GLY A 18 30.60 -10.29 -9.13
N ILE A 19 30.74 -10.86 -7.92
CA ILE A 19 31.36 -10.12 -6.84
C ILE A 19 32.88 -10.22 -7.06
N VAL A 20 33.41 -9.20 -7.72
CA VAL A 20 34.80 -9.27 -8.18
C VAL A 20 35.57 -7.98 -7.84
N GLN A 21 34.94 -7.10 -7.05
CA GLN A 21 35.59 -5.84 -6.62
C GLN A 21 35.53 -5.81 -5.09
N GLY A 22 36.54 -5.16 -4.49
CA GLY A 22 36.68 -5.15 -3.04
C GLY A 22 37.08 -6.48 -2.43
N VAL A 23 37.74 -7.31 -3.25
CA VAL A 23 38.11 -8.66 -2.83
C VAL A 23 39.62 -8.85 -3.00
N GLY A 24 40.33 -7.77 -3.32
CA GLY A 24 41.75 -7.88 -3.63
C GLY A 24 42.03 -8.56 -4.96
N PHE A 25 41.10 -8.42 -5.90
CA PHE A 25 41.31 -8.98 -7.24
C PHE A 25 42.42 -8.26 -8.03
N ARG A 26 42.51 -6.95 -7.90
CA ARG A 26 43.57 -6.21 -8.58
C ARG A 26 44.97 -6.62 -8.12
N PRO A 27 45.25 -6.61 -6.78
CA PRO A 27 46.57 -7.08 -6.36
C PRO A 27 46.85 -8.57 -6.69
N PHE A 28 45.83 -9.42 -6.57
CA PHE A 28 45.93 -10.83 -6.96
C PHE A 28 46.38 -10.95 -8.45
N VAL A 29 45.72 -10.24 -9.35
CA VAL A 29 46.05 -10.31 -10.78
C VAL A 29 47.45 -9.80 -11.03
N PHE A 30 47.80 -8.69 -10.37
CA PHE A 30 49.14 -8.14 -10.51
C PHE A 30 50.19 -9.20 -10.20
N ASN A 31 49.98 -9.88 -9.08
CA ASN A 31 50.97 -10.81 -8.59
CA ASN A 31 50.90 -10.87 -8.53
C ASN A 31 51.08 -12.06 -9.46
N ILE A 32 49.97 -12.60 -9.94
CA ILE A 32 50.07 -13.76 -10.83
C ILE A 32 50.54 -13.35 -12.24
N ALA A 33 50.22 -12.14 -12.68
CA ALA A 33 50.74 -11.64 -13.96
C ALA A 33 52.28 -11.55 -13.91
N GLN A 34 52.82 -11.07 -12.79
CA GLN A 34 54.28 -11.01 -12.61
C GLN A 34 54.88 -12.42 -12.58
N LYS A 35 54.18 -13.33 -11.90
CA LYS A 35 54.62 -14.71 -11.74
C LYS A 35 54.79 -15.39 -13.10
N TYR A 36 53.86 -15.13 -14.01
CA TYR A 36 53.90 -15.73 -15.33
C TYR A 36 54.46 -14.80 -16.40
N ASN A 37 55.21 -13.80 -15.96
CA ASN A 37 55.89 -12.89 -16.89
C ASN A 37 54.98 -12.32 -17.98
N LEU A 38 53.81 -11.85 -17.56
CA LEU A 38 52.89 -11.19 -18.47
C LEU A 38 52.95 -9.68 -18.29
N LYS A 39 52.73 -8.96 -19.38
CA LYS A 39 52.69 -7.51 -19.37
C LYS A 39 51.25 -7.11 -19.68
N GLY A 40 50.88 -5.87 -19.38
CA GLY A 40 49.50 -5.44 -19.56
C GLY A 40 48.99 -4.60 -18.42
N ILE A 41 47.69 -4.63 -18.21
CA ILE A 41 47.01 -3.78 -17.25
C ILE A 41 45.83 -4.51 -16.61
N VAL A 42 45.48 -4.07 -15.41
CA VAL A 42 44.23 -4.51 -14.76
C VAL A 42 43.59 -3.28 -14.11
N TYR A 43 42.26 -3.23 -14.14
CA TYR A 43 41.52 -2.18 -13.47
C TYR A 43 40.07 -2.60 -13.21
N ASN A 44 39.47 -1.97 -12.21
CA ASN A 44 38.05 -2.10 -11.95
C ASN A 44 37.28 -1.23 -12.93
N ASN A 45 36.27 -1.79 -13.56
CA ASN A 45 35.41 -0.97 -14.40
C ASN A 45 33.99 -1.05 -13.88
N SER A 46 33.02 -0.46 -14.55
CA SER A 46 31.69 -0.42 -13.97
C SER A 46 30.95 -1.77 -14.07
N SER A 47 31.52 -2.75 -14.76
CA SER A 47 30.84 -4.02 -14.93
C SER A 47 31.57 -5.18 -14.26
N GLY A 48 32.73 -4.88 -13.68
CA GLY A 48 33.49 -5.87 -12.95
C GLY A 48 34.99 -5.62 -12.98
N LEU A 49 35.72 -6.61 -13.50
CA LEU A 49 37.15 -6.54 -13.57
C LEU A 49 37.59 -6.68 -15.02
N TYR A 50 38.48 -5.80 -15.43
CA TYR A 50 39.04 -5.78 -16.78
C TYR A 50 40.55 -6.05 -16.75
N ILE A 51 40.98 -6.98 -17.61
CA ILE A 51 42.39 -7.38 -17.70
C ILE A 51 42.83 -7.43 -19.15
N GLU A 52 44.03 -6.92 -19.42
CA GLU A 52 44.73 -7.13 -20.68
C GLU A 52 46.09 -7.75 -20.34
N VAL A 53 46.38 -8.92 -20.90
CA VAL A 53 47.67 -9.57 -20.69
C VAL A 53 48.31 -9.90 -22.02
N GLU A 54 49.64 -9.72 -22.09
CA GLU A 54 50.45 -10.06 -23.25
C GLU A 54 51.61 -10.90 -22.77
N GLY A 55 51.83 -12.03 -23.44
CA GLY A 55 53.01 -12.88 -23.22
C GLY A 55 52.93 -14.17 -24.02
N GLU A 56 53.70 -15.18 -23.60
CA GLU A 56 53.62 -16.51 -24.18
C GLU A 56 52.26 -17.12 -23.91
N GLU A 57 51.73 -17.85 -24.89
CA GLU A 57 50.42 -18.50 -24.76
C GLU A 57 50.37 -19.39 -23.52
N LYS A 58 51.45 -20.12 -23.27
CA LYS A 58 51.50 -21.04 -22.13
C LYS A 58 51.37 -20.28 -20.79
N ASP A 59 51.99 -19.10 -20.72
CA ASP A 59 51.92 -18.27 -19.52
C ASP A 59 50.53 -17.65 -19.33
N ILE A 60 49.91 -17.22 -20.42
CA ILE A 60 48.52 -16.72 -20.37
C ILE A 60 47.58 -17.82 -19.88
N GLU A 61 47.74 -19.03 -20.40
CA GLU A 61 46.89 -20.14 -19.98
C GLU A 61 47.03 -20.47 -18.49
N ALA A 62 48.26 -20.51 -17.99
CA ALA A 62 48.54 -20.72 -16.57
C ALA A 62 47.95 -19.61 -15.68
N PHE A 63 48.08 -18.37 -16.13
CA PHE A 63 47.45 -17.20 -15.48
C PHE A 63 45.92 -17.36 -15.38
N ILE A 64 45.28 -17.74 -16.49
CA ILE A 64 43.82 -17.93 -16.50
C ILE A 64 43.41 -19.07 -15.56
N ARG A 65 44.17 -20.16 -15.60
CA ARG A 65 43.94 -21.32 -14.74
C ARG A 65 44.05 -20.94 -13.26
N GLU A 66 45.03 -20.10 -12.90
CA GLU A 66 45.15 -19.62 -11.52
C GLU A 66 43.92 -18.84 -11.07
N ILE A 67 43.43 -17.96 -11.95
CA ILE A 67 42.22 -17.21 -11.64
C ILE A 67 41.03 -18.16 -11.41
N LYS A 68 40.85 -19.12 -12.32
CA LYS A 68 39.75 -20.08 -12.22
C LYS A 68 39.89 -20.99 -11.00
N GLU A 69 41.12 -21.38 -10.67
CA GLU A 69 41.37 -22.37 -9.60
C GLU A 69 41.42 -21.80 -8.19
N ASN A 70 42.08 -20.66 -8.01
CA ASN A 70 42.05 -20.03 -6.67
C ASN A 70 41.85 -18.54 -6.71
N PRO A 71 40.63 -18.13 -7.06
CA PRO A 71 40.29 -16.72 -7.04
C PRO A 71 40.30 -16.21 -5.60
N PRO A 72 40.27 -14.89 -5.42
CA PRO A 72 40.29 -14.35 -4.06
C PRO A 72 39.13 -14.91 -3.23
N SER A 73 39.36 -15.01 -1.92
CA SER A 73 38.46 -15.64 -0.95
C SER A 73 37.04 -15.06 -0.94
N LEU A 74 36.93 -13.75 -1.12
CA LEU A 74 35.62 -13.08 -1.07
C LEU A 74 34.94 -12.95 -2.42
N SER A 75 35.63 -13.35 -3.50
CA SER A 75 35.05 -13.25 -4.84
C SER A 75 33.89 -14.25 -4.99
N VAL A 76 32.88 -13.85 -5.76
CA VAL A 76 31.86 -14.77 -6.20
C VAL A 76 31.77 -14.54 -7.71
N ILE A 77 32.59 -15.28 -8.45
CA ILE A 77 32.69 -15.14 -9.90
C ILE A 77 31.55 -15.87 -10.58
N ASP A 78 30.82 -15.16 -11.45
CA ASP A 78 29.74 -15.76 -12.23
CA ASP A 78 29.79 -15.87 -12.22
C ASP A 78 30.12 -16.00 -13.71
N GLU A 79 31.08 -15.21 -14.21
CA GLU A 79 31.51 -15.33 -15.62
C GLU A 79 32.90 -14.78 -15.86
N ILE A 80 33.66 -15.49 -16.69
CA ILE A 80 34.97 -15.05 -17.18
C ILE A 80 34.90 -15.04 -18.70
N GLN A 81 35.19 -13.91 -19.32
CA GLN A 81 35.21 -13.81 -20.80
C GLN A 81 36.64 -13.58 -21.22
N VAL A 82 37.08 -14.33 -22.23
CA VAL A 82 38.45 -14.23 -22.72
C VAL A 82 38.41 -13.99 -24.23
N ARG A 83 39.10 -12.95 -24.68
CA ARG A 83 39.14 -12.60 -26.11
C ARG A 83 40.59 -12.45 -26.57
N GLU A 84 40.85 -12.92 -27.80
CA GLU A 84 42.11 -12.66 -28.50
C GLU A 84 42.12 -11.20 -28.99
N VAL A 85 43.17 -10.46 -28.65
CA VAL A 85 43.29 -9.06 -29.09
C VAL A 85 44.69 -8.85 -29.66
N GLU A 86 44.91 -7.71 -30.32
CA GLU A 86 46.23 -7.41 -30.87
C GLU A 86 47.21 -7.01 -29.76
N VAL A 87 48.49 -7.28 -29.98
CA VAL A 87 49.54 -6.93 -29.03
C VAL A 87 49.85 -5.42 -29.07
N LYS A 88 49.93 -4.79 -27.90
CA LYS A 88 50.22 -3.35 -27.81
C LYS A 88 51.67 -3.07 -27.46
N GLU A 89 52.39 -4.14 -27.08
CA GLU A 89 53.77 -4.05 -26.60
C GLU A 89 53.90 -3.24 -25.31
N TYR A 90 53.03 -3.56 -24.35
CA TYR A 90 53.20 -3.11 -22.99
C TYR A 90 54.59 -3.50 -22.50
N LYS A 91 55.24 -2.57 -21.79
CA LYS A 91 56.59 -2.82 -21.28
C LYS A 91 56.58 -3.42 -19.87
N ASP A 92 55.44 -3.35 -19.21
CA ASP A 92 55.34 -3.87 -17.86
C ASP A 92 53.91 -4.29 -17.57
N PHE A 93 53.65 -4.75 -16.36
CA PHE A 93 52.28 -4.96 -15.92
C PHE A 93 51.94 -3.99 -14.80
N LYS A 94 50.77 -3.36 -14.88
CA LYS A 94 50.37 -2.33 -13.92
C LYS A 94 48.90 -2.43 -13.54
N ILE A 95 48.59 -2.15 -12.28
CA ILE A 95 47.22 -1.84 -11.88
C ILE A 95 46.98 -0.38 -12.24
N VAL A 96 45.93 -0.10 -13.01
CA VAL A 96 45.64 1.28 -13.44
C VAL A 96 44.33 1.81 -12.85
N GLY A 97 44.04 3.09 -13.12
CA GLY A 97 42.85 3.77 -12.59
C GLY A 97 41.56 3.11 -13.05
N SER A 98 40.53 3.16 -12.20
CA SER A 98 39.23 2.59 -12.53
C SER A 98 38.51 3.37 -13.65
N LYS A 99 37.66 2.68 -14.41
CA LYS A 99 36.93 3.35 -15.50
C LYS A 99 35.41 3.15 -15.34
N GLU A 100 34.65 4.23 -15.50
CA GLU A 100 33.20 4.20 -15.50
C GLU A 100 32.71 4.19 -16.95
N ASP A 101 32.21 3.06 -17.41
CA ASP A 101 31.80 2.81 -18.78
C ASP A 101 30.32 2.45 -18.83
N GLY A 102 29.56 2.87 -17.85
CA GLY A 102 28.15 2.60 -17.80
C GLY A 102 27.57 1.22 -17.55
N GLY A 103 28.32 0.24 -17.11
CA GLY A 103 27.64 -1.00 -16.79
C GLY A 103 27.14 -1.06 -15.35
N PHE A 104 27.08 -2.24 -14.80
CA PHE A 104 26.75 -2.42 -13.39
C PHE A 104 27.47 -3.62 -12.87
N VAL A 105 27.70 -3.63 -11.57
CA VAL A 105 28.46 -4.70 -10.95
C VAL A 105 27.89 -5.01 -9.56
N PRO A 106 27.82 -6.29 -9.19
CA PRO A 106 27.44 -6.63 -7.82
C PRO A 106 28.41 -6.01 -6.79
N VAL A 107 27.93 -5.87 -5.55
CA VAL A 107 28.68 -5.31 -4.43
C VAL A 107 28.82 -6.39 -3.35
N SER A 108 30.03 -6.53 -2.81
CA SER A 108 30.30 -7.50 -1.76
C SER A 108 29.50 -7.21 -0.48
N PRO A 109 28.96 -8.25 0.17
CA PRO A 109 28.49 -8.01 1.54
C PRO A 109 29.66 -7.66 2.49
N ASP A 110 29.29 -7.08 3.63
CA ASP A 110 30.20 -6.88 4.77
C ASP A 110 30.67 -8.21 5.32
N MET A 111 31.95 -8.27 5.68
CA MET A 111 32.57 -9.54 6.09
C MET A 111 33.26 -9.48 7.45
N GLY A 112 33.12 -10.55 8.24
CA GLY A 112 33.82 -10.74 9.51
C GLY A 112 35.34 -10.77 9.36
N VAL A 113 36.04 -10.44 10.45
CA VAL A 113 37.50 -10.39 10.50
C VAL A 113 38.11 -11.73 10.05
N CYS A 114 39.07 -11.66 9.12
CA CYS A 114 39.77 -12.86 8.66
C CYS A 114 40.81 -13.33 9.68
N GLU A 115 41.29 -14.55 9.53
CA GLU A 115 42.28 -15.07 10.47
C GLU A 115 43.62 -14.31 10.48
N ASP A 116 44.03 -13.75 9.34
CA ASP A 116 45.27 -12.97 9.28
C ASP A 116 45.17 -11.66 10.05
N CYS A 117 44.06 -10.94 9.88
CA CYS A 117 43.85 -9.70 10.64
C CYS A 117 43.73 -9.98 12.13
N LEU A 118 43.05 -11.07 12.48
CA LEU A 118 42.89 -11.44 13.88
C LEU A 118 44.24 -11.74 14.54
N ARG A 119 45.13 -12.42 13.83
CA ARG A 119 46.50 -12.67 14.32
C ARG A 119 47.24 -11.36 14.56
N GLU A 120 47.17 -10.45 13.58
CA GLU A 120 47.81 -9.13 13.73
C GLU A 120 47.21 -8.33 14.89
N LEU A 121 45.88 -8.30 14.99
CA LEU A 121 45.17 -7.66 16.11
C LEU A 121 45.69 -8.10 17.49
N LYS A 122 46.00 -9.39 17.63
CA LYS A 122 46.37 -9.98 18.91
C LYS A 122 47.90 -10.08 19.12
N ASP A 123 48.67 -9.55 18.17
CA ASP A 123 50.13 -9.64 18.20
C ASP A 123 50.75 -8.35 18.76
N PRO A 124 51.22 -8.39 20.03
CA PRO A 124 51.76 -7.18 20.70
C PRO A 124 52.90 -6.49 19.95
N LYS A 125 53.55 -7.20 19.04
CA LYS A 125 54.67 -6.64 18.29
C LYS A 125 54.22 -5.95 16.99
N ASP A 126 52.99 -6.22 16.57
CA ASP A 126 52.45 -5.66 15.33
C ASP A 126 52.03 -4.20 15.53
N ARG A 127 52.24 -3.34 14.55
CA ARG A 127 51.80 -1.96 14.72
C ARG A 127 50.27 -1.79 14.73
N ARG A 128 49.54 -2.81 14.28
CA ARG A 128 48.08 -2.80 14.39
C ARG A 128 47.54 -3.59 15.58
N TYR A 129 48.42 -3.92 16.53
CA TYR A 129 47.99 -4.52 17.80
C TYR A 129 46.85 -3.73 18.42
N ARG A 130 45.72 -4.40 18.61
CA ARG A 130 44.54 -3.82 19.25
C ARG A 130 43.92 -2.65 18.44
N TYR A 131 44.29 -2.53 17.17
CA TYR A 131 43.67 -1.53 16.29
C TYR A 131 42.21 -1.92 15.98
N PRO A 132 41.24 -1.10 16.44
CA PRO A 132 39.82 -1.47 16.44
C PRO A 132 39.18 -1.52 15.05
N PHE A 133 39.92 -1.12 14.02
CA PHE A 133 39.37 -1.11 12.65
C PHE A 133 40.23 -1.87 11.65
N ILE A 134 41.05 -2.77 12.17
CA ILE A 134 41.87 -3.63 11.32
C ILE A 134 41.02 -4.37 10.28
N ASN A 135 41.45 -4.32 9.02
CA ASN A 135 40.83 -5.10 7.94
C ASN A 135 41.87 -5.28 6.83
N CYS A 136 41.48 -5.95 5.74
CA CYS A 136 42.37 -6.17 4.61
C CYS A 136 41.49 -6.49 3.40
N THR A 137 42.09 -6.90 2.29
CA THR A 137 41.30 -7.23 1.09
C THR A 137 40.33 -8.41 1.32
N ASN A 138 40.58 -9.21 2.35
CA ASN A 138 39.79 -10.43 2.60
C ASN A 138 38.72 -10.34 3.71
N CYS A 139 38.51 -9.15 4.29
CA CYS A 139 37.58 -8.97 5.41
C CYS A 139 37.19 -7.51 5.64
N GLY A 140 36.19 -7.28 6.48
CA GLY A 140 35.79 -5.92 6.87
C GLY A 140 34.53 -5.44 6.17
N PRO A 141 34.11 -4.20 6.46
CA PRO A 141 32.93 -3.64 5.83
C PRO A 141 33.12 -3.47 4.34
N ARG A 142 32.03 -3.66 3.60
CA ARG A 142 32.02 -3.43 2.16
C ARG A 142 30.75 -2.64 1.89
N PHE A 143 29.65 -3.34 1.61
CA PHE A 143 28.35 -2.68 1.38
C PHE A 143 28.08 -1.49 2.29
N SER A 144 28.22 -1.70 3.61
CA SER A 144 27.90 -0.66 4.57
C SER A 144 28.62 0.67 4.33
N ILE A 145 29.82 0.63 3.76
CA ILE A 145 30.59 1.88 3.56
C ILE A 145 30.79 2.29 2.10
N ILE A 146 30.13 1.59 1.17
CA ILE A 146 30.30 1.86 -0.27
C ILE A 146 29.24 2.86 -0.75
N GLU A 147 29.69 3.95 -1.37
CA GLU A 147 28.78 4.97 -1.87
C GLU A 147 28.41 4.76 -3.34
N ASP A 148 29.31 4.11 -4.08
CA ASP A 148 29.23 4.06 -5.54
C ASP A 148 30.29 3.08 -6.00
N ILE A 149 30.17 2.67 -7.27
CA ILE A 149 31.15 1.80 -7.91
C ILE A 149 31.68 2.55 -9.12
N PRO A 150 32.80 2.10 -9.74
CA PRO A 150 33.68 0.98 -9.41
C PRO A 150 34.28 1.15 -8.02
N TYR A 151 34.38 0.05 -7.29
CA TYR A 151 34.91 0.07 -5.92
C TYR A 151 36.33 0.65 -5.91
N ASP A 152 36.53 1.66 -5.08
CA ASP A 152 37.83 2.25 -4.80
C ASP A 152 37.68 3.00 -3.48
N ARG A 153 38.79 3.24 -2.78
CA ARG A 153 38.75 3.97 -1.51
C ARG A 153 37.96 5.29 -1.60
N ALA A 154 38.17 6.03 -2.70
CA ALA A 154 37.53 7.32 -2.90
C ALA A 154 36.00 7.24 -2.97
N LYS A 155 35.46 6.05 -3.22
CA LYS A 155 34.00 5.87 -3.26
C LYS A 155 33.48 5.10 -2.05
N THR A 156 34.21 5.21 -0.94
CA THR A 156 33.81 4.59 0.34
C THR A 156 33.93 5.67 1.42
N SER A 157 33.43 5.42 2.63
CA SER A 157 33.62 6.45 3.66
C SER A 157 35.05 6.53 4.18
N MET A 158 35.95 5.70 3.65
CA MET A 158 37.39 5.86 3.88
C MET A 158 37.97 7.04 3.08
N LYS A 159 37.15 7.67 2.26
CA LYS A 159 37.58 8.79 1.44
C LYS A 159 38.00 10.01 2.25
N VAL A 160 37.61 10.08 3.52
CA VAL A 160 38.03 11.19 4.39
C VAL A 160 39.13 10.75 5.37
N PHE A 161 39.70 9.58 5.13
CA PHE A 161 40.84 9.08 5.89
C PHE A 161 42.04 8.82 4.97
N PRO A 162 42.73 9.89 4.53
CA PRO A 162 43.90 9.64 3.66
C PRO A 162 44.98 8.82 4.36
N MET A 163 45.60 7.90 3.63
CA MET A 163 46.60 6.99 4.20
C MET A 163 47.81 7.77 4.68
N CYS A 164 48.33 7.36 5.84
CA CYS A 164 49.62 7.85 6.34
C CYS A 164 50.74 7.26 5.47
N GLU A 165 51.95 7.79 5.66
CA GLU A 165 53.14 7.35 4.93
C GLU A 165 53.39 5.84 5.06
N LYS A 166 53.19 5.29 6.25
CA LYS A 166 53.41 3.86 6.45
C LYS A 166 52.38 2.98 5.73
N CYS A 167 51.12 3.39 5.78
CA CYS A 167 50.06 2.63 5.12
C CYS A 167 50.22 2.70 3.61
N SER A 168 50.60 3.88 3.12
CA SER A 168 50.88 4.09 1.70
C SER A 168 52.04 3.24 1.18
N ARG A 169 53.06 3.04 2.02
CA ARG A 169 54.17 2.16 1.70
C ARG A 169 53.71 0.73 1.57
N GLU A 170 52.90 0.28 2.49
CA GLU A 170 52.31 -1.05 2.44
C GLU A 170 51.46 -1.23 1.19
N TYR A 171 50.62 -0.23 0.91
CA TYR A 171 49.74 -0.20 -0.26
C TYR A 171 50.53 -0.35 -1.57
N HIS A 172 51.70 0.28 -1.63
CA HIS A 172 52.53 0.26 -2.84
C HIS A 172 53.60 -0.85 -2.85
N ASP A 173 53.61 -1.71 -1.84
CA ASP A 173 54.62 -2.77 -1.71
C ASP A 173 54.05 -4.13 -2.15
N PRO A 174 54.51 -4.65 -3.32
CA PRO A 174 53.96 -5.90 -3.87
C PRO A 174 54.15 -7.12 -2.98
N HIS A 175 55.14 -7.07 -2.09
CA HIS A 175 55.38 -8.15 -1.12
C HIS A 175 54.52 -8.04 0.16
N ASP A 176 53.80 -6.92 0.31
CA ASP A 176 52.95 -6.77 1.48
C ASP A 176 51.56 -7.35 1.22
N ARG A 177 50.95 -7.96 2.23
CA ARG A 177 49.64 -8.55 1.99
C ARG A 177 48.57 -7.48 1.81
N ARG A 178 48.88 -6.24 2.21
CA ARG A 178 47.98 -5.11 1.96
C ARG A 178 48.32 -4.28 0.71
N PHE A 179 49.11 -4.87 -0.19
CA PHE A 179 49.35 -4.31 -1.52
C PHE A 179 48.02 -3.97 -2.19
N HIS A 180 47.85 -2.70 -2.56
CA HIS A 180 46.60 -2.21 -3.16
C HIS A 180 45.33 -2.61 -2.40
N ALA A 181 45.40 -2.63 -1.08
CA ALA A 181 44.23 -2.85 -0.25
C ALA A 181 43.49 -1.53 -0.09
N GLN A 182 42.34 -1.41 -0.74
CA GLN A 182 41.59 -0.14 -0.75
C GLN A 182 41.26 0.42 0.64
N PRO A 183 40.92 -0.43 1.63
CA PRO A 183 40.61 0.12 2.94
C PRO A 183 41.79 0.27 3.93
N VAL A 184 43.03 0.07 3.48
CA VAL A 184 44.19 0.08 4.40
C VAL A 184 44.26 1.36 5.28
N ALA A 185 44.41 1.15 6.58
CA ALA A 185 44.52 2.23 7.54
C ALA A 185 45.15 1.70 8.82
N CYS A 186 45.43 2.59 9.76
CA CYS A 186 46.10 2.22 11.01
C CYS A 186 45.70 3.19 12.12
N PHE A 187 46.32 3.05 13.30
CA PHE A 187 46.07 3.98 14.42
C PHE A 187 46.22 5.45 14.01
N ASP A 188 47.22 5.72 13.18
CA ASP A 188 47.62 7.10 12.82
C ASP A 188 46.71 7.74 11.76
N CYS A 189 46.13 6.95 10.87
CA CYS A 189 45.41 7.53 9.74
C CYS A 189 43.97 7.03 9.66
N GLY A 190 43.61 6.09 10.54
CA GLY A 190 42.33 5.43 10.44
C GLY A 190 41.26 6.04 11.34
N PRO A 191 40.04 5.48 11.28
CA PRO A 191 38.99 5.88 12.21
C PRO A 191 39.40 5.60 13.66
N SER A 192 38.73 6.26 14.60
CA SER A 192 38.93 6.00 16.02
C SER A 192 37.60 5.86 16.79
N LEU A 193 37.68 5.14 17.90
CA LEU A 193 36.57 5.03 18.84
C LEU A 193 36.37 6.32 19.63
N SER A 194 35.14 6.52 20.07
CA SER A 194 34.82 7.61 20.97
C SER A 194 33.83 7.08 22.00
N PHE A 195 34.21 7.16 23.27
CA PHE A 195 33.35 6.73 24.37
C PHE A 195 32.63 7.92 24.98
N VAL A 196 31.32 7.80 25.13
CA VAL A 196 30.50 8.84 25.76
C VAL A 196 29.67 8.20 26.86
N GLY A 197 29.86 8.69 28.07
CA GLY A 197 29.09 8.21 29.19
C GLY A 197 29.46 9.09 30.35
N GLU A 198 29.81 8.47 31.48
CA GLU A 198 30.45 9.18 32.56
C GLU A 198 31.94 9.22 32.27
N GLY A 199 32.67 10.00 33.05
CA GLY A 199 34.11 10.06 32.99
C GLY A 199 34.77 8.71 33.17
N CYS A 200 35.74 8.43 32.33
CA CYS A 200 36.48 7.17 32.34
C CYS A 200 37.88 7.48 31.84
N PHE A 201 38.87 7.00 32.56
CA PHE A 201 40.25 7.28 32.20
C PHE A 201 40.91 6.08 31.50
N ASP A 202 40.17 4.97 31.39
CA ASP A 202 40.66 3.78 30.71
C ASP A 202 40.52 3.91 29.18
N ASP A 203 41.03 2.93 28.44
CA ASP A 203 40.80 2.91 27.00
C ASP A 203 39.32 2.60 26.70
N GLU A 204 38.84 3.05 25.54
CA GLU A 204 37.39 3.02 25.22
C GLU A 204 36.72 1.66 25.41
N ILE A 205 37.35 0.58 24.93
CA ILE A 205 36.80 -0.77 25.08
C ILE A 205 36.66 -1.17 26.56
N LYS A 206 37.66 -0.84 27.37
CA LYS A 206 37.61 -1.09 28.80
C LYS A 206 36.49 -0.30 29.49
N CYS A 207 36.24 0.93 29.02
CA CYS A 207 35.12 1.71 29.54
C CYS A 207 33.78 1.01 29.29
N VAL A 208 33.65 0.41 28.11
CA VAL A 208 32.47 -0.38 27.72
C VAL A 208 32.32 -1.61 28.60
N ALA A 209 33.42 -2.36 28.75
CA ALA A 209 33.45 -3.56 29.60
C ALA A 209 33.00 -3.27 31.03
N LYS A 210 33.48 -2.16 31.59
CA LYS A 210 33.09 -1.77 32.95
C LYS A 210 31.59 -1.47 33.05
N ALA A 211 31.07 -0.69 32.10
CA ALA A 211 29.63 -0.41 32.07
C ALA A 211 28.80 -1.71 32.01
N LEU A 212 29.18 -2.62 31.12
CA LEU A 212 28.53 -3.92 31.01
C LEU A 212 28.60 -4.74 32.30
N LYS A 213 29.74 -4.74 32.97
CA LYS A 213 29.90 -5.46 34.24
C LYS A 213 29.05 -4.85 35.34
N GLU A 214 28.83 -3.54 35.25
CA GLU A 214 28.00 -2.84 36.24
C GLU A 214 26.50 -3.05 35.95
N GLY A 215 26.19 -3.75 34.87
CA GLY A 215 24.81 -4.09 34.53
C GLY A 215 24.12 -3.02 33.71
N LYS A 216 24.91 -2.21 32.99
CA LYS A 216 24.38 -1.12 32.20
C LYS A 216 24.17 -1.50 30.72
N ILE A 217 23.44 -0.64 30.00
CA ILE A 217 23.17 -0.83 28.59
C ILE A 217 24.16 0.01 27.80
N VAL A 218 24.88 -0.63 26.89
CA VAL A 218 25.81 0.07 26.03
C VAL A 218 25.29 0.11 24.59
N ALA A 219 25.34 1.29 23.96
CA ALA A 219 25.03 1.40 22.54
C ALA A 219 26.34 1.40 21.79
N ILE A 220 26.51 0.40 20.93
CA ILE A 220 27.79 0.16 20.25
C ILE A 220 27.61 0.40 18.78
N LYS A 221 28.42 1.30 18.21
CA LYS A 221 28.40 1.48 16.76
C LYS A 221 29.15 0.33 16.11
N GLY A 222 28.45 -0.45 15.28
CA GLY A 222 29.05 -1.61 14.65
C GLY A 222 29.08 -1.36 13.16
N ILE A 223 29.05 -2.43 12.40
CA ILE A 223 29.27 -2.37 10.95
C ILE A 223 28.02 -1.79 10.28
N GLY A 224 26.86 -2.34 10.63
CA GLY A 224 25.60 -2.02 9.96
C GLY A 224 24.74 -1.00 10.68
N GLY A 225 25.16 -0.62 11.87
CA GLY A 225 24.43 0.37 12.66
C GLY A 225 24.74 0.18 14.11
N PHE A 226 23.91 0.74 14.98
CA PHE A 226 24.12 0.64 16.41
C PHE A 226 23.39 -0.58 16.96
N HIS A 227 23.98 -1.21 17.98
CA HIS A 227 23.32 -2.27 18.74
C HIS A 227 23.39 -1.96 20.24
N LEU A 228 22.41 -2.47 20.98
CA LEU A 228 22.36 -2.29 22.43
C LEU A 228 22.77 -3.59 23.02
N ALA A 229 23.67 -3.53 24.00
CA ALA A 229 24.21 -4.69 24.65
C ALA A 229 24.08 -4.63 26.17
N VAL A 230 23.83 -5.79 26.77
CA VAL A 230 23.92 -5.99 28.20
C VAL A 230 24.51 -7.37 28.45
N ASN A 231 25.00 -7.58 29.67
CA ASN A 231 25.36 -8.91 30.13
C ASN A 231 24.17 -9.88 30.00
N ALA A 232 24.32 -10.89 29.15
CA ALA A 232 23.25 -11.89 28.94
C ALA A 232 23.06 -12.86 30.10
N LEU A 233 23.93 -12.78 31.11
CA LEU A 233 23.75 -13.56 32.34
C LEU A 233 23.10 -12.73 33.45
N ASP A 234 22.90 -11.44 33.18
CA ASP A 234 22.38 -10.51 34.19
C ASP A 234 20.86 -10.28 34.04
N ASP A 235 20.10 -10.96 34.91
CA ASP A 235 18.62 -10.90 34.95
C ASP A 235 18.05 -9.47 34.93
N GLU A 236 18.52 -8.59 35.81
CA GLU A 236 17.93 -7.26 35.90
C GLU A 236 18.35 -6.35 34.74
N ALA A 237 19.55 -6.57 34.21
CA ALA A 237 20.05 -5.79 33.08
C ALA A 237 19.18 -6.06 31.84
N VAL A 238 18.85 -7.33 31.65
CA VAL A 238 18.00 -7.77 30.55
C VAL A 238 16.59 -7.19 30.71
N ALA A 239 16.03 -7.29 31.91
CA ALA A 239 14.73 -6.69 32.22
C ALA A 239 14.73 -5.18 31.94
N THR A 240 15.80 -4.49 32.33
CA THR A 240 15.90 -3.04 32.10
C THR A 240 15.95 -2.70 30.60
N LEU A 241 16.70 -3.49 29.84
CA LEU A 241 16.77 -3.30 28.40
C LEU A 241 15.41 -3.47 27.74
N ARG A 242 14.68 -4.52 28.11
CA ARG A 242 13.31 -4.74 27.61
C ARG A 242 12.36 -3.59 27.96
N ARG A 243 12.44 -3.06 29.18
CA ARG A 243 11.58 -1.94 29.60
C ARG A 243 11.87 -0.67 28.78
N ARG A 244 13.15 -0.36 28.62
CA ARG A 244 13.55 0.88 27.98
C ARG A 244 13.33 0.84 26.47
N LYS A 245 13.70 -0.26 25.83
CA LYS A 245 13.43 -0.44 24.40
C LYS A 245 11.92 -0.64 24.13
N LYS A 246 11.18 -1.10 25.14
CA LYS A 246 9.75 -1.43 25.03
C LYS A 246 9.56 -2.67 24.15
N ARG A 247 10.51 -3.60 24.24
CA ARG A 247 10.52 -4.85 23.46
C ARG A 247 10.37 -5.99 24.46
N TYR A 248 9.13 -6.43 24.69
CA TYR A 248 8.85 -7.28 25.85
C TYR A 248 8.78 -8.78 25.60
N GLY A 249 8.55 -9.17 24.36
CA GLY A 249 8.33 -10.59 24.05
C GLY A 249 9.35 -11.23 23.13
N LYS A 250 9.74 -10.52 22.08
CA LYS A 250 10.64 -11.07 21.07
C LYS A 250 11.97 -11.47 21.73
N PRO A 251 12.47 -12.68 21.41
CA PRO A 251 13.75 -13.15 21.98
C PRO A 251 14.92 -12.29 21.56
N PHE A 252 15.91 -12.17 22.45
CA PHE A 252 17.16 -11.50 22.15
C PHE A 252 18.20 -12.49 21.65
N ALA A 253 18.89 -12.07 20.59
CA ALA A 253 20.09 -12.74 20.13
C ALA A 253 21.25 -12.38 21.05
N VAL A 254 22.22 -13.28 21.17
CA VAL A 254 23.36 -13.10 22.08
C VAL A 254 24.66 -13.35 21.31
N MET A 255 25.68 -12.55 21.61
CA MET A 255 27.01 -12.77 21.09
C MET A 255 27.85 -13.55 22.10
N MET A 256 28.48 -14.62 21.65
CA MET A 256 29.40 -15.38 22.49
C MET A 256 30.80 -15.36 21.88
N ARG A 257 31.81 -15.68 22.68
CA ARG A 257 33.19 -15.47 22.27
C ARG A 257 33.68 -16.45 21.21
N ASP A 258 33.25 -17.71 21.29
CA ASP A 258 33.70 -18.76 20.35
C ASP A 258 32.77 -19.96 20.39
N VAL A 259 33.04 -20.95 19.53
CA VAL A 259 32.18 -22.12 19.41
C VAL A 259 32.15 -22.91 20.73
N GLU A 260 33.29 -22.98 21.40
CA GLU A 260 33.36 -23.65 22.71
C GLU A 260 32.34 -23.06 23.70
N GLU A 261 32.25 -21.73 23.78
CA GLU A 261 31.28 -21.09 24.65
C GLU A 261 29.84 -21.43 24.21
N VAL A 262 29.57 -21.37 22.91
CA VAL A 262 28.23 -21.67 22.40
C VAL A 262 27.78 -23.08 22.81
N LYS A 263 28.69 -24.05 22.73
CA LYS A 263 28.40 -25.45 23.04
C LYS A 263 28.01 -25.69 24.49
N LYS A 264 28.29 -24.72 25.36
CA LYS A 264 27.87 -24.80 26.77
C LYS A 264 26.37 -24.59 26.90
N TYR A 265 25.80 -23.86 25.95
CA TYR A 265 24.40 -23.46 26.00
C TYR A 265 23.54 -24.09 24.93
N CYS A 266 24.17 -24.65 23.90
CA CYS A 266 23.44 -25.07 22.71
C CYS A 266 23.99 -26.34 22.11
N ILE A 267 23.11 -27.03 21.39
CA ILE A 267 23.50 -28.10 20.48
C ILE A 267 24.02 -27.42 19.22
N VAL A 268 25.20 -27.83 18.77
CA VAL A 268 25.81 -27.25 17.56
C VAL A 268 26.30 -28.37 16.65
N SER A 269 25.59 -28.62 15.57
CA SER A 269 26.01 -29.60 14.56
C SER A 269 27.20 -29.09 13.75
N PRO A 270 27.88 -29.98 13.00
CA PRO A 270 28.95 -29.44 12.15
C PRO A 270 28.46 -28.39 11.13
N GLU A 271 27.26 -28.56 10.59
CA GLU A 271 26.69 -27.62 9.62
C GLU A 271 26.34 -26.29 10.30
N GLU A 272 25.84 -26.34 11.54
CA GLU A 272 25.61 -25.12 12.32
C GLU A 272 26.90 -24.42 12.69
N GLU A 273 27.93 -25.20 13.05
CA GLU A 273 29.23 -24.63 13.33
C GLU A 273 29.79 -23.88 12.12
N ARG A 274 29.59 -24.45 10.92
CA ARG A 274 30.02 -23.80 9.69
C ARG A 274 29.32 -22.45 9.48
N LEU A 275 28.02 -22.38 9.78
CA LEU A 275 27.27 -21.12 9.63
C LEU A 275 27.75 -20.06 10.63
N LEU A 276 28.00 -20.47 11.87
CA LEU A 276 28.50 -19.58 12.93
C LEU A 276 29.85 -18.96 12.60
N LEU A 277 30.75 -19.80 12.10
CA LEU A 277 32.13 -19.43 11.81
C LEU A 277 32.32 -18.71 10.47
N SER A 278 31.34 -18.81 9.57
CA SER A 278 31.42 -18.10 8.28
C SER A 278 31.80 -16.64 8.48
N GLN A 279 32.59 -16.07 7.58
CA GLN A 279 32.80 -14.61 7.62
C GLN A 279 31.50 -13.83 7.44
N ARG A 280 30.45 -14.47 6.94
CA ARG A 280 29.16 -13.76 6.87
C ARG A 280 28.70 -13.40 8.29
N ARG A 281 29.11 -14.21 9.28
CA ARG A 281 28.79 -14.01 10.69
C ARG A 281 27.32 -13.64 10.95
N PRO A 282 26.38 -14.57 10.73
CA PRO A 282 25.02 -14.31 11.13
C PRO A 282 24.76 -14.75 12.58
N ILE A 283 23.60 -14.32 13.10
CA ILE A 283 22.95 -14.97 14.25
C ILE A 283 22.47 -16.34 13.74
N VAL A 284 22.76 -17.43 14.48
CA VAL A 284 22.29 -18.74 14.08
C VAL A 284 21.36 -19.24 15.17
N LEU A 285 20.19 -19.75 14.77
CA LEU A 285 19.24 -20.30 15.73
C LEU A 285 19.63 -21.73 16.09
N LEU A 286 19.82 -21.96 17.38
CA LEU A 286 20.38 -23.21 17.89
C LEU A 286 19.50 -23.75 19.00
N LYS A 287 19.34 -25.08 19.07
CA LYS A 287 18.59 -25.70 20.16
C LYS A 287 19.35 -25.57 21.47
N LYS A 288 18.64 -25.18 22.53
CA LYS A 288 19.21 -25.00 23.86
C LYS A 288 19.58 -26.35 24.47
N LYS A 289 20.75 -26.41 25.11
CA LYS A 289 21.13 -27.59 25.91
C LYS A 289 22.20 -27.21 26.92
N GLY A 290 22.04 -27.68 28.15
CA GLY A 290 23.07 -27.53 29.17
C GLY A 290 22.86 -26.31 30.06
N GLU A 291 23.82 -25.39 30.03
CA GLU A 291 23.78 -24.16 30.83
C GLU A 291 22.73 -23.18 30.31
N LYS A 292 22.27 -22.32 31.21
CA LYS A 292 21.20 -21.37 30.92
C LYS A 292 21.67 -19.93 30.98
N LEU A 293 21.21 -19.10 30.03
CA LEU A 293 21.39 -17.66 30.11
C LEU A 293 20.35 -17.08 31.08
N ALA A 294 20.36 -15.75 31.27
CA ALA A 294 19.42 -15.09 32.19
C ALA A 294 17.98 -15.21 31.72
N LYS A 295 17.04 -15.08 32.67
CA LYS A 295 15.60 -14.96 32.33
C LYS A 295 15.38 -13.74 31.42
N GLY A 296 14.41 -13.83 30.52
CA GLY A 296 14.13 -12.73 29.61
C GLY A 296 14.96 -12.70 28.34
N ILE A 297 15.80 -13.71 28.12
CA ILE A 297 16.53 -13.78 26.84
C ILE A 297 15.62 -14.46 25.81
N ALA A 298 15.23 -15.70 26.08
CA ALA A 298 14.40 -16.46 25.16
C ALA A 298 13.48 -17.39 25.92
N ASP A 299 12.71 -16.79 26.84
CA ASP A 299 11.81 -17.56 27.69
C ASP A 299 10.77 -18.30 26.84
N ASP A 300 10.53 -19.55 27.21
CA ASP A 300 9.50 -20.40 26.61
C ASP A 300 9.77 -20.77 25.16
N LEU A 301 11.00 -20.55 24.70
CA LEU A 301 11.48 -21.11 23.46
C LEU A 301 12.55 -22.16 23.74
N ASP A 302 12.70 -23.13 22.83
CA ASP A 302 13.72 -24.16 23.00
C ASP A 302 14.98 -23.87 22.19
N THR A 303 15.04 -22.67 21.60
CA THR A 303 16.18 -22.23 20.80
C THR A 303 16.77 -20.90 21.29
N LEU A 304 18.04 -20.68 20.96
CA LEU A 304 18.72 -19.43 21.24
C LEU A 304 19.29 -18.92 19.92
N GLY A 305 19.26 -17.59 19.70
CA GLY A 305 19.90 -16.99 18.55
C GLY A 305 21.29 -16.56 18.97
N VAL A 306 22.31 -17.14 18.34
CA VAL A 306 23.69 -16.90 18.77
C VAL A 306 24.56 -16.46 17.60
N MET A 307 25.41 -15.47 17.85
CA MET A 307 26.41 -15.04 16.89
C MET A 307 27.79 -15.00 17.54
N LEU A 308 28.81 -15.05 16.69
CA LEU A 308 30.19 -14.91 17.15
C LEU A 308 30.64 -13.48 16.85
N PRO A 309 31.81 -13.07 17.38
CA PRO A 309 32.35 -11.75 17.07
C PRO A 309 32.50 -11.54 15.56
N TYR A 310 32.21 -10.33 15.06
CA TYR A 310 32.34 -10.06 13.62
C TYR A 310 33.17 -8.83 13.27
N ALA A 311 33.47 -8.00 14.26
CA ALA A 311 34.30 -6.83 14.05
C ALA A 311 35.44 -6.85 15.07
N PRO A 312 36.55 -6.16 14.80
CA PRO A 312 37.64 -6.18 15.78
C PRO A 312 37.25 -5.71 17.18
N ILE A 313 36.35 -4.73 17.29
CA ILE A 313 35.90 -4.28 18.62
C ILE A 313 35.32 -5.41 19.48
N HIS A 314 34.69 -6.41 18.85
CA HIS A 314 34.07 -7.51 19.61
C HIS A 314 35.14 -8.40 20.21
N TYR A 315 36.18 -8.71 19.42
CA TYR A 315 37.29 -9.50 19.94
C TYR A 315 38.00 -8.79 21.07
N LEU A 316 38.16 -7.48 20.94
CA LEU A 316 38.75 -6.67 22.01
C LEU A 316 37.89 -6.69 23.28
N LEU A 317 36.59 -6.49 23.11
CA LEU A 317 35.65 -6.51 24.24
C LEU A 317 35.67 -7.87 24.95
N MET A 318 35.70 -8.95 24.16
CA MET A 318 35.71 -10.31 24.68
C MET A 318 36.89 -10.65 25.59
N GLU A 319 38.06 -10.05 25.34
CA GLU A 319 39.17 -10.21 26.29
C GLU A 319 38.94 -9.46 27.62
N GLU A 320 37.98 -8.54 27.65
CA GLU A 320 37.72 -7.75 28.88
C GLU A 320 36.57 -8.27 29.73
N ILE A 321 35.61 -8.99 29.12
CA ILE A 321 34.46 -9.53 29.84
C ILE A 321 34.50 -11.07 29.91
N ASP A 322 33.82 -11.66 30.90
CA ASP A 322 33.68 -13.13 30.96
C ASP A 322 32.23 -13.61 30.91
N PHE A 323 31.44 -13.01 30.03
CA PHE A 323 30.02 -13.34 29.90
C PHE A 323 29.57 -13.02 28.49
N PRO A 324 28.60 -13.81 27.96
CA PRO A 324 28.04 -13.48 26.66
C PRO A 324 27.16 -12.23 26.79
N ILE A 325 26.90 -11.59 25.66
CA ILE A 325 26.11 -10.36 25.69
C ILE A 325 24.95 -10.35 24.70
N VAL A 326 23.81 -9.79 25.12
CA VAL A 326 22.72 -9.45 24.22
C VAL A 326 23.24 -8.47 23.17
N MET A 327 22.80 -8.65 21.93
CA MET A 327 22.99 -7.67 20.89
C MET A 327 21.64 -7.50 20.23
N THR A 328 21.00 -6.37 20.45
CA THR A 328 19.72 -6.07 19.85
C THR A 328 19.90 -4.76 19.11
N SER A 329 19.11 -4.53 18.07
CA SER A 329 19.38 -3.38 17.23
C SER A 329 19.07 -2.09 18.01
N GLY A 330 19.90 -1.07 17.76
CA GLY A 330 19.82 0.19 18.46
C GLY A 330 18.78 1.11 17.86
N ASN A 331 17.55 0.97 18.37
CA ASN A 331 16.41 1.79 17.96
C ASN A 331 15.33 1.63 19.02
N VAL A 332 14.36 2.55 19.05
CA VAL A 332 13.15 2.28 19.81
C VAL A 332 12.43 1.18 19.02
N SER A 333 11.72 0.32 19.75
CA SER A 333 10.95 -0.74 19.12
C SER A 333 10.25 -0.22 17.86
N GLU A 334 10.38 -0.98 16.76
CA GLU A 334 9.65 -0.79 15.49
C GLU A 334 10.18 0.29 14.52
N GLU A 335 11.24 0.99 14.92
CA GLU A 335 11.91 1.96 14.06
C GLU A 335 13.19 1.36 13.47
N PRO A 336 13.62 1.84 12.29
CA PRO A 336 14.88 1.33 11.70
C PRO A 336 16.09 1.53 12.63
N ILE A 337 17.01 0.56 12.61
CA ILE A 337 18.29 0.66 13.31
C ILE A 337 19.00 2.00 13.05
N CYS A 338 19.49 2.65 14.11
CA CYS A 338 20.23 3.91 14.00
C CYS A 338 21.56 3.66 13.31
N LYS A 339 21.98 4.58 12.45
CA LYS A 339 23.26 4.43 11.76
C LYS A 339 24.26 5.56 11.98
N ASP A 340 23.80 6.72 12.45
CA ASP A 340 24.65 7.90 12.66
CA ASP A 340 24.76 7.78 12.69
C ASP A 340 24.87 8.18 14.15
N ASN A 341 26.04 8.68 14.51
CA ASN A 341 26.32 9.05 15.91
C ASN A 341 25.25 9.96 16.50
N GLU A 342 24.94 11.06 15.80
CA GLU A 342 23.97 12.04 16.30
C GLU A 342 22.59 11.43 16.53
N GLU A 343 22.18 10.60 15.56
CA GLU A 343 20.90 9.90 15.58
C GLU A 343 20.81 8.98 16.80
N ALA A 344 21.88 8.22 17.04
CA ALA A 344 21.93 7.28 18.15
C ALA A 344 21.84 7.99 19.52
N LEU A 345 22.64 9.03 19.69
CA LEU A 345 22.64 9.78 20.95
C LEU A 345 21.29 10.42 21.27
N GLU A 346 20.57 10.84 20.24
CA GLU A 346 19.25 11.43 20.43
C GLU A 346 18.16 10.36 20.64
N LYS A 347 18.09 9.37 19.74
CA LYS A 347 17.03 8.35 19.80
C LYS A 347 17.19 7.34 20.93
N LEU A 348 18.44 7.09 21.34
CA LEU A 348 18.72 6.10 22.38
C LEU A 348 19.03 6.73 23.74
N LYS A 349 18.70 8.00 23.91
CA LYS A 349 19.14 8.74 25.10
C LYS A 349 18.49 8.25 26.38
N ASP A 350 17.28 7.69 26.27
CA ASP A 350 16.60 7.15 27.44
C ASP A 350 16.68 5.62 27.46
N ILE A 351 17.55 5.08 26.61
CA ILE A 351 17.70 3.64 26.50
C ILE A 351 19.10 3.21 26.91
N ALA A 352 20.11 3.67 26.17
CA ALA A 352 21.49 3.34 26.50
C ALA A 352 22.01 4.19 27.64
N ASP A 353 22.87 3.59 28.46
CA ASP A 353 23.57 4.33 29.51
C ASP A 353 24.86 4.98 29.02
N VAL A 354 25.58 4.29 28.14
CA VAL A 354 26.84 4.80 27.58
C VAL A 354 26.94 4.39 26.11
N PHE A 355 27.82 5.07 25.36
CA PHE A 355 27.92 4.86 23.92
C PHE A 355 29.35 4.61 23.49
N LEU A 356 29.52 3.66 22.56
CA LEU A 356 30.80 3.50 21.87
C LEU A 356 30.60 3.92 20.41
N LEU A 357 30.99 5.15 20.15
CA LEU A 357 30.89 5.77 18.82
C LEU A 357 32.15 5.51 17.99
N ASN A 358 32.10 5.81 16.70
CA ASN A 358 33.32 5.96 15.89
C ASN A 358 33.08 6.95 14.75
N ASN A 359 34.15 7.40 14.11
CA ASN A 359 34.00 8.41 13.08
C ASN A 359 34.10 7.87 11.65
N ARG A 360 33.85 6.57 11.45
CA ARG A 360 33.73 6.03 10.08
C ARG A 360 32.25 6.04 9.69
N ASP A 361 31.88 6.88 8.73
CA ASP A 361 30.48 6.94 8.27
C ASP A 361 29.93 5.59 7.85
N ILE A 362 28.70 5.30 8.28
CA ILE A 362 27.96 4.16 7.75
C ILE A 362 27.10 4.74 6.66
N VAL A 363 27.34 4.29 5.43
CA VAL A 363 26.59 4.77 4.29
C VAL A 363 25.25 4.04 4.16
N ASN A 364 25.31 2.72 4.28
CA ASN A 364 24.15 1.87 4.11
C ASN A 364 23.95 1.05 5.37
N ARG A 365 22.93 1.39 6.17
CA ARG A 365 22.71 0.63 7.40
C ARG A 365 22.20 -0.76 7.02
N ILE A 366 22.42 -1.75 7.89
CA ILE A 366 22.01 -3.12 7.62
C ILE A 366 21.97 -3.94 8.90
N ASP A 367 20.85 -4.62 9.14
CA ASP A 367 20.72 -5.44 10.35
C ASP A 367 21.55 -6.71 10.32
N ASP A 368 21.75 -7.33 11.48
CA ASP A 368 22.32 -8.67 11.53
C ASP A 368 21.41 -9.66 10.81
N SER A 369 22.01 -10.63 10.13
CA SER A 369 21.25 -11.73 9.54
C SER A 369 20.89 -12.75 10.62
N VAL A 370 19.81 -13.48 10.39
CA VAL A 370 19.38 -14.57 11.27
C VAL A 370 19.19 -15.79 10.39
N THR A 371 19.88 -16.88 10.75
CA THR A 371 19.85 -18.07 9.90
C THR A 371 19.79 -19.35 10.74
N SER A 372 19.78 -20.49 10.07
CA SER A 372 19.64 -21.77 10.74
C SER A 372 20.01 -22.86 9.76
N PHE A 373 20.13 -24.09 10.24
CA PHE A 373 20.34 -25.22 9.36
C PHE A 373 19.30 -26.26 9.70
N ASN A 374 18.54 -26.68 8.70
CA ASN A 374 17.49 -27.66 8.95
C ASN A 374 17.15 -28.42 7.68
N ALA A 375 16.89 -29.71 7.84
CA ALA A 375 16.50 -30.61 6.76
C ALA A 375 17.47 -30.51 5.59
N GLY A 376 18.76 -30.61 5.90
CA GLY A 376 19.81 -30.71 4.88
C GLY A 376 20.25 -29.44 4.18
N ALA A 377 19.85 -28.28 4.68
CA ALA A 377 20.27 -27.01 4.07
C ALA A 377 20.14 -25.87 5.05
N GLU A 378 20.86 -24.79 4.74
CA GLU A 378 20.67 -23.52 5.45
C GLU A 378 19.25 -23.02 5.18
N ARG A 379 18.59 -22.54 6.23
CA ARG A 379 17.26 -21.95 6.11
C ARG A 379 17.35 -20.57 6.71
N ILE A 380 17.53 -19.56 5.85
CA ILE A 380 17.69 -18.22 6.37
C ILE A 380 16.34 -17.61 6.80
N ILE A 381 16.35 -16.82 7.86
CA ILE A 381 15.14 -16.21 8.42
C ILE A 381 15.13 -14.72 8.11
N ARG A 382 16.30 -14.08 8.26
CA ARG A 382 16.43 -12.65 8.01
C ARG A 382 17.70 -12.48 7.20
N ARG A 383 17.56 -12.09 5.95
CA ARG A 383 18.71 -12.01 5.07
C ARG A 383 19.19 -10.57 5.06
N ALA A 384 20.33 -10.34 5.71
CA ALA A 384 20.83 -8.97 5.92
C ALA A 384 22.34 -8.98 5.94
N ARG A 385 22.97 -8.44 7.00
CA ARG A 385 24.44 -8.28 7.00
C ARG A 385 25.18 -9.59 6.65
N GLY A 386 26.17 -9.49 5.77
CA GLY A 386 26.95 -10.68 5.40
C GLY A 386 26.38 -11.50 4.26
N TYR A 387 25.09 -11.28 3.94
CA TYR A 387 24.42 -11.95 2.82
C TYR A 387 23.99 -10.92 1.76
N ALA A 388 23.08 -10.03 2.13
CA ALA A 388 22.76 -8.89 1.29
C ALA A 388 23.96 -7.97 1.23
N PRO A 389 24.18 -7.32 0.07
CA PRO A 389 23.30 -7.29 -1.09
C PRO A 389 23.71 -8.28 -2.22
N GLN A 390 24.33 -9.40 -1.87
CA GLN A 390 24.70 -10.39 -2.91
C GLN A 390 23.42 -10.83 -3.64
N PRO A 391 23.44 -10.74 -4.98
CA PRO A 391 22.21 -11.06 -5.72
C PRO A 391 21.94 -12.56 -5.81
N ILE A 392 20.68 -12.90 -6.07
CA ILE A 392 20.30 -14.24 -6.48
C ILE A 392 20.57 -14.37 -7.99
N LEU A 393 21.28 -15.42 -8.37
CA LEU A 393 21.60 -15.66 -9.77
C LEU A 393 20.42 -16.23 -10.51
N LEU A 394 20.08 -15.58 -11.62
CA LEU A 394 19.04 -16.11 -12.51
C LEU A 394 19.69 -16.90 -13.66
N LYS A 395 18.97 -17.90 -14.16
CA LYS A 395 19.46 -18.77 -15.26
C LYS A 395 19.59 -17.98 -16.57
N LYS A 396 18.63 -17.10 -16.82
CA LYS A 396 18.58 -16.35 -18.07
C LYS A 396 18.59 -14.85 -17.76
N GLU A 397 19.12 -14.05 -18.69
CA GLU A 397 19.01 -12.59 -18.58
C GLU A 397 17.54 -12.16 -18.57
N VAL A 398 17.22 -11.09 -17.83
CA VAL A 398 15.82 -10.65 -17.73
C VAL A 398 15.36 -9.89 -18.96
N LYS A 399 14.05 -9.95 -19.20
CA LYS A 399 13.39 -9.24 -20.29
C LYS A 399 13.63 -7.71 -20.17
N ALA A 400 13.32 -7.18 -18.99
CA ALA A 400 13.51 -5.76 -18.68
C ALA A 400 13.69 -5.69 -17.16
N SER A 401 14.11 -4.54 -16.63
CA SER A 401 14.26 -4.38 -15.17
C SER A 401 12.90 -4.25 -14.46
N ILE A 402 12.72 -5.05 -13.43
CA ILE A 402 11.48 -5.05 -12.66
C ILE A 402 11.81 -4.65 -11.24
N LEU A 403 10.99 -3.79 -10.64
CA LEU A 403 11.04 -3.59 -9.20
C LEU A 403 9.87 -4.36 -8.57
N ALA A 404 10.18 -5.26 -7.66
CA ALA A 404 9.18 -5.97 -6.88
C ALA A 404 9.21 -5.37 -5.47
N VAL A 405 8.05 -4.87 -5.03
CA VAL A 405 7.98 -4.01 -3.85
C VAL A 405 7.91 -4.78 -2.54
N GLY A 406 7.65 -6.08 -2.63
CA GLY A 406 7.57 -6.91 -1.41
C GLY A 406 6.20 -6.88 -0.75
N GLY A 407 6.15 -7.28 0.52
CA GLY A 407 4.89 -7.30 1.26
C GLY A 407 4.87 -6.28 2.38
N PHE A 408 4.33 -6.68 3.52
CA PHE A 408 4.18 -5.83 4.69
C PHE A 408 5.16 -6.28 5.81
N TYR A 409 4.97 -7.48 6.35
CA TYR A 409 5.88 -7.99 7.37
C TYR A 409 7.26 -8.26 6.78
N LYS A 410 8.30 -7.96 7.56
CA LYS A 410 9.65 -8.37 7.22
C LYS A 410 10.01 -7.96 5.78
N ASN A 411 9.62 -6.74 5.42
CA ASN A 411 9.71 -6.36 4.02
C ASN A 411 11.12 -6.43 3.43
N THR A 412 11.22 -6.93 2.19
CA THR A 412 12.32 -6.62 1.32
C THR A 412 11.70 -6.23 -0.02
N PHE A 413 12.47 -5.52 -0.84
CA PHE A 413 12.14 -5.29 -2.23
C PHE A 413 13.18 -5.99 -3.08
N CYS A 414 12.89 -6.19 -4.37
CA CYS A 414 13.84 -6.87 -5.28
C CYS A 414 13.86 -6.16 -6.62
N MET A 415 15.05 -5.95 -7.18
CA MET A 415 15.22 -5.32 -8.50
C MET A 415 16.02 -6.24 -9.40
N THR A 416 15.54 -6.44 -10.62
CA THR A 416 16.24 -7.32 -11.54
C THR A 416 17.07 -6.52 -12.53
N LYS A 417 18.20 -7.10 -12.92
CA LYS A 417 19.03 -6.57 -14.00
C LYS A 417 19.97 -7.66 -14.46
N GLY A 418 20.13 -7.77 -15.78
CA GLY A 418 20.99 -8.82 -16.36
C GLY A 418 20.46 -10.15 -15.88
N HIS A 419 21.36 -11.00 -15.38
CA HIS A 419 20.88 -12.24 -14.77
C HIS A 419 20.89 -12.21 -13.25
N TYR A 420 20.70 -11.02 -12.67
CA TYR A 420 20.64 -10.92 -11.21
C TYR A 420 19.30 -10.47 -10.67
N ALA A 421 18.91 -11.04 -9.53
CA ALA A 421 17.81 -10.52 -8.73
C ALA A 421 18.47 -9.94 -7.48
N PHE A 422 18.58 -8.62 -7.45
CA PHE A 422 19.12 -7.90 -6.32
C PHE A 422 18.01 -7.74 -5.30
N ILE A 423 17.88 -8.74 -4.41
CA ILE A 423 16.92 -8.62 -3.32
C ILE A 423 17.57 -7.77 -2.19
N SER A 424 16.82 -6.82 -1.67
CA SER A 424 17.37 -5.90 -0.68
C SER A 424 17.59 -6.63 0.62
N HIS A 425 18.47 -6.08 1.45
CA HIS A 425 18.56 -6.50 2.82
C HIS A 425 17.21 -6.27 3.51
N HIS A 426 16.98 -7.01 4.59
CA HIS A 426 15.81 -6.83 5.46
C HIS A 426 15.54 -5.36 5.75
N ILE A 427 14.33 -4.90 5.46
CA ILE A 427 13.94 -3.52 5.70
C ILE A 427 13.15 -3.45 7.02
N GLY A 428 12.17 -4.34 7.18
CA GLY A 428 11.38 -4.42 8.43
C GLY A 428 9.89 -4.38 8.12
N ASP A 429 9.06 -4.43 9.16
CA ASP A 429 7.60 -4.35 8.98
C ASP A 429 7.24 -2.95 8.48
N LEU A 430 6.61 -2.86 7.31
CA LEU A 430 6.25 -1.55 6.75
C LEU A 430 4.97 -1.04 7.39
N ASP A 431 5.08 -0.60 8.63
CA ASP A 431 3.97 -0.49 9.56
C ASP A 431 3.80 0.97 9.98
N ASN A 432 4.77 1.81 9.65
CA ASN A 432 4.77 3.19 10.10
C ASN A 432 5.60 4.05 9.16
N GLU A 433 5.50 5.36 9.38
CA GLU A 433 6.10 6.38 8.55
C GLU A 433 7.63 6.30 8.50
N LYS A 434 8.25 5.96 9.64
CA LYS A 434 9.71 5.92 9.73
C LYS A 434 10.26 4.71 8.97
N ALA A 435 9.57 3.58 9.08
CA ALA A 435 9.92 2.39 8.33
C ALA A 435 9.74 2.66 6.83
N PHE A 436 8.63 3.31 6.47
CA PHE A 436 8.34 3.63 5.09
C PHE A 436 9.36 4.58 4.48
N ASN A 437 9.73 5.64 5.20
CA ASN A 437 10.74 6.59 4.72
C ASN A 437 12.07 5.91 4.42
N TYR A 438 12.46 5.00 5.31
CA TYR A 438 13.67 4.19 5.17
C TYR A 438 13.59 3.23 3.97
N TYR A 439 12.48 2.52 3.85
CA TYR A 439 12.19 1.73 2.66
C TYR A 439 12.38 2.55 1.38
N ILE A 440 11.74 3.73 1.32
CA ILE A 440 11.79 4.59 0.13
C ILE A 440 13.22 4.98 -0.24
N GLU A 441 14.00 5.35 0.76
CA GLU A 441 15.39 5.76 0.57
C GLU A 441 16.28 4.60 0.12
N GLN A 442 16.01 3.40 0.63
CA GLN A 442 16.78 2.23 0.21
C GLN A 442 16.48 1.87 -1.23
N ILE A 443 15.22 1.99 -1.65
CA ILE A 443 14.89 1.78 -3.06
C ILE A 443 15.71 2.75 -3.93
N GLU A 444 15.77 4.02 -3.56
CA GLU A 444 16.53 5.01 -4.35
C GLU A 444 18.01 4.66 -4.38
N ARG A 445 18.53 4.21 -3.25
CA ARG A 445 19.95 3.89 -3.16
C ARG A 445 20.39 2.62 -3.91
N TYR A 446 19.52 1.61 -3.93
CA TYR A 446 19.78 0.40 -4.70
C TYR A 446 19.70 0.70 -6.20
N LYS A 447 18.72 1.52 -6.60
CA LYS A 447 18.64 1.98 -8.01
C LYS A 447 19.89 2.70 -8.48
N LYS A 448 20.43 3.56 -7.62
CA LYS A 448 21.67 4.25 -7.94
C LYS A 448 22.86 3.31 -7.90
N LEU A 449 22.96 2.51 -6.85
CA LEU A 449 24.13 1.66 -6.67
C LEU A 449 24.27 0.64 -7.82
N PHE A 450 23.14 0.02 -8.20
CA PHE A 450 23.15 -1.01 -9.24
C PHE A 450 22.69 -0.54 -10.63
N ARG A 451 22.48 0.77 -10.78
CA ARG A 451 22.06 1.37 -12.05
C ARG A 451 20.75 0.78 -12.60
N VAL A 452 19.80 0.55 -11.72
CA VAL A 452 18.51 0.00 -12.09
C VAL A 452 17.50 1.12 -12.32
N ASP A 453 16.89 1.13 -13.50
CA ASP A 453 15.73 1.98 -13.75
C ASP A 453 14.53 1.07 -14.04
N PRO A 454 13.71 0.81 -13.01
CA PRO A 454 12.60 -0.12 -13.19
C PRO A 454 11.73 0.26 -14.37
N GLU A 455 11.34 -0.74 -15.15
CA GLU A 455 10.41 -0.53 -16.27
C GLU A 455 9.00 -1.02 -15.95
N VAL A 456 8.91 -1.98 -15.02
CA VAL A 456 7.63 -2.54 -14.59
C VAL A 456 7.74 -2.75 -13.08
N VAL A 457 6.63 -2.54 -12.37
CA VAL A 457 6.62 -2.76 -10.92
C VAL A 457 5.66 -3.91 -10.59
N ALA A 458 6.13 -4.84 -9.75
CA ALA A 458 5.33 -5.96 -9.30
C ALA A 458 4.99 -5.75 -7.82
N HIS A 459 3.75 -6.08 -7.47
CA HIS A 459 3.28 -5.83 -6.11
C HIS A 459 2.24 -6.87 -5.70
N ASP A 460 1.97 -6.94 -4.40
CA ASP A 460 0.98 -7.84 -3.85
C ASP A 460 -0.43 -7.38 -4.22
N MET A 461 -1.34 -8.34 -4.36
CA MET A 461 -2.75 -7.98 -4.57
C MET A 461 -3.37 -7.20 -3.40
N HIS A 462 -2.81 -7.36 -2.19
CA HIS A 462 -3.33 -6.66 -1.01
C HIS A 462 -3.23 -5.14 -1.22
N LYS A 463 -4.37 -4.45 -1.26
CA LYS A 463 -4.37 -3.00 -1.56
C LYS A 463 -3.97 -2.12 -0.36
N GLY A 464 -3.98 -2.69 0.85
CA GLY A 464 -3.65 -1.95 2.06
C GLY A 464 -2.15 -1.87 2.43
N TYR A 465 -1.31 -2.69 1.81
CA TYR A 465 0.14 -2.63 2.09
C TYR A 465 0.67 -1.28 1.64
N LEU A 466 1.51 -0.65 2.45
CA LEU A 466 2.22 0.56 2.01
C LEU A 466 3.06 0.28 0.77
N SER A 467 3.58 -0.94 0.65
CA SER A 467 4.35 -1.33 -0.53
C SER A 467 3.49 -1.28 -1.81
N THR A 468 2.25 -1.75 -1.70
CA THR A 468 1.29 -1.67 -2.81
C THR A 468 0.98 -0.21 -3.17
N GLN A 469 0.69 0.60 -2.15
CA GLN A 469 0.45 2.04 -2.33
C GLN A 469 1.64 2.71 -3.01
N TYR A 470 2.85 2.30 -2.63
CA TYR A 470 4.04 2.80 -3.30
C TYR A 470 4.07 2.40 -4.77
N ALA A 471 3.83 1.11 -5.05
CA ALA A 471 3.81 0.60 -6.43
C ALA A 471 2.82 1.37 -7.31
N LYS A 472 1.61 1.57 -6.79
CA LYS A 472 0.56 2.29 -7.51
C LYS A 472 0.90 3.76 -7.71
N SER A 473 1.72 4.32 -6.80
CA SER A 473 2.15 5.71 -6.93
C SER A 473 3.11 5.94 -8.10
N LEU A 474 3.68 4.88 -8.67
CA LEU A 474 4.70 5.05 -9.72
C LEU A 474 4.06 5.17 -11.11
N ASP A 475 4.80 5.76 -12.05
CA ASP A 475 4.30 5.94 -13.41
C ASP A 475 4.81 4.78 -14.28
N LEU A 476 4.48 3.56 -13.90
CA LEU A 476 4.99 2.37 -14.56
C LEU A 476 3.86 1.36 -14.72
N PRO A 477 3.93 0.50 -15.75
CA PRO A 477 2.98 -0.62 -15.85
C PRO A 477 3.13 -1.49 -14.60
N LYS A 478 2.01 -2.04 -14.11
CA LYS A 478 1.99 -2.82 -12.87
C LYS A 478 1.53 -4.25 -13.13
N ILE A 479 2.14 -5.18 -12.40
CA ILE A 479 1.68 -6.57 -12.35
C ILE A 479 1.37 -6.93 -10.88
N GLU A 480 0.11 -7.30 -10.61
CA GLU A 480 -0.28 -7.74 -9.28
C GLU A 480 0.00 -9.22 -9.16
N VAL A 481 0.51 -9.63 -7.99
CA VAL A 481 0.95 -10.99 -7.75
C VAL A 481 0.29 -11.47 -6.46
N GLN A 482 -0.41 -12.61 -6.54
CA GLN A 482 -1.05 -13.14 -5.34
C GLN A 482 0.04 -13.60 -4.37
N HIS A 483 -0.18 -13.35 -3.08
CA HIS A 483 0.82 -13.52 -2.02
C HIS A 483 1.43 -14.93 -1.95
N HIS A 484 0.56 -15.95 -1.96
CA HIS A 484 1.01 -17.31 -1.83
C HIS A 484 1.69 -17.83 -3.08
N HIS A 485 1.21 -17.40 -4.24
CA HIS A 485 1.90 -17.66 -5.49
C HIS A 485 3.34 -17.13 -5.37
N ALA A 486 3.51 -15.90 -4.87
CA ALA A 486 4.83 -15.31 -4.71
C ALA A 486 5.75 -16.11 -3.77
N HIS A 487 5.22 -16.59 -2.63
CA HIS A 487 6.00 -17.47 -1.73
C HIS A 487 6.52 -18.68 -2.51
N ILE A 488 5.65 -19.35 -3.26
CA ILE A 488 6.08 -20.54 -4.01
C ILE A 488 7.14 -20.18 -5.06
N ALA A 489 6.93 -19.06 -5.76
CA ALA A 489 7.86 -18.62 -6.80
C ALA A 489 9.23 -18.22 -6.24
N SER A 490 9.26 -17.68 -5.02
CA SER A 490 10.53 -17.31 -4.37
C SER A 490 11.43 -18.53 -4.22
N CYS A 491 10.84 -19.65 -3.83
CA CYS A 491 11.58 -20.91 -3.74
C CYS A 491 11.94 -21.45 -5.14
N MET A 492 11.00 -21.42 -6.08
CA MET A 492 11.30 -21.82 -7.47
C MET A 492 12.49 -21.05 -8.04
N ALA A 493 12.50 -19.73 -7.85
CA ALA A 493 13.61 -18.86 -8.26
C ALA A 493 14.99 -19.34 -7.77
N GLU A 494 15.10 -19.71 -6.49
CA GLU A 494 16.36 -20.19 -5.88
C GLU A 494 16.81 -21.47 -6.51
N HIS A 495 15.84 -22.30 -6.89
CA HIS A 495 16.16 -23.61 -7.43
C HIS A 495 16.06 -23.69 -8.94
N ASN A 496 15.94 -22.54 -9.60
CA ASN A 496 15.84 -22.48 -11.06
C ASN A 496 14.71 -23.33 -11.64
N LEU A 497 13.57 -23.35 -10.93
CA LEU A 497 12.42 -24.08 -11.40
C LEU A 497 11.54 -23.18 -12.24
N ASP A 498 11.03 -23.73 -13.34
CA ASP A 498 10.26 -22.99 -14.32
C ASP A 498 9.32 -23.98 -15.02
N GLU A 499 8.41 -24.53 -14.23
CA GLU A 499 7.44 -25.54 -14.66
C GLU A 499 6.37 -25.60 -13.57
N LYS A 500 5.28 -26.29 -13.84
CA LYS A 500 4.22 -26.44 -12.84
C LYS A 500 4.68 -27.35 -11.69
N VAL A 501 4.55 -26.85 -10.47
CA VAL A 501 4.89 -27.61 -9.28
C VAL A 501 3.67 -27.65 -8.38
N ILE A 502 3.68 -28.56 -7.41
CA ILE A 502 2.71 -28.51 -6.31
C ILE A 502 3.25 -27.56 -5.25
N GLY A 503 2.52 -26.49 -4.98
CA GLY A 503 3.00 -25.42 -4.10
C GLY A 503 2.23 -25.49 -2.81
N ILE A 504 2.93 -25.70 -1.70
CA ILE A 504 2.30 -25.73 -0.38
C ILE A 504 2.70 -24.43 0.34
N ALA A 505 1.75 -23.51 0.43
CA ALA A 505 2.02 -22.19 0.95
C ALA A 505 1.28 -22.02 2.27
N TYR A 506 2.02 -22.13 3.37
CA TYR A 506 1.40 -22.08 4.70
C TYR A 506 1.96 -20.85 5.41
N ASP A 507 1.07 -19.96 5.84
CA ASP A 507 1.50 -18.77 6.60
C ASP A 507 0.35 -18.20 7.43
N GLY A 508 0.52 -16.98 7.94
CA GLY A 508 -0.50 -16.33 8.77
C GLY A 508 -1.62 -15.63 8.00
N THR A 509 -1.25 -14.66 7.16
CA THR A 509 -2.25 -13.91 6.42
C THR A 509 -1.69 -13.44 5.10
N GLY A 510 -2.41 -13.73 4.04
CA GLY A 510 -2.10 -13.18 2.74
C GLY A 510 -3.45 -12.94 2.12
N TYR A 511 -3.52 -11.92 1.28
CA TYR A 511 -4.77 -11.53 0.66
C TYR A 511 -5.11 -12.52 -0.45
N GLY A 512 -6.26 -13.18 -0.32
CA GLY A 512 -6.75 -14.14 -1.32
C GLY A 512 -7.53 -13.45 -2.43
N THR A 513 -7.78 -14.16 -3.53
CA THR A 513 -8.49 -13.56 -4.68
C THR A 513 -10.01 -13.61 -4.51
N ASP A 514 -10.49 -14.27 -3.46
CA ASP A 514 -11.91 -14.36 -3.21
C ASP A 514 -12.35 -13.45 -2.06
N GLY A 515 -11.52 -12.47 -1.72
CA GLY A 515 -11.83 -11.52 -0.64
C GLY A 515 -11.61 -12.10 0.75
N ASN A 516 -11.06 -13.30 0.82
CA ASN A 516 -10.78 -13.90 2.12
C ASN A 516 -9.30 -13.94 2.38
N VAL A 517 -8.93 -14.22 3.62
CA VAL A 517 -7.53 -14.37 4.00
C VAL A 517 -7.10 -15.80 3.70
N TRP A 518 -5.94 -15.94 3.04
CA TRP A 518 -5.38 -17.24 2.68
C TRP A 518 -4.13 -17.49 3.52
N GLY A 519 -3.58 -18.69 3.47
CA GLY A 519 -2.47 -19.04 4.38
C GLY A 519 -2.36 -20.50 4.73
N ALA A 520 -3.22 -21.31 4.14
CA ALA A 520 -3.11 -22.75 4.27
C ALA A 520 -3.53 -23.36 2.94
N GLU A 521 -2.73 -23.05 1.92
CA GLU A 521 -3.13 -23.28 0.53
C GLU A 521 -2.25 -24.32 -0.14
N ILE A 522 -2.86 -25.13 -1.00
CA ILE A 522 -2.11 -25.95 -1.94
C ILE A 522 -2.49 -25.47 -3.32
N LEU A 523 -1.45 -25.10 -4.07
CA LEU A 523 -1.61 -24.61 -5.41
C LEU A 523 -0.95 -25.57 -6.37
N VAL A 524 -1.39 -25.54 -7.62
CA VAL A 524 -0.54 -25.99 -8.70
C VAL A 524 -0.16 -24.72 -9.45
N CYS A 525 1.14 -24.42 -9.49
CA CYS A 525 1.57 -23.20 -10.16
C CYS A 525 2.89 -23.30 -10.91
N ASP A 526 3.04 -22.42 -11.87
CA ASP A 526 4.34 -22.20 -12.49
C ASP A 526 4.70 -20.75 -12.20
N LEU A 527 5.59 -20.16 -13.00
CA LEU A 527 5.98 -18.78 -12.75
C LEU A 527 5.00 -17.78 -13.37
N LYS A 528 3.99 -18.25 -14.07
CA LYS A 528 3.09 -17.31 -14.73
C LYS A 528 1.61 -17.42 -14.34
N SER A 529 1.27 -18.40 -13.49
CA SER A 529 -0.12 -18.66 -13.10
C SER A 529 -0.16 -19.61 -11.93
N PHE A 530 -1.31 -19.66 -11.27
CA PHE A 530 -1.56 -20.64 -10.21
C PHE A 530 -3.00 -21.12 -10.28
N GLU A 531 -3.23 -22.34 -9.81
CA GLU A 531 -4.56 -22.86 -9.59
C GLU A 531 -4.64 -23.27 -8.12
N ARG A 532 -5.68 -22.83 -7.42
CA ARG A 532 -5.87 -23.18 -6.03
C ARG A 532 -6.55 -24.54 -5.96
N ILE A 533 -5.90 -25.50 -5.32
CA ILE A 533 -6.39 -26.88 -5.34
C ILE A 533 -7.03 -27.26 -4.01
N ALA A 534 -6.47 -26.76 -2.92
CA ALA A 534 -6.92 -27.17 -1.58
C ALA A 534 -6.67 -26.04 -0.57
N HIS A 535 -7.50 -26.00 0.47
CA HIS A 535 -7.35 -25.01 1.54
C HIS A 535 -8.07 -25.49 2.78
N LEU A 536 -7.94 -24.75 3.88
CA LEU A 536 -8.70 -25.04 5.11
C LEU A 536 -10.09 -24.41 5.04
N LYS A 537 -11.10 -25.07 5.63
CA LYS A 537 -12.46 -24.54 5.64
C LYS A 537 -12.45 -23.17 6.33
N TYR A 538 -12.96 -22.16 5.62
CA TYR A 538 -12.96 -20.77 6.11
C TYR A 538 -13.59 -20.63 7.50
N LYS A 539 -12.90 -19.94 8.41
CA LYS A 539 -13.44 -19.62 9.73
C LYS A 539 -13.49 -18.12 9.90
N PRO A 540 -14.51 -17.62 10.61
CA PRO A 540 -14.64 -16.19 10.83
C PRO A 540 -13.58 -15.71 11.83
N LEU A 541 -13.02 -14.53 11.60
CA LEU A 541 -12.05 -13.96 12.51
C LEU A 541 -12.57 -12.60 12.91
N PRO A 542 -13.14 -12.49 14.13
CA PRO A 542 -13.78 -11.26 14.58
C PRO A 542 -12.74 -10.25 15.07
N GLY A 543 -12.82 -9.03 14.57
CA GLY A 543 -11.93 -7.95 14.99
C GLY A 543 -10.77 -7.72 14.05
N ASN A 544 -10.38 -8.76 13.32
CA ASN A 544 -9.37 -8.69 12.23
C ASN A 544 -7.91 -8.52 12.66
N GLU A 545 -7.57 -7.32 13.14
CA GLU A 545 -6.24 -7.02 13.66
C GLU A 545 -6.17 -7.31 15.15
N LEU A 546 -7.30 -7.13 15.84
CA LEU A 546 -7.44 -7.45 17.27
C LEU A 546 -7.12 -8.91 17.58
N ALA A 547 -7.55 -9.82 16.69
CA ALA A 547 -7.36 -11.26 16.92
C ALA A 547 -5.91 -11.71 16.74
N ILE A 548 -5.12 -10.95 15.98
CA ILE A 548 -3.68 -11.20 15.86
C ILE A 548 -3.03 -11.36 17.24
N LYS A 549 -3.28 -10.42 18.14
CA LYS A 549 -2.69 -10.47 19.49
C LYS A 549 -3.58 -11.07 20.59
N LYS A 550 -4.88 -10.88 20.50
CA LYS A 550 -5.82 -11.53 21.43
C LYS A 550 -6.28 -12.86 20.83
N ILE A 551 -5.43 -13.89 20.93
CA ILE A 551 -5.63 -15.12 20.18
C ILE A 551 -6.77 -16.00 20.67
N TYR A 552 -7.29 -15.75 21.88
CA TYR A 552 -8.50 -16.46 22.29
C TYR A 552 -9.67 -16.09 21.37
N ARG A 553 -9.63 -14.89 20.77
CA ARG A 553 -10.61 -14.47 19.76
C ARG A 553 -10.49 -15.29 18.48
N THR A 554 -9.25 -15.63 18.13
CA THR A 554 -9.01 -16.49 16.98
C THR A 554 -9.59 -17.86 17.26
N ALA A 555 -9.34 -18.39 18.46
CA ALA A 555 -9.90 -19.69 18.84
C ALA A 555 -11.43 -19.69 18.79
N LEU A 556 -12.05 -18.63 19.31
CA LEU A 556 -13.52 -18.52 19.27
C LEU A 556 -14.06 -18.53 17.83
N GLY A 557 -13.39 -17.80 16.96
CA GLY A 557 -13.69 -17.86 15.53
C GLY A 557 -13.65 -19.29 14.98
N PHE A 558 -12.60 -20.04 15.33
CA PHE A 558 -12.45 -21.42 14.81
C PHE A 558 -13.53 -22.36 15.34
N ILE A 559 -14.07 -22.05 16.52
CA ILE A 559 -15.07 -22.92 17.16
C ILE A 559 -16.49 -22.33 17.17
N PHE A 560 -16.70 -21.24 16.43
CA PHE A 560 -17.94 -20.43 16.53
C PHE A 560 -19.25 -21.23 16.43
N ASP A 561 -19.27 -22.24 15.57
CA ASP A 561 -20.52 -22.98 15.33
C ASP A 561 -20.62 -24.27 16.14
N ASN A 562 -19.73 -24.43 17.13
CA ASN A 562 -19.76 -25.61 17.99
C ASN A 562 -19.30 -25.24 19.40
N ILE A 563 -19.73 -24.06 19.84
CA ILE A 563 -19.34 -23.45 21.12
C ILE A 563 -19.53 -24.34 22.36
N SER A 564 -20.70 -24.97 22.49
CA SER A 564 -21.02 -25.76 23.69
C SER A 564 -20.04 -26.91 23.92
N PHE A 565 -19.34 -27.32 22.86
CA PHE A 565 -18.36 -28.41 22.95
C PHE A 565 -17.13 -28.03 23.77
N TYR A 566 -16.78 -26.75 23.76
CA TYR A 566 -15.53 -26.27 24.37
C TYR A 566 -15.78 -25.50 25.68
N LYS A 567 -16.63 -26.07 26.53
CA LYS A 567 -17.10 -25.41 27.75
C LYS A 567 -16.01 -24.76 28.61
N ASN A 568 -15.00 -25.54 28.99
CA ASN A 568 -13.93 -25.08 29.90
C ASN A 568 -13.17 -23.88 29.33
N PHE A 569 -12.84 -23.94 28.04
CA PHE A 569 -12.23 -22.82 27.35
C PHE A 569 -13.15 -21.59 27.31
N VAL A 570 -14.39 -21.75 26.84
CA VAL A 570 -15.27 -20.58 26.67
C VAL A 570 -15.63 -19.92 28.01
N GLU A 571 -15.78 -20.72 29.06
CA GLU A 571 -16.08 -20.20 30.39
C GLU A 571 -15.01 -19.27 30.98
N GLN A 572 -13.77 -19.41 30.50
CA GLN A 572 -12.65 -18.57 30.92
C GLN A 572 -12.73 -17.19 30.28
N VAL A 573 -13.43 -17.08 29.15
CA VAL A 573 -13.62 -15.78 28.53
C VAL A 573 -14.66 -14.99 29.32
N ASP A 574 -14.33 -13.71 29.56
CA ASP A 574 -15.24 -12.78 30.25
C ASP A 574 -16.57 -12.79 29.52
N SER A 575 -17.63 -12.95 30.29
CA SER A 575 -18.99 -13.21 29.80
C SER A 575 -19.53 -12.16 28.84
N ARG A 576 -19.30 -10.89 29.15
CA ARG A 576 -19.78 -9.79 28.32
C ARG A 576 -19.00 -9.71 27.02
N GLU A 577 -17.67 -9.81 27.11
CA GLU A 577 -16.83 -9.86 25.93
C GLU A 577 -17.16 -11.04 25.02
N LEU A 578 -17.44 -12.20 25.60
CA LEU A 578 -17.82 -13.39 24.84
C LEU A 578 -19.10 -13.15 24.01
N ASP A 579 -20.13 -12.64 24.66
CA ASP A 579 -21.40 -12.31 24.01
C ASP A 579 -21.17 -11.43 22.78
N ILE A 580 -20.36 -10.40 22.96
CA ILE A 580 -20.10 -9.42 21.91
C ILE A 580 -19.36 -10.05 20.74
N ILE A 581 -18.32 -10.83 21.04
CA ILE A 581 -17.55 -11.51 20.01
C ILE A 581 -18.46 -12.41 19.17
N LEU A 582 -19.27 -13.24 19.82
CA LEU A 582 -20.15 -14.17 19.11
C LEU A 582 -21.22 -13.44 18.27
N LYS A 583 -21.74 -12.33 18.81
CA LYS A 583 -22.69 -11.51 18.07
C LYS A 583 -22.08 -10.85 16.84
N GLN A 584 -20.84 -10.34 16.98
CA GLN A 584 -20.10 -9.75 15.87
C GLN A 584 -19.88 -10.74 14.73
N ILE A 585 -19.44 -11.96 15.07
CA ILE A 585 -19.32 -13.02 14.06
C ILE A 585 -20.66 -13.25 13.36
N ASP A 586 -21.72 -13.46 14.13
CA ASP A 586 -23.05 -13.75 13.60
C ASP A 586 -23.58 -12.62 12.72
N ARG A 587 -23.26 -11.36 13.07
CA ARG A 587 -23.82 -10.19 12.40
C ARG A 587 -22.89 -9.63 11.32
N LYS A 588 -21.72 -10.26 11.17
CA LYS A 588 -20.64 -9.89 10.22
C LYS A 588 -20.11 -8.46 10.45
N ILE A 589 -19.87 -8.17 11.72
CA ILE A 589 -19.24 -6.91 12.12
C ILE A 589 -17.73 -7.12 12.22
N ASN A 590 -16.98 -6.37 11.43
CA ASN A 590 -15.50 -6.45 11.40
C ASN A 590 -14.97 -7.89 11.37
N THR A 591 -15.58 -8.73 10.55
CA THR A 591 -15.26 -10.15 10.53
C THR A 591 -14.62 -10.53 9.19
N ALA A 592 -13.44 -11.14 9.25
CA ALA A 592 -12.80 -11.65 8.05
C ALA A 592 -12.95 -13.16 8.04
N TYR A 593 -12.89 -13.78 6.87
CA TYR A 593 -12.91 -15.23 6.81
C TYR A 593 -11.54 -15.72 6.39
N VAL A 594 -11.03 -16.74 7.09
CA VAL A 594 -9.62 -17.11 6.95
C VAL A 594 -9.39 -18.60 6.73
N SER A 595 -8.46 -18.87 5.83
CA SER A 595 -7.87 -20.21 5.66
C SER A 595 -6.42 -19.95 5.96
N SER A 596 -5.94 -20.36 7.13
CA SER A 596 -4.62 -19.90 7.56
C SER A 596 -3.98 -20.88 8.52
N MET A 597 -2.76 -21.31 8.19
CA MET A 597 -2.00 -22.21 9.07
C MET A 597 -1.57 -21.46 10.34
N GLY A 598 -1.23 -20.19 10.19
CA GLY A 598 -0.87 -19.37 11.36
C GLY A 598 -1.99 -19.25 12.39
N ARG A 599 -3.20 -18.96 11.91
CA ARG A 599 -4.35 -18.85 12.80
C ARG A 599 -4.72 -20.21 13.39
N PHE A 600 -4.58 -21.26 12.59
CA PHE A 600 -4.79 -22.64 13.08
C PHE A 600 -3.88 -22.90 14.29
N PHE A 601 -2.59 -22.60 14.13
CA PHE A 601 -1.64 -22.69 15.26
C PHE A 601 -2.08 -21.85 16.45
N ASP A 602 -2.50 -20.61 16.21
CA ASP A 602 -2.94 -19.73 17.32
C ASP A 602 -4.17 -20.30 18.05
N ALA A 603 -5.10 -20.85 17.27
CA ALA A 603 -6.30 -21.49 17.85
C ALA A 603 -5.94 -22.65 18.80
N VAL A 604 -5.03 -23.52 18.35
CA VAL A 604 -4.53 -24.62 19.18
C VAL A 604 -3.85 -24.11 20.44
N ALA A 605 -2.96 -23.12 20.30
CA ALA A 605 -2.22 -22.61 21.46
C ALA A 605 -3.16 -22.05 22.54
N ALA A 606 -4.19 -21.32 22.10
CA ALA A 606 -5.19 -20.75 23.00
C ALA A 606 -6.04 -21.82 23.68
N LEU A 607 -6.45 -22.82 22.89
CA LEU A 607 -7.32 -23.87 23.36
C LEU A 607 -6.67 -24.73 24.41
N ILE A 608 -5.38 -25.02 24.25
CA ILE A 608 -4.70 -25.83 25.25
C ILE A 608 -3.96 -24.99 26.30
N GLY A 609 -4.27 -23.69 26.33
CA GLY A 609 -3.78 -22.82 27.38
C GLY A 609 -2.30 -22.51 27.35
N VAL A 610 -1.69 -22.51 26.18
CA VAL A 610 -0.33 -22.08 26.03
C VAL A 610 -0.21 -20.60 26.30
N ARG A 611 -1.07 -19.83 25.69
CA ARG A 611 -1.19 -18.38 25.83
C ARG A 611 -2.61 -17.97 25.43
N LYS A 612 -3.12 -16.88 25.98
CA LYS A 612 -4.39 -16.33 25.50
C LYS A 612 -4.15 -15.04 24.73
N GLU A 613 -3.02 -14.40 25.02
CA GLU A 613 -2.64 -13.16 24.35
C GLU A 613 -1.15 -13.20 24.02
N VAL A 614 -0.79 -12.61 22.89
CA VAL A 614 0.60 -12.58 22.45
C VAL A 614 1.12 -11.15 22.25
N LEU A 615 2.43 -10.99 22.36
CA LEU A 615 3.09 -9.69 22.31
C LEU A 615 3.57 -9.39 20.89
N PHE A 616 3.79 -10.44 20.12
CA PHE A 616 4.21 -10.31 18.72
C PHE A 616 3.59 -11.43 17.89
N GLU A 617 3.40 -11.15 16.61
CA GLU A 617 2.79 -12.08 15.66
C GLU A 617 3.64 -13.36 15.58
N GLY A 618 3.02 -14.51 15.79
CA GLY A 618 3.72 -15.78 15.66
C GLY A 618 4.26 -16.32 16.97
N GLN A 619 4.24 -15.49 18.02
CA GLN A 619 4.76 -15.91 19.31
C GLN A 619 4.16 -17.22 19.78
N ALA A 620 2.84 -17.32 19.66
CA ALA A 620 2.14 -18.51 20.15
C ALA A 620 2.53 -19.73 19.33
N ALA A 621 2.74 -19.56 18.03
CA ALA A 621 3.15 -20.71 17.20
C ALA A 621 4.57 -21.19 17.55
N MET A 622 5.46 -20.26 17.85
CA MET A 622 6.81 -20.57 18.30
C MET A 622 6.83 -21.33 19.63
N GLU A 623 5.98 -20.89 20.56
CA GLU A 623 5.94 -21.56 21.86
C GLU A 623 5.38 -22.97 21.75
N LEU A 624 4.36 -23.13 20.92
CA LEU A 624 3.75 -24.43 20.66
C LEU A 624 4.75 -25.43 20.09
N GLU A 625 5.55 -24.96 19.12
CA GLU A 625 6.63 -25.78 18.55
C GLU A 625 7.70 -26.14 19.58
N SER A 626 8.10 -25.16 20.40
CA SER A 626 9.15 -25.36 21.38
C SER A 626 8.82 -26.41 22.45
N LEU A 627 7.54 -26.56 22.77
CA LEU A 627 7.18 -27.47 23.86
C LEU A 627 6.86 -28.90 23.41
N MET A 628 6.90 -29.14 22.11
CA MET A 628 6.42 -30.42 21.58
C MET A 628 7.22 -31.65 22.04
N ALA A 629 6.51 -32.75 22.26
CA ALA A 629 7.14 -34.00 22.66
C ALA A 629 7.58 -34.77 21.42
N GLU A 630 8.12 -35.97 21.68
CA GLU A 630 8.46 -36.93 20.66
C GLU A 630 7.30 -37.89 20.52
N SER A 631 6.60 -37.83 19.39
CA SER A 631 5.52 -38.78 19.13
C SER A 631 5.27 -38.94 17.64
N GLU A 632 4.74 -40.11 17.28
CA GLU A 632 4.29 -40.40 15.93
C GLU A 632 2.76 -40.35 15.85
N GLU A 633 2.11 -40.13 16.99
CA GLU A 633 0.65 -40.11 17.03
C GLU A 633 0.08 -38.84 16.38
N TYR A 634 -1.17 -38.92 15.97
CA TYR A 634 -1.80 -37.80 15.25
C TYR A 634 -3.32 -37.86 15.34
N TYR A 635 -3.95 -36.82 14.84
CA TYR A 635 -5.40 -36.71 14.92
C TYR A 635 -6.02 -37.10 13.58
N GLU A 636 -7.25 -37.58 13.63
CA GLU A 636 -8.03 -37.87 12.43
C GLU A 636 -8.44 -36.58 11.70
N TYR A 637 -8.42 -36.63 10.37
CA TYR A 637 -8.92 -35.54 9.53
C TYR A 637 -9.75 -36.11 8.39
N GLU A 638 -10.47 -35.22 7.74
CA GLU A 638 -11.39 -35.58 6.68
C GLU A 638 -11.12 -34.58 5.56
N ILE A 639 -11.06 -35.08 4.32
CA ILE A 639 -10.90 -34.19 3.16
C ILE A 639 -12.19 -34.28 2.35
N LEU A 640 -12.83 -33.13 2.16
CA LEU A 640 -14.03 -33.07 1.32
C LEU A 640 -13.70 -32.43 -0.03
N LYS A 641 -14.05 -33.12 -1.11
CA LYS A 641 -13.74 -32.64 -2.45
C LYS A 641 -15.00 -32.14 -3.13
N GLU A 642 -15.10 -30.83 -3.33
CA GLU A 642 -16.16 -30.29 -4.20
C GLU A 642 -15.47 -29.61 -5.40
N ASP A 643 -15.53 -28.28 -5.47
CA ASP A 643 -14.68 -27.58 -6.44
C ASP A 643 -13.23 -27.74 -6.05
N ARG A 644 -12.96 -27.65 -4.74
CA ARG A 644 -11.61 -27.82 -4.23
C ARG A 644 -11.58 -28.84 -3.11
N TYR A 645 -10.38 -29.27 -2.73
CA TYR A 645 -10.26 -30.12 -1.55
C TYR A 645 -10.24 -29.22 -0.33
N VAL A 646 -11.04 -29.53 0.67
CA VAL A 646 -11.11 -28.73 1.87
C VAL A 646 -11.08 -29.58 3.12
N ILE A 647 -10.29 -29.14 4.07
CA ILE A 647 -10.20 -29.74 5.39
C ILE A 647 -10.71 -28.76 6.42
N ASP A 648 -11.56 -29.25 7.33
CA ASP A 648 -12.15 -28.44 8.39
C ASP A 648 -11.31 -28.52 9.66
N PRO A 649 -10.57 -27.43 9.99
CA PRO A 649 -9.73 -27.42 11.18
C PRO A 649 -10.48 -27.61 12.49
N GLU A 650 -11.77 -27.25 12.54
CA GLU A 650 -12.52 -27.40 13.79
C GLU A 650 -12.68 -28.87 14.23
N LEU A 651 -12.79 -29.79 13.26
CA LEU A 651 -12.89 -31.23 13.57
C LEU A 651 -11.63 -31.78 14.27
N ILE A 652 -10.49 -31.20 13.92
CA ILE A 652 -9.21 -31.51 14.54
C ILE A 652 -9.15 -30.84 15.91
N LEU A 653 -9.63 -29.59 16.00
CA LEU A 653 -9.69 -28.89 17.29
C LEU A 653 -10.54 -29.65 18.32
N ARG A 654 -11.60 -30.31 17.86
CA ARG A 654 -12.42 -31.17 18.77
C ARG A 654 -11.61 -32.23 19.47
N GLN A 655 -10.76 -32.94 18.72
CA GLN A 655 -9.92 -34.01 19.27
C GLN A 655 -8.83 -33.44 20.18
N ILE A 656 -8.26 -32.30 19.80
CA ILE A 656 -7.26 -31.61 20.61
C ILE A 656 -7.82 -31.22 21.98
N TYR A 657 -8.99 -30.60 21.99
CA TYR A 657 -9.68 -30.23 23.23
C TYR A 657 -10.06 -31.46 24.06
N GLU A 658 -10.45 -32.53 23.39
CA GLU A 658 -10.74 -33.79 24.08
C GLU A 658 -9.50 -34.32 24.80
N ASP A 659 -8.36 -34.28 24.11
CA ASP A 659 -7.10 -34.70 24.71
C ASP A 659 -6.77 -33.83 25.91
N TYR A 660 -7.04 -32.53 25.78
CA TYR A 660 -6.71 -31.55 26.80
C TYR A 660 -7.54 -31.79 28.06
N MET A 661 -8.85 -31.97 27.88
CA MET A 661 -9.77 -32.27 28.97
C MET A 661 -9.41 -33.56 29.72
N LYS A 662 -8.85 -34.53 28.99
CA LYS A 662 -8.50 -35.83 29.56
C LYS A 662 -7.27 -35.73 30.44
N GLY A 663 -6.51 -34.66 30.28
CA GLY A 663 -5.31 -34.44 31.05
C GLY A 663 -4.01 -34.75 30.32
N PHE A 664 -4.06 -34.83 28.98
CA PHE A 664 -2.83 -35.07 28.22
C PHE A 664 -1.91 -33.85 28.29
N GLU A 665 -0.60 -34.11 28.32
CA GLU A 665 0.44 -33.08 28.36
C GLU A 665 0.34 -32.23 27.11
N LYS A 666 0.57 -30.93 27.27
CA LYS A 666 0.62 -29.98 26.15
C LYS A 666 1.65 -30.37 25.09
N SER A 667 2.79 -30.89 25.54
CA SER A 667 3.87 -31.36 24.67
C SER A 667 3.41 -32.46 23.72
N TYR A 668 2.65 -33.40 24.27
CA TYR A 668 2.10 -34.52 23.50
C TYR A 668 1.02 -34.06 22.53
N ILE A 669 0.12 -33.19 22.97
CA ILE A 669 -0.91 -32.63 22.09
C ILE A 669 -0.30 -31.85 20.94
N SER A 670 0.74 -31.08 21.23
CA SER A 670 1.40 -30.29 20.19
C SER A 670 2.01 -31.22 19.14
N ALA A 671 2.69 -32.26 19.60
CA ALA A 671 3.30 -33.23 18.68
C ALA A 671 2.23 -33.86 17.77
N LYS A 672 1.11 -34.27 18.37
CA LYS A 672 0.00 -34.86 17.62
C LYS A 672 -0.56 -33.88 16.59
N PHE A 673 -0.69 -32.62 17.00
CA PHE A 673 -1.15 -31.58 16.07
C PHE A 673 -0.19 -31.36 14.91
N HIS A 674 1.12 -31.25 15.20
CA HIS A 674 2.13 -31.05 14.13
C HIS A 674 2.08 -32.22 13.14
N ASN A 675 2.00 -33.44 13.67
CA ASN A 675 1.94 -34.65 12.84
C ASN A 675 0.70 -34.70 11.95
N THR A 676 -0.42 -34.22 12.47
CA THR A 676 -1.66 -34.12 11.71
C THR A 676 -1.49 -33.22 10.46
N VAL A 677 -0.94 -32.03 10.67
CA VAL A 677 -0.70 -31.11 9.55
C VAL A 677 0.22 -31.79 8.52
N VAL A 678 1.32 -32.38 8.99
CA VAL A 678 2.20 -33.14 8.09
C VAL A 678 1.41 -34.18 7.32
N ASN A 679 0.60 -34.97 8.02
CA ASN A 679 -0.10 -36.09 7.41
C ASN A 679 -1.13 -35.65 6.37
N PHE A 680 -1.98 -34.67 6.68
CA PHE A 680 -2.96 -34.23 5.70
C PHE A 680 -2.33 -33.52 4.48
N THR A 681 -1.22 -32.83 4.71
CA THR A 681 -0.52 -32.14 3.64
C THR A 681 0.08 -33.17 2.68
N TYR A 682 0.71 -34.19 3.24
CA TYR A 682 1.25 -35.31 2.47
C TYR A 682 0.14 -35.97 1.64
N ASP A 683 -1.00 -36.23 2.29
CA ASP A 683 -2.10 -36.89 1.61
C ASP A 683 -2.58 -36.05 0.42
N LEU A 684 -2.72 -34.73 0.63
CA LEU A 684 -3.15 -33.84 -0.44
C LEU A 684 -2.16 -33.85 -1.60
N ALA A 685 -0.86 -33.75 -1.29
CA ALA A 685 0.17 -33.82 -2.31
C ALA A 685 0.09 -35.10 -3.13
N ASN A 686 -0.19 -36.22 -2.48
CA ASN A 686 -0.30 -37.50 -3.17
C ASN A 686 -1.53 -37.57 -4.08
N LEU A 687 -2.65 -37.04 -3.58
CA LEU A 687 -3.88 -36.92 -4.36
C LEU A 687 -3.62 -36.11 -5.64
N ILE A 688 -2.93 -34.99 -5.48
CA ILE A 688 -2.66 -34.07 -6.58
C ILE A 688 -1.71 -34.70 -7.60
N ARG A 689 -0.65 -35.36 -7.12
CA ARG A 689 0.25 -36.10 -8.02
C ARG A 689 -0.49 -37.17 -8.84
N LYS A 690 -1.40 -37.91 -8.20
CA LYS A 690 -2.17 -38.95 -8.88
C LYS A 690 -3.01 -38.33 -10.02
N GLU A 691 -3.61 -37.17 -9.75
CA GLU A 691 -4.39 -36.43 -10.77
C GLU A 691 -3.56 -35.84 -11.91
N THR A 692 -2.41 -35.24 -11.57
CA THR A 692 -1.66 -34.38 -12.50
C THR A 692 -0.34 -34.97 -13.02
N GLY A 693 0.18 -35.98 -12.35
CA GLY A 693 1.52 -36.50 -12.67
C GLY A 693 2.67 -35.65 -12.12
N ILE A 694 2.35 -34.49 -11.51
CA ILE A 694 3.38 -33.59 -10.96
C ILE A 694 4.09 -34.18 -9.74
N ASN A 695 5.43 -34.21 -9.81
CA ASN A 695 6.27 -34.85 -8.79
C ASN A 695 7.19 -33.88 -8.02
N LYS A 696 7.13 -32.60 -8.37
CA LYS A 696 7.89 -31.56 -7.66
C LYS A 696 6.97 -30.83 -6.69
N VAL A 697 7.45 -30.69 -5.46
CA VAL A 697 6.70 -30.04 -4.40
C VAL A 697 7.55 -28.93 -3.81
N VAL A 698 6.96 -27.74 -3.73
CA VAL A 698 7.61 -26.57 -3.13
C VAL A 698 6.91 -26.21 -1.82
N LEU A 699 7.69 -26.02 -0.76
CA LEU A 699 7.15 -25.63 0.53
C LEU A 699 7.61 -24.22 0.84
N SER A 700 6.68 -23.30 1.05
CA SER A 700 7.05 -21.92 1.41
C SER A 700 5.96 -21.25 2.24
N GLY A 701 6.18 -20.00 2.64
CA GLY A 701 5.28 -19.32 3.56
C GLY A 701 5.88 -19.43 4.94
N GLY A 702 5.56 -18.47 5.78
CA GLY A 702 6.16 -18.32 7.10
C GLY A 702 5.92 -19.47 8.08
N SER A 703 4.87 -20.28 7.88
CA SER A 703 4.69 -21.46 8.76
C SER A 703 5.85 -22.44 8.61
N PHE A 704 6.55 -22.42 7.48
CA PHE A 704 7.69 -23.31 7.31
C PHE A 704 8.99 -22.88 8.00
N GLN A 705 8.92 -21.78 8.74
CA GLN A 705 9.91 -21.50 9.77
C GLN A 705 9.86 -22.52 10.91
N ASN A 706 8.76 -23.24 11.01
CA ASN A 706 8.64 -24.35 11.98
C ASN A 706 9.55 -25.49 11.50
N ARG A 707 10.59 -25.77 12.29
CA ARG A 707 11.62 -26.75 11.91
C ARG A 707 11.04 -28.16 11.69
N TYR A 708 10.11 -28.54 12.57
CA TYR A 708 9.50 -29.84 12.56
C TYR A 708 8.60 -30.03 11.33
N LEU A 709 7.67 -29.11 11.09
CA LEU A 709 6.84 -29.14 9.88
C LEU A 709 7.66 -29.27 8.61
N LEU A 710 8.69 -28.44 8.49
CA LEU A 710 9.53 -28.46 7.30
C LEU A 710 10.26 -29.80 7.14
N ARG A 711 10.97 -30.22 8.17
CA ARG A 711 11.79 -31.43 8.09
CA ARG A 711 11.80 -31.43 8.10
C ARG A 711 10.93 -32.69 7.89
N ARG A 712 9.86 -32.81 8.66
CA ARG A 712 9.02 -33.99 8.61
C ARG A 712 8.31 -34.11 7.27
N LEU A 713 7.86 -32.99 6.72
CA LEU A 713 7.17 -32.99 5.44
C LEU A 713 8.15 -33.29 4.31
N ILE A 714 9.33 -32.66 4.35
CA ILE A 714 10.36 -32.96 3.36
C ILE A 714 10.73 -34.46 3.41
N GLU A 715 10.91 -35.01 4.61
CA GLU A 715 11.26 -36.43 4.75
C GLU A 715 10.16 -37.34 4.22
N LYS A 716 8.93 -37.11 4.68
CA LYS A 716 7.80 -37.96 4.32
C LYS A 716 7.54 -37.96 2.80
N LEU A 717 7.57 -36.77 2.21
CA LEU A 717 7.35 -36.60 0.78
C LEU A 717 8.50 -37.23 -0.03
N SER A 718 9.73 -37.02 0.43
CA SER A 718 10.91 -37.61 -0.21
C SER A 718 10.87 -39.13 -0.21
N LEU A 719 10.42 -39.72 0.90
CA LEU A 719 10.31 -41.16 0.99
C LEU A 719 9.25 -41.72 0.04
N SER A 720 8.32 -40.87 -0.40
CA SER A 720 7.29 -41.26 -1.37
C SER A 720 7.61 -40.84 -2.80
N GLY A 721 8.88 -40.51 -3.04
CA GLY A 721 9.37 -40.26 -4.38
C GLY A 721 9.33 -38.84 -4.90
N PHE A 722 8.72 -37.92 -4.15
CA PHE A 722 8.66 -36.51 -4.57
C PHE A 722 10.04 -35.88 -4.59
N GLU A 723 10.25 -34.95 -5.52
CA GLU A 723 11.37 -34.02 -5.44
C GLU A 723 10.89 -32.78 -4.69
N VAL A 724 11.47 -32.54 -3.53
CA VAL A 724 10.95 -31.52 -2.62
C VAL A 724 11.90 -30.35 -2.50
N TYR A 725 11.35 -29.15 -2.54
CA TYR A 725 12.12 -27.92 -2.47
C TYR A 725 11.57 -26.99 -1.39
N SER A 726 12.46 -26.30 -0.70
CA SER A 726 12.05 -25.17 0.12
C SER A 726 13.11 -24.08 0.08
N ASN A 727 12.77 -22.93 0.63
CA ASN A 727 13.63 -21.75 0.65
C ASN A 727 14.89 -22.00 1.43
N SER A 728 15.96 -21.34 0.99
CA SER A 728 17.26 -21.51 1.63
C SER A 728 18.08 -20.19 1.65
N LYS A 729 18.19 -19.57 0.48
CA LYS A 729 18.94 -18.33 0.28
C LYS A 729 18.13 -17.10 0.63
N VAL A 730 16.80 -17.21 0.49
CA VAL A 730 15.89 -16.15 0.95
C VAL A 730 14.89 -16.82 1.89
N PRO A 731 14.21 -16.05 2.75
CA PRO A 731 13.33 -16.68 3.73
C PRO A 731 12.04 -17.25 3.11
N CYS A 732 11.47 -18.27 3.78
CA CYS A 732 10.14 -18.75 3.43
C CYS A 732 9.10 -17.80 4.03
N ASN A 733 9.53 -16.93 4.96
CA ASN A 733 8.64 -15.87 5.47
C ASN A 733 8.53 -14.71 4.48
N ASP A 734 7.81 -13.66 4.84
CA ASP A 734 7.55 -12.57 3.88
C ASP A 734 8.77 -11.81 3.39
N GLY A 735 9.91 -12.00 4.06
CA GLY A 735 11.22 -11.51 3.57
C GLY A 735 11.56 -12.03 2.19
N GLY A 736 10.99 -13.18 1.82
CA GLY A 736 11.28 -13.76 0.49
C GLY A 736 10.29 -13.38 -0.62
N ILE A 737 9.18 -12.74 -0.26
CA ILE A 737 8.08 -12.45 -1.20
C ILE A 737 8.54 -11.66 -2.46
N SER A 738 9.39 -10.66 -2.27
CA SER A 738 9.84 -9.82 -3.40
C SER A 738 10.56 -10.60 -4.50
N LEU A 739 11.31 -11.64 -4.14
CA LEU A 739 11.96 -12.47 -5.15
C LEU A 739 10.94 -13.24 -6.01
N GLY A 740 9.92 -13.79 -5.35
CA GLY A 740 8.83 -14.46 -6.06
C GLY A 740 8.05 -13.52 -6.98
N GLN A 741 7.70 -12.33 -6.47
CA GLN A 741 7.03 -11.31 -7.28
C GLN A 741 7.86 -10.97 -8.51
N ALA A 742 9.18 -10.86 -8.32
CA ALA A 742 10.10 -10.49 -9.40
C ALA A 742 10.13 -11.53 -10.51
N VAL A 743 10.26 -12.81 -10.16
CA VAL A 743 10.36 -13.82 -11.22
C VAL A 743 9.01 -14.13 -11.86
N ILE A 744 7.92 -13.94 -11.12
CA ILE A 744 6.60 -14.10 -11.72
C ILE A 744 6.37 -13.00 -12.76
N ALA A 745 6.65 -11.77 -12.39
CA ALA A 745 6.40 -10.66 -13.30
C ALA A 745 7.31 -10.79 -14.54
N ASN A 746 8.55 -11.23 -14.31
CA ASN A 746 9.49 -11.46 -15.40
C ASN A 746 8.99 -12.51 -16.37
N LYS A 747 8.40 -13.58 -15.86
CA LYS A 747 7.86 -14.64 -16.71
C LYS A 747 6.70 -14.13 -17.55
N ILE A 748 5.82 -13.36 -16.93
CA ILE A 748 4.73 -12.70 -17.64
C ILE A 748 5.24 -11.77 -18.78
N LEU A 749 6.26 -10.95 -18.49
CA LEU A 749 6.88 -10.07 -19.50
C LEU A 749 7.36 -10.80 -20.74
N GLU A 750 7.89 -12.00 -20.57
CA GLU A 750 8.41 -12.71 -21.74
C GLU A 750 7.37 -13.51 -22.50
N GLY A 751 6.14 -13.53 -22.00
CA GLY A 751 5.06 -14.22 -22.67
C GLY A 751 4.30 -13.35 -23.68
N SER A 752 3.34 -13.98 -24.36
CA SER A 752 2.50 -13.33 -25.37
C SER A 752 1.40 -12.43 -24.79
N ALA A 753 1.20 -12.47 -23.48
CA ALA A 753 0.12 -11.72 -22.84
C ALA A 753 0.61 -10.42 -22.23
N TRP A 754 1.70 -9.90 -22.81
CA TRP A 754 2.29 -8.64 -22.36
C TRP A 754 3.01 -7.98 -23.55
N SER A 755 3.02 -6.65 -23.60
CA SER A 755 3.85 -5.94 -24.58
C SER A 755 4.89 -5.06 -23.89
N GLY B 103 -19.91 23.09 25.29
CA GLY B 103 -20.82 22.48 24.27
C GLY B 103 -20.58 23.01 22.87
N PHE B 104 -21.49 22.65 21.95
CA PHE B 104 -21.30 22.92 20.51
C PHE B 104 -22.57 23.45 19.86
N VAL B 105 -22.40 24.14 18.74
CA VAL B 105 -23.54 24.64 17.97
C VAL B 105 -23.28 24.53 16.46
N PRO B 106 -24.35 24.29 15.67
CA PRO B 106 -24.19 24.33 14.22
C PRO B 106 -23.73 25.70 13.70
N VAL B 107 -23.11 25.68 12.54
CA VAL B 107 -22.66 26.90 11.87
C VAL B 107 -23.51 27.10 10.61
N SER B 108 -23.97 28.34 10.40
CA SER B 108 -24.74 28.67 9.21
C SER B 108 -23.87 28.58 7.95
N PRO B 109 -24.44 28.04 6.85
CA PRO B 109 -23.74 28.09 5.57
C PRO B 109 -23.66 29.52 5.04
N ASP B 110 -22.79 29.74 4.07
CA ASP B 110 -22.67 31.06 3.43
C ASP B 110 -23.86 31.27 2.51
N MET B 111 -24.35 32.49 2.43
CA MET B 111 -25.55 32.73 1.64
C MET B 111 -25.57 33.98 0.78
N GLY B 112 -26.38 33.91 -0.28
CA GLY B 112 -26.55 35.00 -1.24
C GLY B 112 -27.24 36.22 -0.65
N VAL B 113 -27.12 37.33 -1.37
CA VAL B 113 -27.62 38.64 -0.95
C VAL B 113 -29.14 38.63 -0.79
N CYS B 114 -29.63 39.20 0.30
CA CYS B 114 -31.07 39.24 0.60
C CYS B 114 -31.81 40.32 -0.20
N GLU B 115 -33.14 40.26 -0.15
CA GLU B 115 -34.04 41.24 -0.77
C GLU B 115 -33.75 42.68 -0.35
N ASP B 116 -33.54 42.87 0.95
CA ASP B 116 -33.32 44.22 1.51
C ASP B 116 -31.94 44.77 1.18
N CYS B 117 -30.94 43.90 1.21
CA CYS B 117 -29.56 44.29 0.92
C CYS B 117 -29.35 44.63 -0.55
N LEU B 118 -30.06 43.93 -1.44
CA LEU B 118 -29.95 44.14 -2.87
C LEU B 118 -30.53 45.50 -3.31
N ARG B 119 -31.58 45.95 -2.63
CA ARG B 119 -32.23 47.23 -2.92
C ARG B 119 -31.35 48.41 -2.48
N GLU B 120 -30.63 48.23 -1.37
CA GLU B 120 -29.69 49.22 -0.87
C GLU B 120 -28.47 49.35 -1.78
N LEU B 121 -28.02 48.22 -2.31
CA LEU B 121 -26.89 48.14 -3.24
C LEU B 121 -27.13 48.97 -4.50
N LYS B 122 -28.36 48.96 -4.99
CA LYS B 122 -28.70 49.63 -6.25
C LYS B 122 -29.41 50.98 -6.04
N ASP B 123 -29.45 51.44 -4.79
CA ASP B 123 -30.08 52.71 -4.44
C ASP B 123 -29.06 53.86 -4.49
N PRO B 124 -29.27 54.83 -5.40
CA PRO B 124 -28.35 55.96 -5.59
C PRO B 124 -28.14 56.82 -4.33
N LYS B 125 -29.16 56.92 -3.49
CA LYS B 125 -29.11 57.79 -2.30
C LYS B 125 -28.55 57.08 -1.06
N ASP B 126 -28.58 55.75 -1.07
CA ASP B 126 -28.05 54.94 0.03
C ASP B 126 -26.53 55.05 0.11
N ARG B 127 -26.00 55.20 1.32
CA ARG B 127 -24.56 55.39 1.53
C ARG B 127 -23.72 54.13 1.23
N ARG B 128 -24.39 53.00 1.06
CA ARG B 128 -23.72 51.76 0.67
C ARG B 128 -23.98 51.42 -0.81
N TYR B 129 -24.14 52.46 -1.62
CA TYR B 129 -24.32 52.32 -3.06
C TYR B 129 -23.07 51.77 -3.72
N ARG B 130 -23.24 50.73 -4.53
CA ARG B 130 -22.14 50.06 -5.24
C ARG B 130 -21.09 49.46 -4.30
N TYR B 131 -21.45 49.31 -3.01
CA TYR B 131 -20.56 48.71 -2.03
C TYR B 131 -20.45 47.19 -2.24
N PRO B 132 -19.23 46.70 -2.55
CA PRO B 132 -19.02 45.32 -2.97
C PRO B 132 -19.27 44.24 -1.90
N PHE B 133 -19.46 44.64 -0.64
CA PHE B 133 -19.54 43.66 0.45
C PHE B 133 -20.77 43.78 1.36
N ILE B 134 -21.85 44.34 0.84
CA ILE B 134 -23.09 44.52 1.61
C ILE B 134 -23.54 43.21 2.28
N ASN B 135 -23.72 43.26 3.60
CA ASN B 135 -24.17 42.12 4.41
C ASN B 135 -25.17 42.59 5.45
N CYS B 136 -25.88 41.64 6.06
CA CYS B 136 -26.67 41.91 7.27
C CYS B 136 -26.93 40.62 8.06
N THR B 137 -27.90 40.70 8.96
CA THR B 137 -28.29 39.58 9.80
C THR B 137 -28.96 38.44 8.98
N ASN B 138 -29.24 38.73 7.71
CA ASN B 138 -30.03 37.84 6.84
C ASN B 138 -29.33 37.31 5.59
N CYS B 139 -28.10 37.77 5.33
CA CYS B 139 -27.36 37.33 4.15
C CYS B 139 -25.84 37.43 4.28
N GLY B 140 -25.14 36.89 3.29
CA GLY B 140 -23.69 37.05 3.18
C GLY B 140 -22.91 35.85 3.68
N PRO B 141 -21.57 35.94 3.65
CA PRO B 141 -20.71 34.84 4.07
C PRO B 141 -20.87 34.51 5.56
N ARG B 142 -20.91 33.22 5.88
CA ARG B 142 -20.94 32.78 7.27
C ARG B 142 -19.82 31.77 7.54
N PHE B 143 -20.01 30.52 7.12
CA PHE B 143 -19.02 29.45 7.32
C PHE B 143 -17.64 29.82 6.78
N SER B 144 -17.62 30.33 5.55
CA SER B 144 -16.39 30.71 4.87
C SER B 144 -15.49 31.67 5.65
N ILE B 145 -16.06 32.45 6.57
CA ILE B 145 -15.30 33.44 7.35
C ILE B 145 -15.25 33.18 8.87
N ILE B 146 -16.02 32.19 9.34
CA ILE B 146 -16.08 31.85 10.76
C ILE B 146 -14.83 31.08 11.20
N GLU B 147 -14.15 31.62 12.21
CA GLU B 147 -12.94 31.01 12.74
C GLU B 147 -13.24 30.10 13.94
N ASP B 148 -14.30 30.44 14.67
CA ASP B 148 -14.64 29.77 15.93
C ASP B 148 -16.02 30.24 16.42
N ILE B 149 -16.58 29.50 17.38
CA ILE B 149 -17.85 29.86 18.01
C ILE B 149 -17.67 30.12 19.53
N PRO B 150 -18.62 30.79 20.21
CA PRO B 150 -19.86 31.44 19.77
C PRO B 150 -19.62 32.51 18.70
N TYR B 151 -20.55 32.59 17.75
CA TYR B 151 -20.44 33.54 16.63
C TYR B 151 -20.45 34.99 17.10
N ASP B 152 -19.32 35.65 16.85
CA ASP B 152 -19.11 37.06 17.15
C ASP B 152 -18.11 37.60 16.13
N ARG B 153 -18.11 38.92 15.94
CA ARG B 153 -17.21 39.57 14.98
C ARG B 153 -15.74 39.15 15.17
N ALA B 154 -15.24 39.25 16.40
CA ALA B 154 -13.85 38.90 16.73
C ALA B 154 -13.50 37.44 16.44
N LYS B 155 -14.52 36.60 16.26
CA LYS B 155 -14.32 35.19 15.89
C LYS B 155 -14.68 34.94 14.43
N THR B 156 -14.54 35.98 13.62
CA THR B 156 -14.69 35.91 12.17
C THR B 156 -13.54 36.64 11.50
N SER B 157 -13.51 36.57 10.17
CA SER B 157 -12.51 37.26 9.35
C SER B 157 -12.68 38.79 9.40
N MET B 158 -13.79 39.24 9.99
CA MET B 158 -14.10 40.67 10.13
C MET B 158 -13.43 41.32 11.36
N LYS B 159 -12.53 40.59 12.01
CA LYS B 159 -11.82 41.08 13.19
C LYS B 159 -10.78 42.15 12.85
N VAL B 160 -10.33 42.15 11.59
CA VAL B 160 -9.30 43.08 11.13
C VAL B 160 -9.86 44.36 10.48
N PHE B 161 -11.19 44.52 10.54
CA PHE B 161 -11.87 45.71 10.00
C PHE B 161 -12.77 46.35 11.07
N PRO B 162 -12.19 47.25 11.90
CA PRO B 162 -12.93 47.97 12.95
C PRO B 162 -14.23 48.62 12.48
N SER B 168 -21.54 51.01 12.84
CA SER B 168 -20.94 51.86 13.88
C SER B 168 -21.98 52.26 14.93
N ARG B 169 -22.82 53.23 14.58
CA ARG B 169 -23.86 53.70 15.49
C ARG B 169 -25.20 53.00 15.26
N GLU B 170 -25.50 52.69 14.00
CA GLU B 170 -26.72 51.98 13.64
C GLU B 170 -26.75 50.55 14.18
N TYR B 171 -25.58 50.06 14.58
CA TYR B 171 -25.43 48.80 15.29
C TYR B 171 -26.05 48.91 16.68
N HIS B 172 -25.90 50.06 17.31
CA HIS B 172 -26.43 50.33 18.66
C HIS B 172 -27.84 50.93 18.64
N ASP B 173 -28.34 51.24 17.44
CA ASP B 173 -29.69 51.80 17.26
C ASP B 173 -30.74 50.69 17.30
N PRO B 174 -31.58 50.66 18.35
CA PRO B 174 -32.59 49.61 18.53
C PRO B 174 -33.60 49.52 17.39
N HIS B 175 -34.00 50.65 16.84
CA HIS B 175 -34.93 50.69 15.71
C HIS B 175 -34.20 50.84 14.36
N ASP B 176 -33.22 49.97 14.14
CA ASP B 176 -32.50 49.85 12.88
C ASP B 176 -32.41 48.36 12.51
N ARG B 177 -32.35 48.08 11.21
CA ARG B 177 -32.32 46.69 10.74
C ARG B 177 -30.94 46.04 10.86
N ARG B 178 -29.94 46.82 11.26
CA ARG B 178 -28.58 46.32 11.52
C ARG B 178 -28.22 46.43 13.00
N PHE B 179 -29.24 46.38 13.85
CA PHE B 179 -29.08 46.35 15.30
C PHE B 179 -28.52 44.99 15.71
N HIS B 180 -27.37 45.02 16.37
CA HIS B 180 -26.62 43.81 16.77
C HIS B 180 -26.32 42.88 15.60
N ALA B 181 -25.86 43.47 14.50
CA ALA B 181 -25.47 42.76 13.29
C ALA B 181 -23.95 42.71 13.21
N GLN B 182 -23.41 41.49 13.25
CA GLN B 182 -21.97 41.26 13.40
C GLN B 182 -21.07 41.58 12.19
N PRO B 183 -21.57 41.40 10.94
CA PRO B 183 -20.67 41.65 9.81
C PRO B 183 -20.81 43.05 9.18
N VAL B 184 -21.02 44.08 9.99
CA VAL B 184 -21.17 45.45 9.48
C VAL B 184 -19.83 46.09 9.10
N ALA B 185 -19.84 46.94 8.08
CA ALA B 185 -18.64 47.66 7.65
C ALA B 185 -18.95 49.08 7.16
N GLU B 204 -12.33 48.95 -11.42
CA GLU B 204 -11.76 47.69 -10.98
C GLU B 204 -12.71 46.53 -11.28
N ILE B 205 -13.97 46.70 -10.91
CA ILE B 205 -15.05 45.80 -11.33
C ILE B 205 -15.43 46.13 -12.78
N LYS B 206 -15.03 47.32 -13.21
CA LYS B 206 -15.22 47.81 -14.57
C LYS B 206 -14.03 47.39 -15.43
N CYS B 207 -12.93 47.03 -14.76
CA CYS B 207 -11.72 46.57 -15.45
C CYS B 207 -11.78 45.08 -15.79
N VAL B 208 -12.40 44.28 -14.93
CA VAL B 208 -12.61 42.86 -15.22
C VAL B 208 -13.69 42.68 -16.29
N ALA B 209 -14.68 43.57 -16.29
CA ALA B 209 -15.74 43.56 -17.30
C ALA B 209 -15.19 43.76 -18.71
N LYS B 210 -14.27 44.71 -18.87
CA LYS B 210 -13.64 44.96 -20.17
C LYS B 210 -12.63 43.88 -20.54
N ALA B 211 -12.09 43.21 -19.53
CA ALA B 211 -11.14 42.13 -19.74
C ALA B 211 -11.84 40.87 -20.23
N LEU B 212 -13.13 40.77 -19.93
CA LEU B 212 -13.94 39.61 -20.32
C LEU B 212 -14.57 39.77 -21.70
N LYS B 213 -14.84 41.02 -22.09
CA LYS B 213 -15.41 41.30 -23.40
C LYS B 213 -14.34 41.27 -24.50
N GLU B 214 -13.08 41.11 -24.09
CA GLU B 214 -11.98 40.93 -25.04
C GLU B 214 -11.51 39.48 -25.10
N GLY B 215 -12.08 38.64 -24.24
CA GLY B 215 -11.87 37.19 -24.28
C GLY B 215 -10.78 36.65 -23.38
N LYS B 216 -10.45 37.38 -22.32
CA LYS B 216 -9.38 36.97 -21.41
C LYS B 216 -9.93 36.20 -20.20
N ILE B 217 -9.03 35.67 -19.37
CA ILE B 217 -9.41 34.89 -18.20
C ILE B 217 -9.18 35.70 -16.92
N VAL B 218 -10.23 35.83 -16.11
CA VAL B 218 -10.16 36.58 -14.86
C VAL B 218 -10.37 35.69 -13.64
N ALA B 219 -9.51 35.85 -12.65
CA ALA B 219 -9.68 35.18 -11.37
C ALA B 219 -10.41 36.13 -10.43
N ILE B 220 -11.53 35.66 -9.88
CA ILE B 220 -12.34 36.49 -9.00
C ILE B 220 -12.44 35.88 -7.60
N LYS B 221 -12.13 36.68 -6.58
CA LYS B 221 -12.26 36.22 -5.20
C LYS B 221 -13.71 36.30 -4.75
N GLY B 222 -14.35 35.13 -4.69
CA GLY B 222 -15.74 35.01 -4.28
C GLY B 222 -15.87 34.69 -2.81
N ILE B 223 -16.98 34.07 -2.45
CA ILE B 223 -17.28 33.79 -1.05
C ILE B 223 -16.53 32.56 -0.52
N GLY B 224 -16.45 31.50 -1.31
CA GLY B 224 -15.76 30.28 -0.89
C GLY B 224 -14.36 30.10 -1.46
N GLY B 225 -13.88 31.12 -2.17
CA GLY B 225 -12.57 31.07 -2.77
C GLY B 225 -12.56 31.72 -4.14
N PHE B 226 -11.58 31.35 -4.95
CA PHE B 226 -11.42 31.95 -6.27
C PHE B 226 -12.13 31.17 -7.36
N HIS B 227 -12.60 31.89 -8.36
CA HIS B 227 -13.23 31.27 -9.52
C HIS B 227 -12.68 31.88 -10.80
N LEU B 228 -12.56 31.05 -11.83
CA LEU B 228 -12.05 31.49 -13.12
C LEU B 228 -13.21 31.73 -14.08
N ALA B 229 -13.22 32.92 -14.69
CA ALA B 229 -14.33 33.34 -15.54
C ALA B 229 -13.91 33.76 -16.94
N VAL B 230 -14.70 33.37 -17.93
CA VAL B 230 -14.56 33.83 -19.32
C VAL B 230 -15.94 33.99 -19.94
N ASN B 231 -16.02 34.74 -21.03
CA ASN B 231 -17.26 34.92 -21.79
C ASN B 231 -17.77 33.57 -22.27
N ALA B 232 -19.01 33.25 -21.90
CA ALA B 232 -19.61 31.96 -22.24
C ALA B 232 -20.15 31.88 -23.67
N LEU B 233 -19.97 32.98 -24.42
CA LEU B 233 -20.35 33.08 -25.83
C LEU B 233 -19.12 33.15 -26.73
N ASP B 234 -17.95 33.33 -26.11
CA ASP B 234 -16.68 33.41 -26.82
C ASP B 234 -16.07 32.02 -26.91
N ASP B 235 -16.14 31.40 -28.10
CA ASP B 235 -15.66 30.02 -28.25
C ASP B 235 -14.14 29.81 -28.44
N GLU B 236 -13.37 30.89 -28.31
CA GLU B 236 -11.91 30.75 -28.18
C GLU B 236 -11.42 31.05 -26.76
N ALA B 237 -12.19 31.87 -26.03
CA ALA B 237 -11.89 32.19 -24.62
C ALA B 237 -12.16 31.00 -23.71
N VAL B 238 -13.05 30.11 -24.14
CA VAL B 238 -13.33 28.89 -23.40
C VAL B 238 -12.31 27.80 -23.72
N ALA B 239 -11.90 27.73 -24.99
CA ALA B 239 -10.90 26.77 -25.44
C ALA B 239 -9.57 27.01 -24.73
N THR B 240 -9.20 28.28 -24.63
CA THR B 240 -7.97 28.71 -23.93
C THR B 240 -8.03 28.32 -22.44
N LEU B 241 -9.20 28.48 -21.82
CA LEU B 241 -9.38 28.11 -20.42
C LEU B 241 -9.12 26.61 -20.20
N ARG B 242 -9.67 25.78 -21.09
CA ARG B 242 -9.48 24.32 -21.04
C ARG B 242 -8.03 23.88 -21.28
N ARG B 243 -7.29 24.66 -22.05
CA ARG B 243 -5.87 24.36 -22.30
C ARG B 243 -5.00 24.72 -21.09
N ARG B 244 -5.15 25.94 -20.61
CA ARG B 244 -4.37 26.45 -19.48
C ARG B 244 -4.67 25.68 -18.19
N LYS B 245 -5.95 25.41 -17.94
CA LYS B 245 -6.33 24.66 -16.74
C LYS B 245 -6.11 23.17 -16.87
N LYS B 246 -5.97 22.71 -18.08
CA LYS B 246 -5.82 21.28 -18.39
C LYS B 246 -7.03 20.44 -17.93
N ARG B 247 -8.21 21.02 -18.05
CA ARG B 247 -9.47 20.34 -17.75
C ARG B 247 -10.22 20.11 -19.06
N TYR B 248 -9.93 18.98 -19.70
CA TYR B 248 -10.30 18.76 -21.11
C TYR B 248 -11.74 18.34 -21.39
N GLY B 249 -12.34 17.56 -20.48
CA GLY B 249 -13.64 16.93 -20.75
C GLY B 249 -14.84 17.43 -19.97
N LYS B 250 -14.65 17.61 -18.66
CA LYS B 250 -15.76 17.98 -17.77
C LYS B 250 -16.46 19.29 -18.17
N PRO B 251 -17.79 19.35 -18.06
CA PRO B 251 -18.56 20.53 -18.47
C PRO B 251 -18.39 21.72 -17.52
N PHE B 252 -18.32 22.92 -18.07
CA PHE B 252 -18.22 24.12 -17.25
C PHE B 252 -19.59 24.59 -16.78
N ALA B 253 -19.64 25.01 -15.51
CA ALA B 253 -20.80 25.74 -15.01
C ALA B 253 -20.76 27.20 -15.49
N VAL B 254 -21.93 27.83 -15.58
CA VAL B 254 -22.05 29.18 -16.12
C VAL B 254 -22.94 30.04 -15.22
N MET B 255 -22.53 31.27 -14.97
CA MET B 255 -23.37 32.22 -14.24
C MET B 255 -24.10 33.13 -15.22
N MET B 256 -25.38 33.36 -14.93
CA MET B 256 -26.23 34.28 -15.68
C MET B 256 -26.89 35.26 -14.71
N ARG B 257 -27.29 36.43 -15.21
CA ARG B 257 -27.78 37.51 -14.35
C ARG B 257 -29.19 37.29 -13.79
N ASP B 258 -30.03 36.62 -14.59
CA ASP B 258 -31.48 36.69 -14.41
C ASP B 258 -32.14 35.37 -14.76
N VAL B 259 -33.19 35.01 -14.04
CA VAL B 259 -34.02 33.84 -14.37
C VAL B 259 -34.59 33.97 -15.79
N GLU B 260 -34.87 35.21 -16.19
CA GLU B 260 -35.31 35.50 -17.56
C GLU B 260 -34.22 35.19 -18.58
N GLU B 261 -32.96 35.52 -18.24
CA GLU B 261 -31.83 35.20 -19.12
C GLU B 261 -31.57 33.69 -19.19
N VAL B 262 -31.79 32.98 -18.10
CA VAL B 262 -31.65 31.53 -18.06
C VAL B 262 -32.63 30.88 -19.04
N LYS B 263 -33.88 31.37 -19.02
CA LYS B 263 -34.95 30.86 -19.87
C LYS B 263 -34.66 30.97 -21.38
N LYS B 264 -33.71 31.82 -21.75
CA LYS B 264 -33.30 31.95 -23.15
C LYS B 264 -32.37 30.82 -23.59
N TYR B 265 -31.77 30.13 -22.62
CA TYR B 265 -30.84 29.05 -22.89
C TYR B 265 -31.31 27.68 -22.38
N CYS B 266 -32.27 27.68 -21.45
CA CYS B 266 -32.69 26.45 -20.75
C CYS B 266 -34.18 26.37 -20.44
N ILE B 267 -34.67 25.15 -20.26
CA ILE B 267 -36.00 24.90 -19.69
C ILE B 267 -35.91 25.10 -18.18
N VAL B 268 -36.85 25.87 -17.62
CA VAL B 268 -36.86 26.11 -16.17
C VAL B 268 -38.24 25.87 -15.53
N SER B 269 -38.36 24.76 -14.79
CA SER B 269 -39.55 24.42 -14.02
C SER B 269 -39.71 25.42 -12.86
N PRO B 270 -40.94 25.51 -12.28
CA PRO B 270 -41.12 26.29 -11.05
C PRO B 270 -40.25 25.78 -9.88
N GLU B 271 -39.98 24.48 -9.86
CA GLU B 271 -39.17 23.87 -8.79
C GLU B 271 -37.69 24.17 -8.99
N GLU B 272 -37.27 24.21 -10.25
CA GLU B 272 -35.89 24.54 -10.62
C GLU B 272 -35.61 26.03 -10.49
N GLU B 273 -36.64 26.85 -10.70
CA GLU B 273 -36.53 28.29 -10.46
C GLU B 273 -36.32 28.55 -8.97
N ARG B 274 -37.10 27.87 -8.14
CA ARG B 274 -37.02 27.98 -6.68
C ARG B 274 -35.62 27.66 -6.17
N LEU B 275 -35.00 26.60 -6.71
CA LEU B 275 -33.63 26.22 -6.36
C LEU B 275 -32.58 27.24 -6.82
N LEU B 276 -32.79 27.84 -7.99
CA LEU B 276 -31.90 28.91 -8.46
C LEU B 276 -31.98 30.16 -7.59
N LEU B 277 -33.21 30.57 -7.27
CA LEU B 277 -33.44 31.84 -6.57
C LEU B 277 -33.18 31.77 -5.05
N SER B 278 -33.16 30.55 -4.50
CA SER B 278 -32.86 30.35 -3.07
C SER B 278 -31.56 31.06 -2.67
N GLN B 279 -31.51 31.53 -1.44
CA GLN B 279 -30.31 32.17 -0.90
C GLN B 279 -29.08 31.24 -0.86
N ARG B 280 -29.31 29.93 -0.84
CA ARG B 280 -28.22 28.95 -0.91
C ARG B 280 -27.45 29.10 -2.23
N ARG B 281 -28.14 29.58 -3.27
CA ARG B 281 -27.54 29.95 -4.56
C ARG B 281 -26.60 28.90 -5.19
N PRO B 282 -27.14 27.72 -5.52
CA PRO B 282 -26.29 26.68 -6.12
C PRO B 282 -26.25 26.75 -7.64
N ILE B 283 -25.35 25.98 -8.24
CA ILE B 283 -25.46 25.62 -9.64
C ILE B 283 -26.63 24.65 -9.78
N VAL B 284 -27.50 24.89 -10.75
CA VAL B 284 -28.66 24.05 -10.98
C VAL B 284 -28.59 23.47 -12.39
N LEU B 285 -28.61 22.14 -12.48
CA LEU B 285 -28.57 21.44 -13.77
C LEU B 285 -29.91 21.52 -14.48
N LEU B 286 -29.89 22.03 -15.71
CA LEU B 286 -31.12 22.31 -16.46
C LEU B 286 -31.04 21.82 -17.90
N LYS B 287 -32.18 21.41 -18.46
CA LYS B 287 -32.26 20.96 -19.85
C LYS B 287 -32.02 22.14 -20.80
N LYS B 288 -31.09 21.94 -21.75
CA LYS B 288 -30.80 22.97 -22.76
C LYS B 288 -31.96 23.11 -23.73
N LYS B 289 -32.31 24.35 -24.06
CA LYS B 289 -33.30 24.67 -25.10
C LYS B 289 -33.20 26.12 -25.58
N GLY B 290 -33.23 26.29 -26.90
CA GLY B 290 -33.20 27.62 -27.50
C GLY B 290 -31.82 28.02 -27.96
N GLU B 291 -31.36 29.17 -27.47
CA GLU B 291 -30.06 29.71 -27.85
C GLU B 291 -28.91 28.92 -27.24
N LYS B 292 -27.82 28.80 -28.00
CA LYS B 292 -26.66 28.02 -27.58
C LYS B 292 -25.53 28.90 -27.01
N LEU B 293 -24.79 28.32 -26.07
CA LEU B 293 -23.56 28.94 -25.57
C LEU B 293 -22.38 28.54 -26.47
N ALA B 294 -21.19 29.06 -26.14
CA ALA B 294 -19.97 28.78 -26.91
C ALA B 294 -19.63 27.28 -26.98
N LYS B 295 -18.78 26.93 -27.95
CA LYS B 295 -18.27 25.56 -28.07
C LYS B 295 -17.32 25.23 -26.93
N GLY B 296 -17.53 24.09 -26.29
CA GLY B 296 -16.65 23.62 -25.22
C GLY B 296 -17.11 23.94 -23.81
N ILE B 297 -18.39 24.28 -23.67
CA ILE B 297 -19.02 24.47 -22.37
C ILE B 297 -19.59 23.13 -21.89
N ALA B 298 -20.56 22.61 -22.63
CA ALA B 298 -21.23 21.36 -22.29
C ALA B 298 -21.48 20.53 -23.54
N ASP B 299 -20.44 20.37 -24.35
CA ASP B 299 -20.54 19.64 -25.63
C ASP B 299 -21.00 18.21 -25.38
N ASP B 300 -21.89 17.73 -26.25
CA ASP B 300 -22.42 16.36 -26.22
C ASP B 300 -23.26 16.01 -24.98
N LEU B 301 -23.60 17.05 -24.21
CA LEU B 301 -24.54 16.91 -23.09
C LEU B 301 -25.78 17.75 -23.35
N ASP B 302 -26.93 17.24 -22.93
CA ASP B 302 -28.20 17.92 -23.16
C ASP B 302 -28.59 18.82 -21.98
N THR B 303 -27.68 18.96 -21.04
CA THR B 303 -27.93 19.77 -19.85
C THR B 303 -26.86 20.85 -19.68
N LEU B 304 -27.23 21.90 -18.95
CA LEU B 304 -26.33 22.98 -18.62
C LEU B 304 -26.40 23.22 -17.12
N GLY B 305 -25.25 23.42 -16.50
CA GLY B 305 -25.18 23.79 -15.08
C GLY B 305 -25.17 25.29 -14.95
N VAL B 306 -26.24 25.85 -14.37
CA VAL B 306 -26.41 27.29 -14.31
C VAL B 306 -26.61 27.81 -12.88
N MET B 307 -26.01 28.96 -12.58
CA MET B 307 -26.23 29.63 -11.31
C MET B 307 -26.45 31.14 -11.46
N LEU B 308 -27.13 31.71 -10.48
CA LEU B 308 -27.40 33.14 -10.43
C LEU B 308 -26.37 33.84 -9.52
N PRO B 309 -26.30 35.18 -9.57
CA PRO B 309 -25.38 35.92 -8.71
C PRO B 309 -25.61 35.62 -7.24
N TYR B 310 -24.54 35.48 -6.47
CA TYR B 310 -24.65 35.19 -5.04
C TYR B 310 -23.96 36.22 -4.16
N ALA B 311 -23.03 36.98 -4.75
CA ALA B 311 -22.30 38.02 -4.02
C ALA B 311 -22.57 39.38 -4.65
N PRO B 312 -22.47 40.46 -3.83
CA PRO B 312 -22.75 41.79 -4.37
C PRO B 312 -21.94 42.08 -5.63
N ILE B 313 -20.69 41.62 -5.67
CA ILE B 313 -19.80 41.86 -6.81
C ILE B 313 -20.33 41.31 -8.14
N HIS B 314 -21.04 40.18 -8.09
CA HIS B 314 -21.63 39.61 -9.30
C HIS B 314 -22.72 40.52 -9.88
N TYR B 315 -23.59 41.04 -9.01
CA TYR B 315 -24.65 41.95 -9.42
C TYR B 315 -24.11 43.18 -10.14
N LEU B 316 -23.00 43.71 -9.64
CA LEU B 316 -22.34 44.88 -10.22
C LEU B 316 -21.74 44.57 -11.59
N LEU B 317 -21.16 43.39 -11.72
CA LEU B 317 -20.53 42.97 -12.97
C LEU B 317 -21.56 42.82 -14.10
N MET B 318 -22.74 42.31 -13.74
CA MET B 318 -23.82 42.05 -14.70
C MET B 318 -24.39 43.32 -15.34
N GLU B 319 -24.37 44.42 -14.58
CA GLU B 319 -24.74 45.75 -15.09
C GLU B 319 -23.68 46.24 -16.09
N GLU B 320 -22.46 45.72 -15.94
CA GLU B 320 -21.33 46.12 -16.78
C GLU B 320 -20.99 45.09 -17.88
N ILE B 321 -21.79 44.04 -17.98
CA ILE B 321 -21.49 43.04 -18.97
C ILE B 321 -22.73 42.51 -19.66
N ASP B 322 -22.52 41.87 -20.83
CA ASP B 322 -23.58 41.59 -21.80
C ASP B 322 -24.02 40.12 -21.81
N PHE B 323 -23.08 39.23 -21.48
CA PHE B 323 -23.23 37.80 -21.74
C PHE B 323 -23.17 36.96 -20.48
N PRO B 324 -23.69 35.72 -20.55
CA PRO B 324 -23.42 34.71 -19.53
C PRO B 324 -21.92 34.45 -19.36
N ILE B 325 -21.52 33.98 -18.20
CA ILE B 325 -20.11 33.85 -17.85
C ILE B 325 -19.84 32.49 -17.20
N VAL B 326 -18.72 31.87 -17.58
CA VAL B 326 -18.34 30.63 -16.93
C VAL B 326 -17.77 30.94 -15.55
N MET B 327 -17.94 29.99 -14.64
CA MET B 327 -17.35 30.05 -13.32
C MET B 327 -16.85 28.66 -12.96
N THR B 328 -15.54 28.51 -12.99
CA THR B 328 -14.86 27.27 -12.65
C THR B 328 -13.98 27.58 -11.44
N SER B 329 -13.81 26.59 -10.55
CA SER B 329 -13.00 26.79 -9.35
C SER B 329 -11.58 27.25 -9.70
N GLY B 330 -11.08 28.21 -8.91
CA GLY B 330 -9.75 28.78 -9.11
C GLY B 330 -8.65 27.87 -8.62
N ASN B 331 -8.17 27.01 -9.53
CA ASN B 331 -7.10 26.04 -9.27
C ASN B 331 -6.73 25.32 -10.55
N VAL B 332 -5.55 24.74 -10.62
CA VAL B 332 -5.24 23.82 -11.70
C VAL B 332 -6.01 22.52 -11.42
N SER B 333 -6.49 21.87 -12.47
CA SER B 333 -7.32 20.66 -12.33
C SER B 333 -6.78 19.68 -11.28
N GLU B 334 -7.70 19.13 -10.50
CA GLU B 334 -7.42 18.10 -9.48
C GLU B 334 -6.73 18.63 -8.22
N GLU B 335 -6.61 19.95 -8.10
CA GLU B 335 -6.08 20.58 -6.89
C GLU B 335 -7.17 21.41 -6.20
N PRO B 336 -7.12 21.52 -4.85
CA PRO B 336 -8.07 22.31 -4.08
C PRO B 336 -8.22 23.78 -4.53
N ILE B 337 -9.45 24.28 -4.47
CA ILE B 337 -9.75 25.68 -4.79
C ILE B 337 -8.95 26.64 -3.92
N CYS B 338 -8.30 27.62 -4.56
CA CYS B 338 -7.53 28.63 -3.84
C CYS B 338 -8.40 29.54 -2.99
N LYS B 339 -7.92 29.88 -1.80
CA LYS B 339 -8.67 30.75 -0.89
C LYS B 339 -7.89 32.00 -0.51
N ASP B 340 -6.56 31.88 -0.47
CA ASP B 340 -5.69 32.96 -0.04
C ASP B 340 -5.30 33.89 -1.17
N ASN B 341 -5.16 35.16 -0.84
CA ASN B 341 -4.85 36.21 -1.80
C ASN B 341 -3.56 35.90 -2.57
N GLU B 342 -2.48 35.71 -1.83
CA GLU B 342 -1.16 35.41 -2.40
C GLU B 342 -1.06 34.02 -3.02
N GLU B 343 -1.86 33.09 -2.50
CA GLU B 343 -1.91 31.71 -3.04
C GLU B 343 -2.32 31.69 -4.52
N ALA B 344 -3.40 32.41 -4.83
CA ALA B 344 -3.97 32.40 -6.19
C ALA B 344 -3.01 32.97 -7.23
N LEU B 345 -2.30 34.04 -6.87
CA LEU B 345 -1.34 34.68 -7.76
C LEU B 345 -0.22 33.73 -8.18
N GLU B 346 0.26 32.95 -7.23
CA GLU B 346 1.36 32.00 -7.48
C GLU B 346 0.90 30.80 -8.30
N LYS B 347 -0.20 30.19 -7.88
CA LYS B 347 -0.70 28.97 -8.50
C LYS B 347 -1.34 29.20 -9.87
N LEU B 348 -2.03 30.32 -10.02
CA LEU B 348 -2.75 30.61 -11.26
C LEU B 348 -2.02 31.58 -12.20
N LYS B 349 -0.68 31.58 -12.11
CA LYS B 349 0.18 32.38 -12.98
C LYS B 349 -0.06 32.07 -14.47
N ASP B 350 -0.13 30.78 -14.79
CA ASP B 350 -0.26 30.32 -16.17
C ASP B 350 -1.73 30.15 -16.58
N ILE B 351 -2.64 30.71 -15.78
CA ILE B 351 -4.07 30.55 -16.02
C ILE B 351 -4.73 31.91 -16.22
N ALA B 352 -4.95 32.62 -15.12
CA ALA B 352 -5.65 33.90 -15.12
C ALA B 352 -4.75 35.02 -15.63
N ASP B 353 -5.28 35.79 -16.58
CA ASP B 353 -4.57 36.97 -17.09
C ASP B 353 -4.60 38.08 -16.06
N VAL B 354 -5.75 38.28 -15.43
CA VAL B 354 -5.93 39.28 -14.38
C VAL B 354 -6.68 38.74 -13.16
N PHE B 355 -6.48 39.39 -12.02
CA PHE B 355 -7.03 38.95 -10.75
C PHE B 355 -7.86 40.06 -10.09
N LEU B 356 -9.03 39.69 -9.56
CA LEU B 356 -9.78 40.58 -8.69
C LEU B 356 -9.63 40.10 -7.25
N LEU B 357 -8.64 40.66 -6.57
CA LEU B 357 -8.27 40.24 -5.22
C LEU B 357 -9.15 40.92 -4.17
N ASN B 358 -9.03 40.46 -2.93
CA ASN B 358 -9.91 40.91 -1.87
C ASN B 358 -9.19 41.31 -0.58
N ASN B 359 -9.81 42.23 0.16
CA ASN B 359 -9.28 42.72 1.43
C ASN B 359 -9.55 41.70 2.55
N ARG B 360 -10.56 40.86 2.34
CA ARG B 360 -11.08 39.96 3.36
C ARG B 360 -10.56 38.52 3.21
N ASP B 361 -10.09 37.94 4.32
CA ASP B 361 -9.56 36.58 4.34
C ASP B 361 -10.65 35.53 4.25
N ILE B 362 -10.39 34.49 3.47
CA ILE B 362 -11.22 33.28 3.48
C ILE B 362 -10.56 32.28 4.41
N VAL B 363 -11.20 31.99 5.54
CA VAL B 363 -10.62 31.05 6.53
C VAL B 363 -10.81 29.59 6.13
N ASN B 364 -11.91 29.30 5.45
CA ASN B 364 -12.09 27.98 4.87
C ASN B 364 -12.81 28.00 3.55
N ARG B 365 -12.07 27.56 2.53
CA ARG B 365 -12.55 27.45 1.17
C ARG B 365 -13.74 26.48 1.10
N ILE B 366 -14.65 26.75 0.16
CA ILE B 366 -15.80 25.89 -0.06
C ILE B 366 -16.32 26.10 -1.49
N ASP B 367 -16.52 24.99 -2.20
CA ASP B 367 -16.91 25.01 -3.61
C ASP B 367 -18.38 25.34 -3.81
N ASP B 368 -18.70 25.83 -5.00
CA ASP B 368 -20.09 26.00 -5.41
C ASP B 368 -20.81 24.65 -5.34
N SER B 369 -22.04 24.65 -4.84
CA SER B 369 -22.87 23.44 -4.85
C SER B 369 -23.43 23.24 -6.25
N VAL B 370 -23.75 21.99 -6.56
CA VAL B 370 -24.41 21.60 -7.81
C VAL B 370 -25.62 20.75 -7.45
N THR B 371 -26.78 21.14 -7.96
CA THR B 371 -28.04 20.47 -7.64
C THR B 371 -28.92 20.34 -8.87
N SER B 372 -30.09 19.73 -8.67
CA SER B 372 -31.10 19.57 -9.70
C SER B 372 -32.43 19.27 -9.01
N PHE B 373 -33.49 19.20 -9.80
CA PHE B 373 -34.78 18.76 -9.31
C PHE B 373 -35.26 17.67 -10.25
N ASN B 374 -35.61 16.52 -9.69
CA ASN B 374 -36.03 15.38 -10.50
C ASN B 374 -36.89 14.45 -9.67
N ALA B 375 -37.95 13.94 -10.28
CA ALA B 375 -38.84 12.97 -9.65
C ALA B 375 -39.34 13.45 -8.28
N GLY B 376 -39.91 14.66 -8.26
CA GLY B 376 -40.62 15.20 -7.10
C GLY B 376 -39.78 15.73 -5.94
N ALA B 377 -38.47 15.78 -6.10
CA ALA B 377 -37.60 16.34 -5.06
C ALA B 377 -36.28 16.88 -5.61
N GLU B 378 -35.66 17.76 -4.83
CA GLU B 378 -34.29 18.19 -5.09
C GLU B 378 -33.33 16.99 -5.08
N ARG B 379 -32.39 16.97 -6.03
CA ARG B 379 -31.39 15.90 -6.10
C ARG B 379 -30.01 16.54 -6.19
N ILE B 380 -29.35 16.69 -5.04
CA ILE B 380 -28.05 17.35 -4.99
C ILE B 380 -26.94 16.45 -5.53
N ILE B 381 -26.02 17.04 -6.28
CA ILE B 381 -24.91 16.31 -6.91
C ILE B 381 -23.61 16.61 -6.16
N ARG B 382 -23.48 17.85 -5.70
CA ARG B 382 -22.33 18.30 -4.93
C ARG B 382 -22.80 19.21 -3.81
N ARG B 383 -22.64 18.77 -2.56
CA ARG B 383 -23.12 19.52 -1.41
C ARG B 383 -21.99 20.34 -0.80
N ALA B 384 -21.96 21.63 -1.14
CA ALA B 384 -20.92 22.53 -0.66
C ALA B 384 -21.50 23.88 -0.24
N ARG B 385 -21.11 24.97 -0.90
CA ARG B 385 -21.54 26.33 -0.50
C ARG B 385 -23.06 26.48 -0.46
N GLY B 386 -23.57 27.05 0.63
CA GLY B 386 -25.00 27.29 0.76
C GLY B 386 -25.74 26.17 1.46
N TYR B 387 -25.14 24.97 1.47
CA TYR B 387 -25.73 23.80 2.09
C TYR B 387 -24.88 23.36 3.28
N ALA B 388 -23.65 22.93 3.00
CA ALA B 388 -22.67 22.62 4.03
C ALA B 388 -22.27 23.91 4.73
N PRO B 389 -22.02 23.88 6.05
CA PRO B 389 -21.91 22.71 6.93
C PRO B 389 -23.16 22.40 7.75
N GLN B 390 -24.33 22.75 7.24
CA GLN B 390 -25.58 22.44 7.93
C GLN B 390 -25.65 20.92 8.13
N PRO B 391 -25.86 20.47 9.39
CA PRO B 391 -25.85 19.04 9.67
C PRO B 391 -27.15 18.33 9.29
N ILE B 392 -27.07 17.02 9.11
CA ILE B 392 -28.25 16.16 8.96
C ILE B 392 -28.71 15.81 10.37
N LEU B 393 -30.01 15.96 10.63
CA LEU B 393 -30.56 15.67 11.96
C LEU B 393 -30.71 14.17 12.24
N LEU B 394 -30.37 13.78 13.47
CA LEU B 394 -30.52 12.39 13.90
C LEU B 394 -31.64 12.29 14.92
N LYS B 395 -32.28 11.13 14.97
CA LYS B 395 -33.44 10.89 15.84
C LYS B 395 -33.03 10.85 17.31
N LYS B 396 -31.96 10.12 17.61
CA LYS B 396 -31.46 10.02 18.97
C LYS B 396 -30.11 10.74 19.10
N GLU B 397 -29.78 11.18 20.31
CA GLU B 397 -28.44 11.67 20.60
C GLU B 397 -27.46 10.49 20.64
N VAL B 398 -26.34 10.64 19.91
CA VAL B 398 -25.33 9.59 19.82
C VAL B 398 -24.58 9.41 21.15
N LYS B 399 -24.30 8.15 21.49
CA LYS B 399 -23.61 7.79 22.71
C LYS B 399 -22.13 8.25 22.69
N ALA B 400 -21.55 8.31 21.48
CA ALA B 400 -20.18 8.76 21.28
C ALA B 400 -19.98 9.24 19.84
N SER B 401 -19.04 10.17 19.66
CA SER B 401 -18.75 10.73 18.34
C SER B 401 -18.01 9.75 17.42
N ILE B 402 -18.48 9.68 16.18
CA ILE B 402 -17.87 8.84 15.14
C ILE B 402 -17.34 9.72 14.03
N LEU B 403 -16.14 9.40 13.56
CA LEU B 403 -15.64 9.99 12.33
C LEU B 403 -15.84 8.98 11.19
N ALA B 404 -16.62 9.36 10.19
CA ALA B 404 -16.76 8.54 9.00
C ALA B 404 -15.90 9.18 7.91
N VAL B 405 -14.99 8.38 7.36
CA VAL B 405 -13.89 8.91 6.55
C VAL B 405 -14.26 9.12 5.06
N GLY B 406 -15.36 8.53 4.63
CA GLY B 406 -15.79 8.64 3.23
C GLY B 406 -15.10 7.66 2.31
N GLY B 407 -15.17 7.95 1.01
CA GLY B 407 -14.61 7.08 0.00
C GLY B 407 -13.43 7.72 -0.70
N PHE B 408 -13.39 7.53 -2.02
CA PHE B 408 -12.28 8.00 -2.82
C PHE B 408 -12.80 9.12 -3.73
N TYR B 409 -13.69 8.77 -4.67
CA TYR B 409 -14.30 9.75 -5.55
C TYR B 409 -15.16 10.74 -4.76
N LYS B 410 -15.11 11.99 -5.20
CA LYS B 410 -15.97 13.07 -4.68
C LYS B 410 -16.03 13.03 -3.16
N ASN B 411 -14.86 12.93 -2.54
CA ASN B 411 -14.82 12.66 -1.12
C ASN B 411 -15.50 13.71 -0.25
N THR B 412 -16.05 13.18 0.82
CA THR B 412 -16.71 13.91 1.86
C THR B 412 -16.43 13.09 3.14
N PHE B 413 -16.24 13.75 4.28
CA PHE B 413 -16.19 13.07 5.58
C PHE B 413 -17.38 13.51 6.43
N CYS B 414 -17.67 12.75 7.49
CA CYS B 414 -18.84 13.01 8.34
C CYS B 414 -18.55 12.69 9.80
N MET B 415 -18.84 13.63 10.68
CA MET B 415 -18.67 13.43 12.11
C MET B 415 -20.01 13.58 12.81
N THR B 416 -20.30 12.66 13.71
CA THR B 416 -21.50 12.75 14.52
C THR B 416 -21.20 13.45 15.85
N LYS B 417 -22.19 14.19 16.34
CA LYS B 417 -22.10 14.88 17.62
C LYS B 417 -23.52 15.24 18.04
N GLY B 418 -23.91 14.85 19.25
CA GLY B 418 -25.28 15.03 19.75
C GLY B 418 -26.34 14.44 18.81
N HIS B 419 -27.24 15.31 18.36
CA HIS B 419 -28.34 14.95 17.46
C HIS B 419 -27.96 15.14 15.99
N TYR B 420 -26.68 15.32 15.69
CA TYR B 420 -26.28 15.77 14.37
C TYR B 420 -25.23 14.90 13.68
N ALA B 421 -25.37 14.79 12.36
CA ALA B 421 -24.30 14.29 11.50
C ALA B 421 -23.77 15.46 10.69
N PHE B 422 -22.59 15.94 11.06
CA PHE B 422 -21.92 17.00 10.34
C PHE B 422 -21.16 16.44 9.15
N ILE B 423 -21.84 16.36 8.01
CA ILE B 423 -21.20 15.96 6.77
C ILE B 423 -20.41 17.15 6.23
N SER B 424 -19.15 16.93 5.91
CA SER B 424 -18.29 18.00 5.42
C SER B 424 -18.76 18.45 4.04
N HIS B 425 -18.35 19.65 3.66
CA HIS B 425 -18.48 20.08 2.28
C HIS B 425 -17.64 19.20 1.38
N HIS B 426 -18.00 19.19 0.10
CA HIS B 426 -17.27 18.49 -0.95
C HIS B 426 -15.77 18.73 -0.83
N ILE B 427 -15.00 17.65 -0.73
CA ILE B 427 -13.55 17.76 -0.62
C ILE B 427 -12.87 17.57 -1.98
N GLY B 428 -13.33 16.58 -2.75
CA GLY B 428 -12.75 16.27 -4.06
C GLY B 428 -12.27 14.84 -4.12
N ASP B 429 -11.75 14.43 -5.28
CA ASP B 429 -11.24 13.08 -5.46
C ASP B 429 -9.96 12.91 -4.62
N LEU B 430 -9.98 11.98 -3.67
CA LEU B 430 -8.81 11.76 -2.80
C LEU B 430 -7.75 10.90 -3.48
N ASP B 431 -7.01 11.51 -4.40
CA ASP B 431 -6.20 10.80 -5.38
C ASP B 431 -4.73 11.19 -5.33
N ASN B 432 -4.44 12.26 -4.60
CA ASN B 432 -3.10 12.83 -4.55
C ASN B 432 -2.79 13.45 -3.19
N GLU B 433 -1.52 13.83 -3.00
CA GLU B 433 -1.08 14.38 -1.73
C GLU B 433 -1.68 15.77 -1.41
N LYS B 434 -1.89 16.59 -2.44
CA LYS B 434 -2.47 17.93 -2.26
C LYS B 434 -3.94 17.87 -1.80
N ALA B 435 -4.71 16.99 -2.41
CA ALA B 435 -6.10 16.79 -2.02
C ALA B 435 -6.18 16.22 -0.61
N PHE B 436 -5.28 15.27 -0.32
CA PHE B 436 -5.20 14.60 0.98
C PHE B 436 -4.84 15.58 2.10
N ASN B 437 -3.91 16.49 1.82
CA ASN B 437 -3.51 17.52 2.78
C ASN B 437 -4.69 18.39 3.20
N TYR B 438 -5.46 18.83 2.21
CA TYR B 438 -6.65 19.64 2.39
C TYR B 438 -7.73 18.88 3.17
N TYR B 439 -7.90 17.61 2.82
CA TYR B 439 -8.77 16.67 3.52
C TYR B 439 -8.45 16.60 5.02
N ILE B 440 -7.19 16.34 5.35
CA ILE B 440 -6.73 16.27 6.74
C ILE B 440 -6.91 17.61 7.44
N GLU B 441 -6.46 18.68 6.77
CA GLU B 441 -6.67 20.04 7.23
C GLU B 441 -8.14 20.27 7.61
N GLN B 442 -9.05 19.85 6.73
CA GLN B 442 -10.47 20.08 6.99
C GLN B 442 -11.04 19.22 8.13
N ILE B 443 -10.52 18.01 8.28
CA ILE B 443 -10.93 17.16 9.42
C ILE B 443 -10.57 17.83 10.75
N GLU B 444 -9.34 18.33 10.87
CA GLU B 444 -8.91 19.05 12.06
C GLU B 444 -9.77 20.30 12.27
N ARG B 445 -9.96 21.06 11.19
CA ARG B 445 -10.78 22.27 11.20
C ARG B 445 -12.22 21.99 11.66
N TYR B 446 -12.81 20.90 11.15
CA TYR B 446 -14.16 20.49 11.56
C TYR B 446 -14.23 20.02 13.02
N LYS B 447 -13.20 19.27 13.46
CA LYS B 447 -13.13 18.80 14.85
C LYS B 447 -13.15 19.94 15.87
N LYS B 448 -12.35 20.97 15.62
CA LYS B 448 -12.27 22.10 16.54
C LYS B 448 -13.54 22.93 16.52
N LEU B 449 -14.01 23.26 15.32
CA LEU B 449 -15.16 24.14 15.15
C LEU B 449 -16.40 23.56 15.84
N PHE B 450 -16.66 22.27 15.63
CA PHE B 450 -17.82 21.61 16.21
C PHE B 450 -17.47 20.75 17.43
N ARG B 451 -16.26 20.95 17.96
CA ARG B 451 -15.81 20.32 19.21
C ARG B 451 -16.01 18.79 19.21
N VAL B 452 -15.56 18.16 18.13
CA VAL B 452 -15.74 16.72 17.97
C VAL B 452 -14.47 15.96 18.36
N ASP B 453 -14.63 15.07 19.34
CA ASP B 453 -13.58 14.14 19.77
C ASP B 453 -14.07 12.73 19.41
N PRO B 454 -13.73 12.26 18.19
CA PRO B 454 -14.21 10.95 17.71
C PRO B 454 -13.65 9.82 18.55
N GLU B 455 -14.49 8.85 18.87
CA GLU B 455 -14.08 7.67 19.65
C GLU B 455 -14.02 6.42 18.78
N VAL B 456 -14.65 6.48 17.60
CA VAL B 456 -14.68 5.35 16.67
C VAL B 456 -14.61 5.89 15.25
N VAL B 457 -13.84 5.21 14.39
CA VAL B 457 -13.75 5.63 13.00
C VAL B 457 -14.37 4.59 12.08
N ALA B 458 -15.23 5.05 11.16
CA ALA B 458 -15.86 4.19 10.18
C ALA B 458 -15.23 4.41 8.83
N HIS B 459 -15.03 3.34 8.08
CA HIS B 459 -14.32 3.43 6.80
C HIS B 459 -14.82 2.38 5.81
N ASP B 460 -14.48 2.56 4.54
CA ASP B 460 -14.85 1.62 3.49
C ASP B 460 -14.01 0.35 3.60
N MET B 461 -14.59 -0.78 3.21
CA MET B 461 -13.83 -2.04 3.17
C MET B 461 -12.66 -2.01 2.18
N HIS B 462 -12.73 -1.12 1.17
CA HIS B 462 -11.62 -0.95 0.21
C HIS B 462 -10.37 -0.46 0.93
N LYS B 463 -9.35 -1.31 0.97
CA LYS B 463 -8.14 -1.06 1.77
C LYS B 463 -7.16 -0.08 1.09
N GLY B 464 -7.33 0.13 -0.20
CA GLY B 464 -6.44 1.00 -0.98
C GLY B 464 -6.76 2.49 -0.92
N TYR B 465 -8.02 2.83 -0.62
CA TYR B 465 -8.44 4.23 -0.47
C TYR B 465 -7.55 4.98 0.52
N LEU B 466 -7.17 6.20 0.18
CA LEU B 466 -6.39 7.04 1.11
C LEU B 466 -7.20 7.33 2.37
N SER B 467 -8.52 7.41 2.23
CA SER B 467 -9.38 7.61 3.40
C SER B 467 -9.29 6.41 4.35
N THR B 468 -9.25 5.20 3.79
CA THR B 468 -9.08 3.99 4.61
C THR B 468 -7.70 3.95 5.29
N GLN B 469 -6.65 4.27 4.55
CA GLN B 469 -5.30 4.33 5.11
C GLN B 469 -5.29 5.31 6.28
N TYR B 470 -5.94 6.46 6.09
CA TYR B 470 -6.06 7.47 7.14
C TYR B 470 -6.77 6.91 8.36
N ALA B 471 -7.90 6.23 8.14
CA ALA B 471 -8.66 5.61 9.22
C ALA B 471 -7.82 4.62 10.02
N LYS B 472 -7.10 3.74 9.32
CA LYS B 472 -6.26 2.72 9.93
C LYS B 472 -5.08 3.31 10.71
N SER B 473 -4.68 4.53 10.36
CA SER B 473 -3.58 5.21 11.04
C SER B 473 -4.00 5.87 12.36
N LEU B 474 -5.29 6.02 12.58
CA LEU B 474 -5.78 6.61 13.83
C LEU B 474 -5.67 5.61 14.96
N ASP B 475 -5.61 6.10 16.20
CA ASP B 475 -5.53 5.21 17.35
C ASP B 475 -6.94 5.01 17.92
N LEU B 476 -7.85 4.54 17.08
CA LEU B 476 -9.25 4.41 17.45
C LEU B 476 -9.81 3.07 17.01
N PRO B 477 -10.79 2.51 17.77
CA PRO B 477 -11.61 1.40 17.29
C PRO B 477 -12.21 1.73 15.90
N LYS B 478 -12.28 0.73 15.02
CA LYS B 478 -12.71 0.93 13.63
C LYS B 478 -13.90 0.05 13.25
N ILE B 479 -14.78 0.58 12.43
CA ILE B 479 -15.86 -0.20 11.84
C ILE B 479 -15.75 -0.11 10.31
N GLU B 480 -15.56 -1.27 9.67
CA GLU B 480 -15.52 -1.33 8.20
C GLU B 480 -16.94 -1.43 7.66
N VAL B 481 -17.21 -0.67 6.61
CA VAL B 481 -18.54 -0.58 6.01
C VAL B 481 -18.43 -0.87 4.54
N GLN B 482 -19.24 -1.80 4.05
CA GLN B 482 -19.28 -2.09 2.63
C GLN B 482 -19.87 -0.88 1.88
N HIS B 483 -19.25 -0.57 0.75
CA HIS B 483 -19.54 0.63 -0.05
C HIS B 483 -21.02 0.84 -0.41
N HIS B 484 -21.63 -0.20 -0.98
CA HIS B 484 -23.01 -0.12 -1.45
C HIS B 484 -24.00 -0.13 -0.29
N HIS B 485 -23.68 -0.86 0.77
CA HIS B 485 -24.41 -0.73 2.03
C HIS B 485 -24.39 0.75 2.50
N ALA B 486 -23.22 1.39 2.48
CA ALA B 486 -23.13 2.81 2.80
C ALA B 486 -23.99 3.73 1.89
N HIS B 487 -24.02 3.48 0.58
CA HIS B 487 -24.89 4.26 -0.31
C HIS B 487 -26.34 4.15 0.16
N ILE B 488 -26.79 2.92 0.42
CA ILE B 488 -28.19 2.72 0.80
C ILE B 488 -28.47 3.45 2.12
N ALA B 489 -27.54 3.32 3.07
CA ALA B 489 -27.70 3.90 4.40
C ALA B 489 -27.74 5.42 4.39
N SER B 490 -27.00 6.04 3.45
CA SER B 490 -26.99 7.49 3.31
C SER B 490 -28.37 8.03 2.93
N CYS B 491 -29.09 7.25 2.13
CA CYS B 491 -30.47 7.59 1.81
C CYS B 491 -31.40 7.35 3.01
N MET B 492 -31.23 6.21 3.67
CA MET B 492 -32.00 5.89 4.87
C MET B 492 -31.88 6.99 5.92
N ALA B 493 -30.65 7.43 6.17
CA ALA B 493 -30.35 8.50 7.12
C ALA B 493 -31.18 9.76 6.92
N GLU B 494 -31.18 10.30 5.69
CA GLU B 494 -31.87 11.56 5.45
C GLU B 494 -33.41 11.42 5.46
N HIS B 495 -33.91 10.20 5.23
CA HIS B 495 -35.33 9.91 5.34
C HIS B 495 -35.74 9.29 6.68
N ASN B 496 -34.78 9.22 7.61
CA ASN B 496 -35.03 8.65 8.94
C ASN B 496 -35.56 7.20 8.93
N LEU B 497 -35.04 6.39 8.02
CA LEU B 497 -35.37 4.96 7.95
C LEU B 497 -34.45 4.16 8.86
N ASP B 498 -35.03 3.24 9.62
CA ASP B 498 -34.29 2.40 10.55
C ASP B 498 -34.97 1.04 10.59
N GLU B 499 -34.86 0.31 9.48
CA GLU B 499 -35.52 -0.97 9.28
C GLU B 499 -34.98 -1.58 8.00
N LYS B 500 -35.33 -2.83 7.73
CA LYS B 500 -34.89 -3.48 6.49
C LYS B 500 -35.57 -2.89 5.25
N VAL B 501 -34.76 -2.58 4.25
CA VAL B 501 -35.25 -2.04 2.98
C VAL B 501 -34.67 -2.88 1.84
N ILE B 502 -35.30 -2.78 0.69
CA ILE B 502 -34.70 -3.28 -0.54
C ILE B 502 -33.79 -2.17 -1.08
N GLY B 503 -32.50 -2.45 -1.13
CA GLY B 503 -31.54 -1.43 -1.49
C GLY B 503 -30.97 -1.69 -2.88
N ILE B 504 -31.24 -0.77 -3.79
CA ILE B 504 -30.71 -0.89 -5.15
C ILE B 504 -29.53 0.09 -5.31
N ALA B 505 -28.33 -0.47 -5.37
CA ALA B 505 -27.10 0.31 -5.36
C ALA B 505 -26.37 0.08 -6.66
N TYR B 506 -26.49 1.09 -7.53
CA TYR B 506 -25.99 1.03 -8.88
C TYR B 506 -24.92 2.13 -8.99
N ASP B 507 -23.67 1.73 -9.24
CA ASP B 507 -22.58 2.69 -9.47
C ASP B 507 -21.48 2.10 -10.37
N GLY B 508 -20.30 2.72 -10.37
CA GLY B 508 -19.19 2.26 -11.18
C GLY B 508 -18.35 1.20 -10.50
N THR B 509 -17.70 1.57 -9.40
CA THR B 509 -16.76 0.67 -8.73
C THR B 509 -16.89 0.76 -7.22
N GLY B 510 -17.11 -0.37 -6.58
CA GLY B 510 -17.10 -0.44 -5.12
C GLY B 510 -16.53 -1.78 -4.75
N TYR B 511 -15.78 -1.83 -3.66
CA TYR B 511 -15.17 -3.07 -3.21
C TYR B 511 -16.22 -3.99 -2.61
N GLY B 512 -16.42 -5.15 -3.23
CA GLY B 512 -17.29 -6.20 -2.71
C GLY B 512 -16.58 -7.10 -1.72
N THR B 513 -17.35 -7.91 -0.99
CA THR B 513 -16.85 -8.77 0.09
C THR B 513 -16.32 -10.11 -0.43
N ASP B 514 -16.52 -10.36 -1.72
CA ASP B 514 -16.10 -11.62 -2.36
C ASP B 514 -14.87 -11.43 -3.23
N GLY B 515 -14.15 -10.32 -2.98
CA GLY B 515 -12.92 -10.02 -3.69
C GLY B 515 -13.16 -9.43 -5.07
N ASN B 516 -14.42 -9.20 -5.41
CA ASN B 516 -14.77 -8.63 -6.71
C ASN B 516 -15.27 -7.19 -6.63
N VAL B 517 -15.42 -6.57 -7.79
CA VAL B 517 -15.93 -5.22 -7.88
C VAL B 517 -17.46 -5.27 -7.98
N TRP B 518 -18.13 -4.45 -7.18
CA TRP B 518 -19.61 -4.39 -7.16
C TRP B 518 -20.05 -3.03 -7.68
N GLY B 519 -21.34 -2.87 -7.96
CA GLY B 519 -21.89 -1.63 -8.51
C GLY B 519 -23.16 -1.84 -9.32
N ALA B 520 -23.74 -3.03 -9.22
CA ALA B 520 -25.04 -3.32 -9.79
C ALA B 520 -25.73 -4.29 -8.86
N GLU B 521 -26.00 -3.84 -7.63
CA GLU B 521 -26.37 -4.73 -6.54
C GLU B 521 -27.78 -4.46 -6.05
N ILE B 522 -28.49 -5.54 -5.73
CA ILE B 522 -29.71 -5.40 -4.94
C ILE B 522 -29.50 -6.10 -3.61
N LEU B 523 -29.66 -5.32 -2.55
CA LEU B 523 -29.44 -5.81 -1.20
C LEU B 523 -30.73 -5.79 -0.41
N VAL B 524 -30.76 -6.57 0.66
CA VAL B 524 -31.75 -6.33 1.71
C VAL B 524 -30.94 -5.84 2.87
N CYS B 525 -31.17 -4.60 3.29
CA CYS B 525 -30.40 -4.10 4.43
C CYS B 525 -31.11 -3.18 5.38
N ASP B 526 -30.56 -3.10 6.60
CA ASP B 526 -30.97 -2.08 7.57
C ASP B 526 -29.71 -1.28 7.89
N LEU B 527 -29.71 -0.53 9.00
CA LEU B 527 -28.53 0.26 9.33
C LEU B 527 -27.41 -0.56 9.98
N LYS B 528 -27.63 -1.85 10.21
CA LYS B 528 -26.63 -2.65 10.91
C LYS B 528 -26.12 -3.89 10.16
N SER B 529 -26.69 -4.17 8.98
CA SER B 529 -26.40 -5.40 8.23
C SER B 529 -26.92 -5.31 6.80
N PHE B 530 -26.35 -6.12 5.92
CA PHE B 530 -26.84 -6.23 4.55
C PHE B 530 -26.76 -7.68 4.10
N GLU B 531 -27.68 -8.07 3.21
CA GLU B 531 -27.64 -9.35 2.55
C GLU B 531 -27.68 -9.04 1.06
N ARG B 532 -26.80 -9.67 0.29
CA ARG B 532 -26.76 -9.44 -1.16
C ARG B 532 -27.71 -10.39 -1.85
N ILE B 533 -28.68 -9.88 -2.61
CA ILE B 533 -29.74 -10.72 -3.18
C ILE B 533 -29.55 -10.96 -4.68
N ALA B 534 -29.17 -9.91 -5.40
CA ALA B 534 -29.12 -9.96 -6.85
C ALA B 534 -27.98 -9.11 -7.34
N HIS B 535 -27.43 -9.48 -8.50
CA HIS B 535 -26.39 -8.67 -9.16
C HIS B 535 -26.26 -9.00 -10.64
N LEU B 536 -25.42 -8.24 -11.34
CA LEU B 536 -25.10 -8.55 -12.74
C LEU B 536 -24.06 -9.66 -12.75
N LYS B 537 -24.20 -10.60 -13.67
CA LYS B 537 -23.21 -11.67 -13.84
C LYS B 537 -21.81 -11.09 -14.05
N TYR B 538 -20.83 -11.57 -13.28
CA TYR B 538 -19.44 -11.10 -13.34
C TYR B 538 -18.85 -11.20 -14.72
N LYS B 539 -18.21 -10.11 -15.13
CA LYS B 539 -17.44 -10.06 -16.36
C LYS B 539 -15.99 -9.70 -16.01
N PRO B 540 -15.03 -10.30 -16.73
CA PRO B 540 -13.63 -9.95 -16.48
C PRO B 540 -13.33 -8.53 -16.98
N LEU B 541 -12.54 -7.80 -16.20
CA LEU B 541 -12.11 -6.47 -16.57
C LEU B 541 -10.58 -6.47 -16.56
N PRO B 542 -9.97 -6.46 -17.75
CA PRO B 542 -8.52 -6.51 -17.91
C PRO B 542 -7.85 -5.16 -17.67
N GLY B 543 -6.69 -5.19 -17.02
CA GLY B 543 -5.94 -3.98 -16.71
C GLY B 543 -6.47 -3.26 -15.48
N ASN B 544 -7.73 -3.54 -15.13
CA ASN B 544 -8.42 -2.98 -13.94
C ASN B 544 -8.61 -1.45 -13.94
N GLU B 545 -7.49 -0.72 -13.85
CA GLU B 545 -7.49 0.75 -13.79
C GLU B 545 -7.32 1.36 -15.18
N LEU B 546 -6.73 0.59 -16.09
CA LEU B 546 -6.54 1.00 -17.49
C LEU B 546 -7.86 1.02 -18.26
N ALA B 547 -8.74 0.07 -17.97
CA ALA B 547 -10.01 -0.10 -18.70
C ALA B 547 -11.07 0.96 -18.36
N ILE B 548 -10.87 1.70 -17.27
CA ILE B 548 -11.84 2.74 -16.90
C ILE B 548 -11.77 4.00 -17.79
N LYS B 549 -10.60 4.28 -18.37
CA LYS B 549 -10.46 5.36 -19.35
C LYS B 549 -10.56 4.88 -20.82
N LYS B 550 -9.91 3.77 -21.14
CA LYS B 550 -10.06 3.16 -22.47
C LYS B 550 -11.25 2.19 -22.43
N ILE B 551 -12.45 2.72 -22.60
CA ILE B 551 -13.67 1.94 -22.35
C ILE B 551 -13.96 0.85 -23.37
N TYR B 552 -13.28 0.87 -24.52
CA TYR B 552 -13.37 -0.23 -25.47
C TYR B 552 -12.80 -1.51 -24.86
N ARG B 553 -11.86 -1.36 -23.93
CA ARG B 553 -11.36 -2.47 -23.11
C ARG B 553 -12.43 -3.05 -22.18
N THR B 554 -13.26 -2.17 -21.64
CA THR B 554 -14.38 -2.62 -20.82
C THR B 554 -15.35 -3.47 -21.65
N ALA B 555 -15.70 -2.97 -22.83
CA ALA B 555 -16.57 -3.70 -23.74
C ALA B 555 -16.00 -5.08 -24.05
N LEU B 556 -14.70 -5.14 -24.36
CA LEU B 556 -14.02 -6.41 -24.65
C LEU B 556 -14.12 -7.39 -23.49
N GLY B 557 -13.96 -6.88 -22.28
CA GLY B 557 -14.17 -7.69 -21.08
C GLY B 557 -15.57 -8.28 -21.02
N PHE B 558 -16.58 -7.45 -21.27
CA PHE B 558 -17.97 -7.94 -21.28
C PHE B 558 -18.26 -9.01 -22.34
N ILE B 559 -17.58 -8.94 -23.48
CA ILE B 559 -17.89 -9.83 -24.60
C ILE B 559 -16.82 -10.90 -24.82
N PHE B 560 -15.95 -11.09 -23.83
CA PHE B 560 -14.72 -11.89 -23.97
C PHE B 560 -14.94 -13.30 -24.50
N ASP B 561 -16.03 -13.93 -24.09
CA ASP B 561 -16.28 -15.33 -24.43
C ASP B 561 -17.25 -15.46 -25.60
N ASN B 562 -17.55 -14.36 -26.28
CA ASN B 562 -18.39 -14.39 -27.47
C ASN B 562 -17.95 -13.35 -28.51
N ILE B 563 -16.63 -13.29 -28.70
CA ILE B 563 -15.99 -12.36 -29.61
C ILE B 563 -16.57 -12.47 -31.02
N SER B 564 -16.77 -13.71 -31.49
CA SER B 564 -17.37 -14.00 -32.81
C SER B 564 -18.57 -13.14 -33.13
N PHE B 565 -19.33 -12.80 -32.11
CA PHE B 565 -20.61 -12.15 -32.31
C PHE B 565 -20.52 -10.66 -32.63
N TYR B 566 -19.39 -10.03 -32.32
CA TYR B 566 -19.25 -8.58 -32.44
C TYR B 566 -18.16 -8.21 -33.44
N LYS B 567 -18.25 -8.78 -34.64
CA LYS B 567 -17.21 -8.69 -35.67
C LYS B 567 -16.66 -7.28 -35.93
N ASN B 568 -17.55 -6.34 -36.23
CA ASN B 568 -17.11 -5.01 -36.66
C ASN B 568 -16.43 -4.19 -35.56
N PHE B 569 -16.93 -4.29 -34.35
CA PHE B 569 -16.32 -3.59 -33.22
C PHE B 569 -14.95 -4.19 -32.89
N VAL B 570 -14.89 -5.52 -32.88
CA VAL B 570 -13.67 -6.27 -32.56
C VAL B 570 -12.58 -6.07 -33.64
N GLU B 571 -13.00 -5.96 -34.91
CA GLU B 571 -12.06 -5.77 -36.03
C GLU B 571 -11.35 -4.40 -35.97
N GLN B 572 -11.97 -3.43 -35.30
CA GLN B 572 -11.43 -2.07 -35.18
C GLN B 572 -10.31 -1.92 -34.15
N VAL B 573 -10.31 -2.74 -33.09
CA VAL B 573 -9.19 -2.69 -32.14
C VAL B 573 -7.92 -3.27 -32.80
N ASP B 574 -6.77 -2.64 -32.52
CA ASP B 574 -5.48 -3.12 -33.03
C ASP B 574 -5.34 -4.61 -32.69
N SER B 575 -4.91 -5.40 -33.67
CA SER B 575 -4.89 -6.86 -33.57
C SER B 575 -4.01 -7.42 -32.43
N ARG B 576 -2.82 -6.87 -32.29
CA ARG B 576 -1.88 -7.33 -31.26
C ARG B 576 -2.34 -6.91 -29.85
N GLU B 577 -2.94 -5.73 -29.76
CA GLU B 577 -3.50 -5.23 -28.52
C GLU B 577 -4.68 -6.09 -28.09
N LEU B 578 -5.49 -6.50 -29.06
CA LEU B 578 -6.62 -7.38 -28.81
C LEU B 578 -6.17 -8.74 -28.31
N ASP B 579 -5.21 -9.34 -28.99
CA ASP B 579 -4.66 -10.64 -28.60
C ASP B 579 -4.15 -10.64 -27.15
N ILE B 580 -3.39 -9.59 -26.79
CA ILE B 580 -2.86 -9.44 -25.44
C ILE B 580 -3.98 -9.41 -24.40
N ILE B 581 -5.00 -8.57 -24.63
CA ILE B 581 -6.12 -8.39 -23.71
C ILE B 581 -6.85 -9.71 -23.44
N LEU B 582 -7.10 -10.48 -24.50
CA LEU B 582 -7.84 -11.73 -24.37
C LEU B 582 -7.01 -12.81 -23.66
N LYS B 583 -5.71 -12.84 -23.96
CA LYS B 583 -4.76 -13.70 -23.25
C LYS B 583 -4.67 -13.34 -21.76
N GLN B 584 -4.65 -12.05 -21.46
CA GLN B 584 -4.55 -11.59 -20.08
C GLN B 584 -5.76 -12.01 -19.27
N ILE B 585 -6.96 -11.81 -19.84
CA ILE B 585 -8.20 -12.32 -19.28
C ILE B 585 -8.11 -13.83 -19.08
N ASP B 586 -7.72 -14.56 -20.12
CA ASP B 586 -7.63 -16.02 -20.06
C ASP B 586 -6.61 -16.52 -19.02
N ARG B 587 -5.53 -15.77 -18.82
CA ARG B 587 -4.45 -16.21 -17.93
C ARG B 587 -4.55 -15.62 -16.52
N LYS B 588 -5.58 -14.80 -16.29
CA LYS B 588 -5.82 -14.07 -15.04
C LYS B 588 -4.66 -13.14 -14.68
N ILE B 589 -4.21 -12.37 -15.68
CA ILE B 589 -3.15 -11.39 -15.47
C ILE B 589 -3.84 -10.04 -15.30
N ASN B 590 -3.64 -9.42 -14.14
CA ASN B 590 -4.22 -8.08 -13.85
C ASN B 590 -5.70 -7.96 -14.21
N THR B 591 -6.49 -8.97 -13.86
CA THR B 591 -7.87 -9.05 -14.28
C THR B 591 -8.77 -9.07 -13.07
N ALA B 592 -9.72 -8.15 -13.06
CA ALA B 592 -10.70 -8.08 -11.97
C ALA B 592 -12.00 -8.63 -12.53
N TYR B 593 -12.91 -9.02 -11.64
CA TYR B 593 -14.26 -9.41 -12.05
C TYR B 593 -15.23 -8.39 -11.51
N VAL B 594 -16.12 -7.90 -12.38
CA VAL B 594 -16.98 -6.76 -12.07
C VAL B 594 -18.46 -7.04 -12.26
N SER B 595 -19.25 -6.59 -11.28
CA SER B 595 -20.70 -6.45 -11.38
C SER B 595 -20.93 -4.95 -11.22
N SER B 596 -21.18 -4.26 -12.32
CA SER B 596 -21.12 -2.81 -12.29
C SER B 596 -22.03 -2.17 -13.33
N MET B 597 -22.93 -1.31 -12.86
CA MET B 597 -23.83 -0.57 -13.73
C MET B 597 -23.05 0.45 -14.56
N GLY B 598 -22.09 1.12 -13.92
CA GLY B 598 -21.21 2.08 -14.61
C GLY B 598 -20.43 1.44 -15.74
N ARG B 599 -19.84 0.29 -15.50
CA ARG B 599 -19.08 -0.42 -16.54
C ARG B 599 -20.01 -0.94 -17.66
N PHE B 600 -21.22 -1.36 -17.29
CA PHE B 600 -22.27 -1.77 -18.25
C PHE B 600 -22.59 -0.62 -19.20
N PHE B 601 -22.81 0.57 -18.64
CA PHE B 601 -22.99 1.78 -19.44
C PHE B 601 -21.79 2.05 -20.36
N ASP B 602 -20.59 1.85 -19.83
CA ASP B 602 -19.36 2.03 -20.62
C ASP B 602 -19.26 1.03 -21.77
N ALA B 603 -19.59 -0.23 -21.50
CA ALA B 603 -19.61 -1.26 -22.52
C ALA B 603 -20.55 -0.90 -23.68
N VAL B 604 -21.75 -0.41 -23.36
CA VAL B 604 -22.75 -0.02 -24.35
C VAL B 604 -22.24 1.14 -25.22
N ALA B 605 -21.75 2.19 -24.56
CA ALA B 605 -21.26 3.40 -25.23
C ALA B 605 -20.13 3.10 -26.20
N ALA B 606 -19.24 2.20 -25.82
CA ALA B 606 -18.13 1.79 -26.67
C ALA B 606 -18.67 1.02 -27.87
N LEU B 607 -19.55 0.05 -27.61
CA LEU B 607 -20.09 -0.83 -28.65
C LEU B 607 -20.83 -0.11 -29.76
N ILE B 608 -21.56 0.94 -29.41
CA ILE B 608 -22.31 1.68 -30.43
C ILE B 608 -21.58 2.92 -30.93
N GLY B 609 -20.30 3.04 -30.58
CA GLY B 609 -19.42 4.08 -31.14
C GLY B 609 -19.70 5.49 -30.63
N VAL B 610 -20.20 5.60 -29.41
CA VAL B 610 -20.39 6.90 -28.77
C VAL B 610 -19.00 7.47 -28.45
N ARG B 611 -18.17 6.64 -27.83
CA ARG B 611 -16.78 6.95 -27.52
C ARG B 611 -16.02 5.64 -27.37
N LYS B 612 -14.73 5.65 -27.70
CA LYS B 612 -13.87 4.51 -27.40
C LYS B 612 -12.96 4.80 -26.20
N GLU B 613 -12.72 6.09 -25.95
CA GLU B 613 -11.96 6.52 -24.77
C GLU B 613 -12.66 7.69 -24.07
N VAL B 614 -12.49 7.76 -22.75
CA VAL B 614 -13.04 8.87 -21.97
C VAL B 614 -11.94 9.66 -21.24
N LEU B 615 -12.20 10.95 -21.03
CA LEU B 615 -11.28 11.85 -20.32
C LEU B 615 -11.57 11.92 -18.82
N PHE B 616 -12.82 11.65 -18.44
CA PHE B 616 -13.19 11.55 -17.02
C PHE B 616 -14.19 10.40 -16.80
N GLU B 617 -14.23 9.88 -15.58
CA GLU B 617 -14.85 8.59 -15.29
C GLU B 617 -16.27 8.35 -15.85
N GLY B 618 -17.21 9.22 -15.53
CA GLY B 618 -18.62 8.99 -15.96
C GLY B 618 -18.98 9.60 -17.31
N GLN B 619 -17.98 10.01 -18.08
CA GLN B 619 -18.24 10.72 -19.33
C GLN B 619 -19.14 9.94 -20.29
N ALA B 620 -18.80 8.68 -20.54
CA ALA B 620 -19.53 7.88 -21.51
C ALA B 620 -20.98 7.66 -21.12
N ALA B 621 -21.22 7.47 -19.81
CA ALA B 621 -22.57 7.28 -19.29
C ALA B 621 -23.41 8.54 -19.48
N MET B 622 -22.79 9.70 -19.23
CA MET B 622 -23.45 10.99 -19.39
C MET B 622 -23.83 11.28 -20.84
N GLU B 623 -22.95 10.92 -21.77
CA GLU B 623 -23.23 11.12 -23.20
C GLU B 623 -24.31 10.17 -23.70
N LEU B 624 -24.35 8.95 -23.16
CA LEU B 624 -25.42 8.00 -23.49
C LEU B 624 -26.80 8.51 -23.09
N GLU B 625 -26.91 8.98 -21.84
CA GLU B 625 -28.14 9.56 -21.34
C GLU B 625 -28.57 10.77 -22.18
N SER B 626 -27.64 11.67 -22.48
CA SER B 626 -27.94 12.90 -23.21
C SER B 626 -28.50 12.70 -24.62
N LEU B 627 -28.06 11.66 -25.31
CA LEU B 627 -28.50 11.43 -26.69
C LEU B 627 -29.79 10.59 -26.80
N MET B 628 -30.26 10.08 -25.67
CA MET B 628 -31.45 9.22 -25.64
C MET B 628 -32.71 9.86 -26.23
N ALA B 629 -33.47 9.08 -27.00
CA ALA B 629 -34.79 9.49 -27.51
C ALA B 629 -35.90 8.85 -26.69
N GLU B 630 -37.10 9.44 -26.73
CA GLU B 630 -38.26 8.89 -26.02
C GLU B 630 -38.68 7.55 -26.63
N SER B 631 -38.87 6.55 -25.78
CA SER B 631 -39.34 5.23 -26.22
C SER B 631 -39.78 4.38 -25.02
N GLU B 632 -40.67 3.41 -25.28
CA GLU B 632 -41.04 2.43 -24.27
C GLU B 632 -40.36 1.08 -24.54
N GLU B 633 -39.70 0.96 -25.70
CA GLU B 633 -39.07 -0.30 -26.10
C GLU B 633 -37.82 -0.62 -25.29
N TYR B 634 -37.46 -1.91 -25.25
CA TYR B 634 -36.36 -2.40 -24.41
C TYR B 634 -35.88 -3.77 -24.89
N TYR B 635 -34.79 -4.25 -24.31
CA TYR B 635 -34.19 -5.51 -24.73
C TYR B 635 -34.69 -6.67 -23.88
N GLU B 636 -34.64 -7.88 -24.44
CA GLU B 636 -35.06 -9.05 -23.69
C GLU B 636 -34.00 -9.38 -22.62
N TYR B 637 -34.44 -9.99 -21.54
CA TYR B 637 -33.53 -10.41 -20.47
C TYR B 637 -34.19 -11.54 -19.70
N GLU B 638 -33.36 -12.31 -19.00
CA GLU B 638 -33.86 -13.36 -18.14
C GLU B 638 -33.18 -13.21 -16.78
N ILE B 639 -33.98 -13.24 -15.72
CA ILE B 639 -33.43 -13.32 -14.37
C ILE B 639 -33.02 -14.76 -14.12
N LEU B 640 -31.74 -14.97 -13.81
CA LEU B 640 -31.19 -16.30 -13.65
C LEU B 640 -31.06 -16.62 -12.18
N LYS B 641 -31.46 -17.82 -11.81
CA LYS B 641 -31.35 -18.29 -10.43
C LYS B 641 -30.05 -19.09 -10.27
N GLU B 642 -29.01 -18.41 -9.82
CA GLU B 642 -27.69 -19.05 -9.64
C GLU B 642 -27.41 -19.13 -8.14
N ASP B 643 -26.24 -18.70 -7.66
CA ASP B 643 -26.07 -18.57 -6.20
C ASP B 643 -27.00 -17.46 -5.66
N ARG B 644 -27.12 -16.42 -6.46
CA ARG B 644 -28.02 -15.32 -6.20
C ARG B 644 -28.81 -15.08 -7.49
N TYR B 645 -29.76 -14.14 -7.47
CA TYR B 645 -30.44 -13.75 -8.71
C TYR B 645 -29.49 -12.93 -9.54
N VAL B 646 -29.36 -13.29 -10.82
CA VAL B 646 -28.33 -12.70 -11.67
C VAL B 646 -28.91 -12.39 -13.07
N ILE B 647 -28.44 -11.30 -13.66
CA ILE B 647 -28.75 -10.96 -15.05
C ILE B 647 -27.42 -10.90 -15.80
N ASP B 648 -27.37 -11.55 -16.97
CA ASP B 648 -26.16 -11.56 -17.78
C ASP B 648 -26.16 -10.36 -18.72
N PRO B 649 -25.31 -9.36 -18.42
CA PRO B 649 -25.27 -8.15 -19.24
C PRO B 649 -24.88 -8.39 -20.71
N GLU B 650 -24.11 -9.42 -21.04
CA GLU B 650 -23.72 -9.54 -22.45
C GLU B 650 -24.81 -10.08 -23.36
N LEU B 651 -25.78 -10.80 -22.78
CA LEU B 651 -26.94 -11.23 -23.57
C LEU B 651 -27.77 -10.02 -23.99
N ILE B 652 -27.69 -8.94 -23.21
CA ILE B 652 -28.33 -7.66 -23.56
C ILE B 652 -27.45 -6.95 -24.61
N LEU B 653 -26.13 -6.92 -24.37
CA LEU B 653 -25.18 -6.41 -25.36
C LEU B 653 -25.29 -7.07 -26.73
N ARG B 654 -25.59 -8.37 -26.78
CA ARG B 654 -25.77 -9.04 -28.08
C ARG B 654 -26.87 -8.36 -28.89
N GLN B 655 -27.98 -8.03 -28.22
CA GLN B 655 -29.11 -7.40 -28.91
C GLN B 655 -28.81 -5.96 -29.32
N ILE B 656 -28.10 -5.24 -28.45
CA ILE B 656 -27.71 -3.85 -28.70
C ILE B 656 -26.85 -3.78 -29.98
N TYR B 657 -25.91 -4.71 -30.11
CA TYR B 657 -25.05 -4.75 -31.30
C TYR B 657 -25.80 -5.18 -32.56
N GLU B 658 -26.77 -6.07 -32.41
CA GLU B 658 -27.63 -6.46 -33.53
C GLU B 658 -28.36 -5.24 -34.08
N ASP B 659 -28.95 -4.45 -33.17
CA ASP B 659 -29.62 -3.20 -33.52
C ASP B 659 -28.67 -2.24 -34.22
N TYR B 660 -27.47 -2.11 -33.67
CA TYR B 660 -26.48 -1.19 -34.21
C TYR B 660 -26.09 -1.57 -35.64
N MET B 661 -25.90 -2.87 -35.85
CA MET B 661 -25.62 -3.42 -37.17
C MET B 661 -26.77 -3.24 -38.17
N LYS B 662 -28.00 -3.21 -37.68
CA LYS B 662 -29.16 -2.97 -38.52
C LYS B 662 -29.31 -1.49 -38.88
N GLY B 663 -28.45 -0.66 -38.30
CA GLY B 663 -28.43 0.77 -38.62
C GLY B 663 -29.36 1.62 -37.78
N PHE B 664 -29.84 1.07 -36.67
CA PHE B 664 -30.70 1.83 -35.76
C PHE B 664 -29.97 3.05 -35.17
N GLU B 665 -30.73 4.09 -34.85
CA GLU B 665 -30.21 5.32 -34.24
C GLU B 665 -29.64 5.04 -32.85
N LYS B 666 -28.52 5.67 -32.52
CA LYS B 666 -27.93 5.61 -31.17
C LYS B 666 -28.93 6.07 -30.12
N SER B 667 -29.68 7.11 -30.45
CA SER B 667 -30.70 7.68 -29.58
C SER B 667 -31.74 6.63 -29.18
N TYR B 668 -32.06 5.76 -30.13
CA TYR B 668 -33.04 4.72 -29.96
C TYR B 668 -32.48 3.51 -29.19
N ILE B 669 -31.28 3.09 -29.58
CA ILE B 669 -30.59 2.02 -28.85
C ILE B 669 -30.41 2.42 -27.38
N SER B 670 -30.01 3.68 -27.17
CA SER B 670 -29.77 4.16 -25.81
C SER B 670 -31.02 4.08 -24.96
N ALA B 671 -32.13 4.53 -25.54
CA ALA B 671 -33.45 4.48 -24.90
C ALA B 671 -33.81 3.06 -24.48
N LYS B 672 -33.66 2.13 -25.40
CA LYS B 672 -34.00 0.73 -25.17
C LYS B 672 -33.13 0.14 -24.07
N PHE B 673 -31.85 0.52 -24.09
CA PHE B 673 -30.93 0.11 -23.02
C PHE B 673 -31.35 0.64 -21.65
N HIS B 674 -31.67 1.93 -21.55
CA HIS B 674 -32.10 2.51 -20.28
C HIS B 674 -33.36 1.78 -19.79
N ASN B 675 -34.31 1.57 -20.71
CA ASN B 675 -35.57 0.89 -20.38
C ASN B 675 -35.38 -0.54 -19.89
N THR B 676 -34.40 -1.23 -20.48
CA THR B 676 -34.05 -2.58 -20.08
C THR B 676 -33.60 -2.60 -18.62
N VAL B 677 -32.72 -1.66 -18.26
CA VAL B 677 -32.24 -1.57 -16.87
C VAL B 677 -33.39 -1.31 -15.90
N VAL B 678 -34.23 -0.33 -16.22
CA VAL B 678 -35.43 -0.06 -15.41
C VAL B 678 -36.27 -1.33 -15.22
N ASN B 679 -36.56 -2.02 -16.32
CA ASN B 679 -37.48 -3.15 -16.29
C ASN B 679 -36.96 -4.37 -15.54
N PHE B 680 -35.68 -4.74 -15.73
CA PHE B 680 -35.16 -5.88 -14.98
C PHE B 680 -35.01 -5.57 -13.50
N THR B 681 -34.76 -4.30 -13.19
CA THR B 681 -34.67 -3.85 -11.81
C THR B 681 -36.03 -3.94 -11.14
N TYR B 682 -37.05 -3.45 -11.83
CA TYR B 682 -38.42 -3.61 -11.36
C TYR B 682 -38.79 -5.07 -11.12
N ASP B 683 -38.47 -5.97 -12.08
CA ASP B 683 -38.84 -7.39 -11.95
C ASP B 683 -38.18 -8.01 -10.72
N LEU B 684 -36.93 -7.61 -10.47
CA LEU B 684 -36.19 -8.08 -9.31
C LEU B 684 -36.80 -7.56 -8.01
N ALA B 685 -37.14 -6.27 -7.98
CA ALA B 685 -37.77 -5.69 -6.80
C ALA B 685 -39.09 -6.38 -6.46
N ASN B 686 -39.89 -6.64 -7.51
CA ASN B 686 -41.14 -7.37 -7.38
C ASN B 686 -40.93 -8.75 -6.77
N LEU B 687 -39.99 -9.51 -7.33
CA LEU B 687 -39.63 -10.82 -6.81
C LEU B 687 -39.19 -10.77 -5.34
N ILE B 688 -38.32 -9.82 -5.00
CA ILE B 688 -37.79 -9.71 -3.64
C ILE B 688 -38.87 -9.32 -2.62
N ARG B 689 -39.79 -8.43 -3.02
CA ARG B 689 -40.90 -8.05 -2.15
C ARG B 689 -41.78 -9.24 -1.84
N LYS B 690 -42.06 -10.07 -2.85
CA LYS B 690 -42.81 -11.30 -2.65
C LYS B 690 -42.14 -12.19 -1.59
N GLU B 691 -40.83 -12.37 -1.78
CA GLU B 691 -40.02 -13.29 -0.95
C GLU B 691 -39.79 -12.79 0.48
N THR B 692 -39.68 -11.48 0.66
CA THR B 692 -39.31 -10.91 1.96
C THR B 692 -40.47 -10.19 2.66
N GLY B 693 -41.44 -9.71 1.90
CA GLY B 693 -42.51 -8.88 2.49
C GLY B 693 -42.10 -7.42 2.63
N ILE B 694 -40.91 -7.06 2.17
CA ILE B 694 -40.44 -5.67 2.29
C ILE B 694 -41.03 -4.81 1.16
N ASN B 695 -41.60 -3.67 1.56
CA ASN B 695 -42.25 -2.76 0.61
C ASN B 695 -41.50 -1.44 0.44
N LYS B 696 -40.44 -1.23 1.21
CA LYS B 696 -39.63 -0.01 1.05
C LYS B 696 -38.42 -0.30 0.17
N VAL B 697 -38.20 0.58 -0.81
CA VAL B 697 -37.05 0.43 -1.69
C VAL B 697 -36.25 1.73 -1.74
N VAL B 698 -34.94 1.61 -1.61
CA VAL B 698 -34.09 2.77 -1.78
C VAL B 698 -33.13 2.63 -2.94
N LEU B 699 -32.99 3.72 -3.67
CA LEU B 699 -32.15 3.80 -4.85
C LEU B 699 -30.98 4.72 -4.53
N SER B 700 -29.76 4.22 -4.69
CA SER B 700 -28.58 5.05 -4.46
C SER B 700 -27.39 4.49 -5.24
N GLY B 701 -26.25 5.16 -5.12
CA GLY B 701 -25.13 4.89 -6.03
C GLY B 701 -25.12 5.90 -7.16
N GLY B 702 -23.92 6.14 -7.69
CA GLY B 702 -23.70 7.15 -8.74
C GLY B 702 -24.48 7.01 -10.03
N SER B 703 -24.90 5.79 -10.38
CA SER B 703 -25.70 5.59 -11.60
C SER B 703 -27.02 6.33 -11.50
N PHE B 704 -27.51 6.56 -10.29
CA PHE B 704 -28.79 7.25 -10.14
C PHE B 704 -28.72 8.77 -10.24
N GLN B 705 -27.53 9.29 -10.55
CA GLN B 705 -27.39 10.62 -11.14
C GLN B 705 -28.05 10.67 -12.53
N ASN B 706 -28.24 9.50 -13.14
CA ASN B 706 -29.00 9.41 -14.39
C ASN B 706 -30.46 9.82 -14.15
N ARG B 707 -30.85 10.96 -14.71
CA ARG B 707 -32.19 11.51 -14.48
C ARG B 707 -33.29 10.52 -14.87
N TYR B 708 -33.06 9.79 -15.95
CA TYR B 708 -34.09 8.95 -16.55
C TYR B 708 -34.26 7.67 -15.75
N LEU B 709 -33.13 7.04 -15.43
CA LEU B 709 -33.10 5.85 -14.61
C LEU B 709 -33.80 6.09 -13.26
N LEU B 710 -33.46 7.21 -12.60
CA LEU B 710 -34.06 7.52 -11.31
C LEU B 710 -35.57 7.73 -11.44
N ARG B 711 -35.97 8.69 -12.28
CA ARG B 711 -37.38 9.06 -12.39
C ARG B 711 -38.24 7.90 -12.89
N ARG B 712 -37.78 7.16 -13.88
CA ARG B 712 -38.62 6.09 -14.37
C ARG B 712 -38.69 4.88 -13.46
N LEU B 713 -37.63 4.63 -12.70
CA LEU B 713 -37.69 3.59 -11.69
C LEU B 713 -38.60 3.96 -10.52
N ILE B 714 -38.49 5.20 -10.02
CA ILE B 714 -39.38 5.66 -8.96
C ILE B 714 -40.85 5.55 -9.40
N GLU B 715 -41.16 6.03 -10.60
CA GLU B 715 -42.54 5.97 -11.11
C GLU B 715 -43.06 4.54 -11.21
N LYS B 716 -42.27 3.68 -11.85
CA LYS B 716 -42.67 2.31 -12.10
C LYS B 716 -42.89 1.57 -10.76
N LEU B 717 -41.95 1.73 -9.82
CA LEU B 717 -42.07 1.11 -8.50
C LEU B 717 -43.22 1.67 -7.67
N SER B 718 -43.34 3.00 -7.64
CA SER B 718 -44.44 3.68 -6.94
C SER B 718 -45.81 3.19 -7.40
N LEU B 719 -45.97 3.01 -8.72
CA LEU B 719 -47.26 2.59 -9.29
C LEU B 719 -47.62 1.16 -8.88
N SER B 720 -46.61 0.35 -8.57
CA SER B 720 -46.82 -0.98 -8.02
C SER B 720 -46.87 -1.02 -6.49
N GLY B 721 -47.02 0.15 -5.88
CA GLY B 721 -47.27 0.23 -4.46
C GLY B 721 -46.06 0.31 -3.54
N PHE B 722 -44.84 0.23 -4.11
CA PHE B 722 -43.61 0.39 -3.32
C PHE B 722 -43.53 1.78 -2.71
N GLU B 723 -42.93 1.89 -1.52
CA GLU B 723 -42.58 3.19 -0.97
C GLU B 723 -41.11 3.39 -1.35
N VAL B 724 -40.86 4.35 -2.24
CA VAL B 724 -39.55 4.48 -2.88
C VAL B 724 -38.84 5.74 -2.40
N TYR B 725 -37.55 5.60 -2.10
CA TYR B 725 -36.77 6.67 -1.50
C TYR B 725 -35.50 6.81 -2.28
N SER B 726 -35.05 8.05 -2.44
CA SER B 726 -33.71 8.27 -3.00
C SER B 726 -33.08 9.52 -2.39
N ASN B 727 -31.77 9.67 -2.61
CA ASN B 727 -31.03 10.76 -2.01
C ASN B 727 -31.56 12.11 -2.47
N SER B 728 -31.42 13.11 -1.60
CA SER B 728 -31.91 14.46 -1.91
C SER B 728 -31.04 15.57 -1.30
N LYS B 729 -30.85 15.52 0.02
CA LYS B 729 -30.03 16.50 0.75
C LYS B 729 -28.57 16.13 0.62
N VAL B 730 -28.31 14.86 0.36
CA VAL B 730 -26.99 14.33 0.25
C VAL B 730 -26.93 13.58 -1.10
N PRO B 731 -25.77 13.57 -1.78
CA PRO B 731 -25.70 12.96 -3.12
C PRO B 731 -25.81 11.43 -3.12
N CYS B 732 -26.39 10.87 -4.18
CA CYS B 732 -26.38 9.41 -4.42
C CYS B 732 -25.02 8.93 -4.94
N ASN B 733 -24.16 9.87 -5.37
CA ASN B 733 -22.78 9.53 -5.70
C ASN B 733 -21.92 9.40 -4.43
N ASP B 734 -20.61 9.13 -4.58
CA ASP B 734 -19.76 8.88 -3.40
C ASP B 734 -19.63 10.05 -2.42
N GLY B 735 -20.14 11.22 -2.81
CA GLY B 735 -20.28 12.34 -1.88
C GLY B 735 -21.20 12.03 -0.71
N GLY B 736 -22.07 11.05 -0.86
CA GLY B 736 -23.01 10.68 0.18
C GLY B 736 -22.53 9.58 1.10
N ILE B 737 -21.43 8.91 0.73
CA ILE B 737 -20.95 7.72 1.41
C ILE B 737 -20.69 7.91 2.91
N SER B 738 -20.05 9.02 3.28
CA SER B 738 -19.65 9.25 4.67
C SER B 738 -20.86 9.29 5.59
N LEU B 739 -21.98 9.84 5.11
CA LEU B 739 -23.22 9.81 5.87
C LEU B 739 -23.69 8.39 6.14
N GLY B 740 -23.65 7.54 5.10
CA GLY B 740 -24.07 6.14 5.25
C GLY B 740 -23.15 5.39 6.20
N GLN B 741 -21.85 5.59 6.04
CA GLN B 741 -20.86 5.03 6.97
C GLN B 741 -21.15 5.45 8.41
N ALA B 742 -21.38 6.75 8.59
CA ALA B 742 -21.61 7.32 9.92
C ALA B 742 -22.79 6.67 10.64
N VAL B 743 -23.94 6.54 9.96
CA VAL B 743 -25.16 6.02 10.61
C VAL B 743 -25.09 4.50 10.80
N ILE B 744 -24.41 3.82 9.89
CA ILE B 744 -24.23 2.37 10.07
C ILE B 744 -23.38 2.11 11.29
N ALA B 745 -22.27 2.85 11.41
CA ALA B 745 -21.37 2.65 12.54
C ALA B 745 -22.08 3.02 13.82
N ASN B 746 -22.88 4.09 13.76
CA ASN B 746 -23.62 4.54 14.93
C ASN B 746 -24.61 3.50 15.40
N LYS B 747 -25.35 2.89 14.46
CA LYS B 747 -26.29 1.82 14.76
C LYS B 747 -25.59 0.64 15.45
N ILE B 748 -24.43 0.22 14.91
CA ILE B 748 -23.64 -0.84 15.54
C ILE B 748 -23.23 -0.46 16.97
N LEU B 749 -22.68 0.74 17.15
CA LEU B 749 -22.35 1.29 18.48
C LEU B 749 -23.49 1.17 19.49
N GLU B 750 -24.72 1.40 19.03
CA GLU B 750 -25.89 1.35 19.91
C GLU B 750 -26.30 -0.07 20.30
N GLY B 751 -25.90 -1.05 19.51
CA GLY B 751 -26.34 -2.43 19.72
C GLY B 751 -25.54 -3.22 20.74
N SER B 752 -25.94 -4.47 20.94
CA SER B 752 -25.30 -5.34 21.93
C SER B 752 -24.11 -6.10 21.36
N ALA B 753 -23.75 -5.83 20.11
CA ALA B 753 -22.56 -6.42 19.50
C ALA B 753 -21.41 -5.42 19.46
N TRP B 754 -21.43 -4.45 20.37
CA TRP B 754 -20.36 -3.45 20.47
C TRP B 754 -20.09 -3.01 21.90
N SER B 755 -18.82 -2.85 22.23
CA SER B 755 -18.39 -2.35 23.54
C SER B 755 -18.86 -0.91 23.76
#